data_2CPR
#
_entry.id   2CPR
#
_entity_poly.entity_id   1
_entity_poly.type   'polypeptide(L)'
_entity_poly.pdbx_seq_one_letter_code
;GSSGSSGKPIFTDESYLELYRKQKKHLNTQQLTAFQLLFAWRDKTARREDESYGYVLPNHMMLKIAEELPKEPQGIIACC
NPVPPLVRQQINEMHLLIQQAREMPLLKSEVAAGVKKSSGPSSG
;
_entity_poly.pdbx_strand_id   A
#
# COMPACT_ATOMS: atom_id res chain seq x y z
N GLY A 1 -24.94 -8.78 -15.67
CA GLY A 1 -26.32 -8.98 -16.08
C GLY A 1 -26.42 -9.50 -17.50
N SER A 2 -26.02 -8.68 -18.46
CA SER A 2 -26.08 -9.05 -19.87
C SER A 2 -25.36 -10.38 -20.11
N SER A 3 -24.15 -10.49 -19.57
CA SER A 3 -23.35 -11.71 -19.73
C SER A 3 -22.21 -11.74 -18.72
N GLY A 4 -22.31 -12.63 -17.75
CA GLY A 4 -21.27 -12.75 -16.73
C GLY A 4 -21.64 -13.72 -15.64
N SER A 5 -20.96 -14.87 -15.62
CA SER A 5 -21.22 -15.90 -14.61
C SER A 5 -20.72 -15.45 -13.24
N SER A 6 -21.52 -15.75 -12.21
CA SER A 6 -21.16 -15.38 -10.85
C SER A 6 -20.34 -16.48 -10.18
N GLY A 7 -19.39 -17.04 -10.93
CA GLY A 7 -18.54 -18.09 -10.41
C GLY A 7 -18.00 -17.76 -9.03
N LYS A 8 -16.78 -17.24 -8.99
CA LYS A 8 -16.15 -16.89 -7.72
C LYS A 8 -15.39 -15.58 -7.85
N PRO A 9 -15.20 -14.89 -6.72
CA PRO A 9 -14.49 -13.60 -6.67
C PRO A 9 -12.99 -13.76 -6.94
N ILE A 10 -12.63 -13.78 -8.22
CA ILE A 10 -11.23 -13.93 -8.60
C ILE A 10 -10.46 -12.64 -8.35
N PHE A 11 -9.86 -12.55 -7.16
CA PHE A 11 -9.08 -11.37 -6.79
C PHE A 11 -7.63 -11.74 -6.50
N THR A 12 -6.86 -11.94 -7.57
CA THR A 12 -5.45 -12.29 -7.43
C THR A 12 -4.76 -12.32 -8.78
N ASP A 13 -3.64 -11.60 -8.89
CA ASP A 13 -2.88 -11.55 -10.13
C ASP A 13 -1.86 -12.68 -10.19
N GLU A 14 -2.32 -13.90 -9.92
CA GLU A 14 -1.44 -15.07 -9.96
C GLU A 14 -0.13 -14.78 -9.25
N SER A 15 -0.21 -14.12 -8.09
CA SER A 15 0.98 -13.78 -7.33
C SER A 15 2.15 -13.42 -8.25
N TYR A 16 1.87 -12.59 -9.25
CA TYR A 16 2.89 -12.18 -10.20
C TYR A 16 4.04 -11.47 -9.49
N LEU A 17 5.23 -12.03 -9.59
CA LEU A 17 6.42 -11.46 -8.96
C LEU A 17 6.69 -10.06 -9.51
N GLU A 18 6.39 -9.85 -10.78
CA GLU A 18 6.61 -8.56 -11.43
C GLU A 18 6.10 -7.43 -10.54
N LEU A 19 4.88 -7.59 -10.03
CA LEU A 19 4.27 -6.58 -9.17
C LEU A 19 5.20 -6.22 -8.01
N TYR A 20 5.81 -7.24 -7.42
CA TYR A 20 6.73 -7.04 -6.31
C TYR A 20 8.03 -6.38 -6.77
N ARG A 21 8.66 -6.98 -7.77
CA ARG A 21 9.91 -6.45 -8.30
C ARG A 21 9.65 -5.64 -9.57
N LYS A 22 8.65 -4.79 -9.53
CA LYS A 22 8.30 -3.95 -10.68
C LYS A 22 9.26 -2.77 -10.79
N GLN A 23 9.53 -2.12 -9.67
CA GLN A 23 10.42 -0.97 -9.65
C GLN A 23 11.56 -1.18 -8.65
N LYS A 24 12.69 -0.53 -8.91
CA LYS A 24 13.85 -0.65 -8.03
C LYS A 24 13.47 -0.36 -6.58
N LYS A 25 14.45 -0.50 -5.69
CA LYS A 25 14.21 -0.25 -4.27
C LYS A 25 13.14 -1.19 -3.72
N HIS A 26 13.34 -2.49 -3.91
CA HIS A 26 12.39 -3.49 -3.44
C HIS A 26 11.82 -3.09 -2.08
N LEU A 27 10.58 -3.50 -1.83
CA LEU A 27 9.91 -3.18 -0.57
C LEU A 27 10.54 -3.94 0.58
N ASN A 28 10.68 -3.27 1.73
CA ASN A 28 11.26 -3.89 2.91
C ASN A 28 10.18 -4.61 3.73
N THR A 29 10.60 -5.15 4.88
CA THR A 29 9.68 -5.86 5.75
C THR A 29 8.38 -5.08 5.95
N GLN A 30 8.50 -3.94 6.63
CA GLN A 30 7.33 -3.10 6.89
C GLN A 30 6.61 -2.74 5.58
N GLN A 31 7.30 -2.00 4.72
CA GLN A 31 6.73 -1.59 3.45
C GLN A 31 5.86 -2.70 2.85
N LEU A 32 6.37 -3.92 2.87
CA LEU A 32 5.65 -5.06 2.35
C LEU A 32 4.35 -5.29 3.12
N THR A 33 4.45 -5.31 4.45
CA THR A 33 3.29 -5.51 5.29
C THR A 33 2.14 -4.60 4.89
N ALA A 34 2.42 -3.31 4.77
CA ALA A 34 1.41 -2.34 4.38
C ALA A 34 0.88 -2.63 2.98
N PHE A 35 1.78 -3.03 2.08
CA PHE A 35 1.40 -3.34 0.70
C PHE A 35 0.24 -4.33 0.67
N GLN A 36 0.35 -5.40 1.46
CA GLN A 36 -0.69 -6.41 1.52
C GLN A 36 -1.95 -5.86 2.17
N LEU A 37 -1.78 -5.15 3.26
CA LEU A 37 -2.92 -4.56 3.98
C LEU A 37 -3.77 -3.73 3.05
N LEU A 38 -3.14 -2.89 2.23
CA LEU A 38 -3.84 -2.04 1.29
C LEU A 38 -4.59 -2.88 0.25
N PHE A 39 -3.87 -3.79 -0.38
CA PHE A 39 -4.46 -4.66 -1.40
C PHE A 39 -5.77 -5.26 -0.90
N ALA A 40 -5.69 -6.03 0.18
CA ALA A 40 -6.87 -6.66 0.77
C ALA A 40 -7.99 -5.65 0.98
N TRP A 41 -7.63 -4.51 1.57
CA TRP A 41 -8.61 -3.46 1.85
C TRP A 41 -9.29 -3.01 0.56
N ARG A 42 -8.50 -2.78 -0.48
CA ARG A 42 -9.04 -2.35 -1.77
C ARG A 42 -10.14 -3.30 -2.24
N ASP A 43 -9.87 -4.59 -2.14
CA ASP A 43 -10.83 -5.61 -2.57
C ASP A 43 -12.11 -5.52 -1.76
N LYS A 44 -11.98 -5.55 -0.43
CA LYS A 44 -13.14 -5.46 0.45
C LYS A 44 -14.03 -4.29 0.07
N THR A 45 -13.49 -3.09 0.16
CA THR A 45 -14.25 -1.89 -0.18
C THR A 45 -14.66 -1.89 -1.64
N ALA A 46 -13.77 -2.37 -2.51
CA ALA A 46 -14.06 -2.43 -3.94
C ALA A 46 -15.43 -3.04 -4.21
N ARG A 47 -15.67 -4.19 -3.60
CA ARG A 47 -16.95 -4.89 -3.77
C ARG A 47 -18.08 -4.12 -3.11
N ARG A 48 -17.84 -3.65 -1.88
CA ARG A 48 -18.84 -2.90 -1.14
C ARG A 48 -19.35 -1.72 -1.96
N GLU A 49 -18.43 -1.02 -2.61
CA GLU A 49 -18.78 0.14 -3.42
C GLU A 49 -19.29 -0.30 -4.80
N ASP A 50 -19.35 -1.61 -5.01
CA ASP A 50 -19.81 -2.16 -6.28
C ASP A 50 -19.01 -1.59 -7.44
N GLU A 51 -17.69 -1.53 -7.28
CA GLU A 51 -16.83 -1.00 -8.32
C GLU A 51 -15.61 -1.91 -8.52
N SER A 52 -14.86 -1.66 -9.59
CA SER A 52 -13.68 -2.45 -9.90
C SER A 52 -12.57 -2.20 -8.88
N TYR A 53 -11.58 -3.07 -8.89
CA TYR A 53 -10.45 -2.95 -7.96
C TYR A 53 -9.58 -1.74 -8.31
N GLY A 54 -9.10 -1.71 -9.55
CA GLY A 54 -8.27 -0.61 -9.99
C GLY A 54 -8.86 0.75 -9.64
N TYR A 55 -10.09 0.98 -10.09
CA TYR A 55 -10.76 2.25 -9.83
C TYR A 55 -10.50 2.72 -8.40
N VAL A 56 -10.66 1.81 -7.44
CA VAL A 56 -10.43 2.13 -6.04
C VAL A 56 -9.03 2.66 -5.81
N LEU A 57 -8.04 1.79 -5.99
CA LEU A 57 -6.65 2.16 -5.81
C LEU A 57 -5.75 1.42 -6.80
N PRO A 58 -5.03 2.19 -7.63
CA PRO A 58 -4.12 1.63 -8.64
C PRO A 58 -2.89 1.00 -8.01
N ASN A 59 -2.04 0.42 -8.85
CA ASN A 59 -0.82 -0.22 -8.37
C ASN A 59 0.21 0.82 -7.94
N HIS A 60 0.59 1.68 -8.87
CA HIS A 60 1.56 2.74 -8.59
C HIS A 60 1.24 3.43 -7.27
N MET A 61 0.02 3.91 -7.14
CA MET A 61 -0.42 4.59 -5.93
C MET A 61 -0.28 3.68 -4.71
N MET A 62 -0.93 2.52 -4.77
CA MET A 62 -0.87 1.57 -3.67
C MET A 62 0.56 1.41 -3.15
N LEU A 63 1.50 1.35 -4.08
CA LEU A 63 2.92 1.20 -3.71
C LEU A 63 3.44 2.46 -3.04
N LYS A 64 3.39 3.57 -3.77
CA LYS A 64 3.85 4.85 -3.25
C LYS A 64 3.49 5.00 -1.77
N ILE A 65 2.25 4.67 -1.44
CA ILE A 65 1.77 4.77 -0.07
C ILE A 65 2.48 3.76 0.83
N ALA A 66 2.39 2.48 0.47
CA ALA A 66 3.02 1.42 1.23
C ALA A 66 4.48 1.75 1.52
N GLU A 67 5.11 2.47 0.60
CA GLU A 67 6.51 2.85 0.75
C GLU A 67 6.66 4.05 1.68
N GLU A 68 5.69 4.96 1.61
CA GLU A 68 5.71 6.16 2.44
C GLU A 68 5.49 5.81 3.92
N LEU A 69 4.48 4.97 4.17
CA LEU A 69 4.16 4.55 5.52
C LEU A 69 3.99 5.75 6.45
N PRO A 70 3.14 6.70 6.03
CA PRO A 70 2.87 7.92 6.79
C PRO A 70 2.08 7.64 8.06
N LYS A 71 2.71 7.85 9.21
CA LYS A 71 2.07 7.63 10.49
C LYS A 71 0.75 8.38 10.58
N GLU A 72 0.64 9.47 9.83
CA GLU A 72 -0.57 10.28 9.83
C GLU A 72 -1.41 9.99 8.58
N PRO A 73 -2.72 10.28 8.66
CA PRO A 73 -3.66 10.07 7.56
C PRO A 73 -3.42 11.02 6.40
N GLN A 74 -2.75 12.14 6.70
CA GLN A 74 -2.47 13.15 5.68
C GLN A 74 -1.53 12.59 4.61
N GLY A 75 -0.51 11.85 5.04
CA GLY A 75 0.43 11.28 4.11
C GLY A 75 -0.24 10.42 3.06
N ILE A 76 -1.40 9.88 3.40
CA ILE A 76 -2.15 9.04 2.46
C ILE A 76 -2.96 9.88 1.49
N ILE A 77 -3.39 11.06 1.94
CA ILE A 77 -4.17 11.97 1.11
C ILE A 77 -3.29 12.68 0.10
N ALA A 78 -2.08 13.03 0.52
CA ALA A 78 -1.13 13.73 -0.36
C ALA A 78 -0.65 12.81 -1.47
N CYS A 79 -0.40 11.55 -1.14
CA CYS A 79 0.07 10.57 -2.12
C CYS A 79 -0.67 10.73 -3.43
N CYS A 80 -1.97 11.04 -3.35
CA CYS A 80 -2.78 11.22 -4.54
C CYS A 80 -3.01 12.70 -4.84
N ASN A 81 -3.21 13.02 -6.12
CA ASN A 81 -3.43 14.40 -6.52
C ASN A 81 -3.97 14.45 -7.95
N PRO A 82 -5.26 14.78 -8.08
CA PRO A 82 -6.13 15.06 -6.93
C PRO A 82 -6.42 13.82 -6.11
N VAL A 83 -7.23 13.97 -5.07
CA VAL A 83 -7.59 12.86 -4.20
C VAL A 83 -8.97 12.31 -4.56
N PRO A 84 -9.06 10.97 -4.66
CA PRO A 84 -10.31 10.29 -4.99
C PRO A 84 -11.34 10.38 -3.86
N PRO A 85 -12.62 10.14 -4.21
CA PRO A 85 -13.71 10.20 -3.24
C PRO A 85 -13.67 9.04 -2.25
N LEU A 86 -12.73 8.12 -2.46
CA LEU A 86 -12.58 6.97 -1.58
C LEU A 86 -11.50 7.21 -0.54
N VAL A 87 -10.24 7.19 -0.96
CA VAL A 87 -9.11 7.41 -0.07
C VAL A 87 -9.45 8.48 0.97
N ARG A 88 -10.20 9.49 0.55
CA ARG A 88 -10.60 10.58 1.45
C ARG A 88 -11.73 10.14 2.37
N GLN A 89 -12.69 9.41 1.81
CA GLN A 89 -13.82 8.92 2.59
C GLN A 89 -13.39 7.88 3.61
N GLN A 90 -12.69 6.85 3.13
CA GLN A 90 -12.21 5.78 4.01
C GLN A 90 -10.78 6.05 4.46
N ILE A 91 -10.39 7.33 4.46
CA ILE A 91 -9.05 7.71 4.87
C ILE A 91 -8.69 7.10 6.23
N ASN A 92 -9.64 7.14 7.16
CA ASN A 92 -9.42 6.59 8.49
C ASN A 92 -8.92 5.15 8.42
N GLU A 93 -9.56 4.36 7.57
CA GLU A 93 -9.18 2.95 7.39
C GLU A 93 -7.75 2.85 6.87
N MET A 94 -7.48 3.53 5.76
CA MET A 94 -6.16 3.50 5.15
C MET A 94 -5.07 3.82 6.19
N HIS A 95 -5.27 4.91 6.93
CA HIS A 95 -4.32 5.32 7.95
C HIS A 95 -4.01 4.16 8.90
N LEU A 96 -5.06 3.59 9.48
CA LEU A 96 -4.90 2.47 10.40
C LEU A 96 -3.97 1.40 9.83
N LEU A 97 -4.20 1.02 8.57
CA LEU A 97 -3.39 0.03 7.91
C LEU A 97 -1.91 0.39 7.98
N ILE A 98 -1.58 1.60 7.56
CA ILE A 98 -0.20 2.08 7.58
C ILE A 98 0.43 1.88 8.95
N GLN A 99 -0.35 2.15 10.00
CA GLN A 99 0.13 2.00 11.37
C GLN A 99 0.30 0.52 11.72
N GLN A 100 -0.54 -0.33 11.15
CA GLN A 100 -0.49 -1.75 11.40
C GLN A 100 0.76 -2.37 10.78
N ALA A 101 1.26 -1.73 9.73
CA ALA A 101 2.45 -2.22 9.03
C ALA A 101 3.72 -1.66 9.68
N ARG A 102 3.60 -0.49 10.30
CA ARG A 102 4.74 0.16 10.94
C ARG A 102 4.88 -0.33 12.38
N GLU A 103 3.75 -0.54 13.06
CA GLU A 103 3.76 -1.01 14.43
C GLU A 103 4.72 -2.19 14.61
N MET A 104 4.69 -3.11 13.65
CA MET A 104 5.54 -4.29 13.70
C MET A 104 7.00 -3.91 13.43
N PRO A 105 7.92 -4.58 14.13
CA PRO A 105 9.36 -4.34 13.98
C PRO A 105 9.90 -4.81 12.63
N LEU A 106 11.14 -4.44 12.33
CA LEU A 106 11.77 -4.82 11.08
C LEU A 106 12.64 -6.05 11.26
N LEU A 107 12.16 -7.19 10.78
CA LEU A 107 12.91 -8.45 10.89
C LEU A 107 14.37 -8.24 10.54
N LYS A 108 15.24 -9.08 11.10
CA LYS A 108 16.66 -8.99 10.85
C LYS A 108 16.94 -8.60 9.40
N SER A 109 17.65 -7.49 9.22
CA SER A 109 17.97 -7.00 7.87
C SER A 109 19.11 -5.99 7.93
N GLU A 110 20.13 -6.22 7.12
CA GLU A 110 21.28 -5.32 7.07
C GLU A 110 20.93 -4.02 6.37
N VAL A 111 20.81 -2.95 7.16
CA VAL A 111 20.47 -1.63 6.61
C VAL A 111 21.68 -0.71 6.63
N ALA A 112 21.72 0.23 5.68
CA ALA A 112 22.82 1.18 5.59
C ALA A 112 22.33 2.53 5.08
N ALA A 113 22.53 3.57 5.87
CA ALA A 113 22.12 4.91 5.49
C ALA A 113 22.97 5.96 6.19
N GLY A 114 22.90 7.20 5.69
CA GLY A 114 23.68 8.28 6.28
C GLY A 114 24.08 9.31 5.25
N VAL A 115 23.36 10.43 5.21
CA VAL A 115 23.65 11.50 4.27
C VAL A 115 23.36 12.87 4.88
N LYS A 116 24.19 13.85 4.55
CA LYS A 116 24.01 15.20 5.06
C LYS A 116 24.42 16.24 4.02
N LYS A 117 23.52 17.16 3.71
CA LYS A 117 23.79 18.21 2.73
C LYS A 117 22.85 19.39 2.93
N SER A 118 23.33 20.58 2.60
CA SER A 118 22.54 21.80 2.74
C SER A 118 23.26 22.99 2.14
N SER A 119 22.49 23.99 1.72
CA SER A 119 23.06 25.20 1.12
C SER A 119 22.35 26.44 1.64
N GLY A 120 22.81 27.61 1.19
CA GLY A 120 22.22 28.86 1.62
C GLY A 120 22.91 30.07 1.03
N PRO A 121 22.55 30.43 -0.21
CA PRO A 121 23.13 31.57 -0.91
C PRO A 121 22.72 32.90 -0.30
N SER A 122 23.10 34.00 -0.95
CA SER A 122 22.77 35.33 -0.47
C SER A 122 23.20 36.39 -1.48
N SER A 123 22.48 37.52 -1.48
CA SER A 123 22.78 38.60 -2.40
C SER A 123 23.52 39.73 -1.68
N GLY A 124 22.89 40.28 -0.64
CA GLY A 124 23.51 41.36 0.11
C GLY A 124 24.84 40.96 0.72
N GLY A 1 -11.15 8.00 -15.58
CA GLY A 1 -11.59 7.38 -16.81
C GLY A 1 -11.03 5.98 -17.00
N SER A 2 -11.05 5.19 -15.93
CA SER A 2 -10.53 3.84 -15.96
C SER A 2 -11.48 2.87 -15.27
N SER A 3 -11.89 1.84 -16.00
CA SER A 3 -12.81 0.84 -15.46
C SER A 3 -12.63 -0.51 -16.16
N GLY A 4 -13.23 -1.55 -15.60
CA GLY A 4 -13.12 -2.87 -16.18
C GLY A 4 -12.11 -3.74 -15.46
N SER A 5 -12.37 -5.04 -15.41
CA SER A 5 -11.49 -5.99 -14.74
C SER A 5 -11.94 -7.42 -14.95
N SER A 6 -11.06 -8.37 -14.68
CA SER A 6 -11.38 -9.78 -14.83
C SER A 6 -11.97 -10.35 -13.55
N GLY A 7 -11.22 -10.26 -12.46
CA GLY A 7 -11.69 -10.77 -11.18
C GLY A 7 -10.59 -11.47 -10.41
N LYS A 8 -9.95 -10.75 -9.50
CA LYS A 8 -8.88 -11.31 -8.69
C LYS A 8 -9.44 -12.10 -7.52
N PRO A 9 -8.72 -13.15 -7.11
CA PRO A 9 -9.13 -14.01 -5.99
C PRO A 9 -9.03 -13.30 -4.65
N ILE A 10 -9.65 -13.89 -3.63
CA ILE A 10 -9.63 -13.33 -2.29
C ILE A 10 -8.31 -12.61 -2.01
N PHE A 11 -8.37 -11.57 -1.19
CA PHE A 11 -7.19 -10.79 -0.84
C PHE A 11 -6.62 -11.24 0.51
N THR A 12 -5.41 -11.78 0.47
CA THR A 12 -4.75 -12.25 1.68
C THR A 12 -3.27 -12.53 1.43
N ASP A 13 -2.46 -12.39 2.47
CA ASP A 13 -1.03 -12.63 2.36
C ASP A 13 -0.73 -13.75 1.38
N GLU A 14 -1.43 -14.88 1.54
CA GLU A 14 -1.25 -16.02 0.67
C GLU A 14 -1.62 -15.68 -0.78
N SER A 15 -0.74 -14.94 -1.44
CA SER A 15 -0.98 -14.52 -2.83
C SER A 15 0.30 -14.61 -3.64
N TYR A 16 0.22 -14.22 -4.91
CA TYR A 16 1.37 -14.26 -5.80
C TYR A 16 2.40 -13.21 -5.39
N LEU A 17 3.68 -13.60 -5.44
CA LEU A 17 4.77 -12.71 -5.07
C LEU A 17 5.03 -11.69 -6.18
N GLU A 18 4.41 -11.91 -7.34
CA GLU A 18 4.57 -11.01 -8.47
C GLU A 18 4.41 -9.55 -8.04
N LEU A 19 3.32 -9.26 -7.36
CA LEU A 19 3.04 -7.90 -6.89
C LEU A 19 4.26 -7.32 -6.17
N TYR A 20 4.85 -8.12 -5.28
CA TYR A 20 6.01 -7.68 -4.53
C TYR A 20 7.14 -7.24 -5.47
N ARG A 21 7.38 -8.06 -6.50
CA ARG A 21 8.43 -7.76 -7.47
C ARG A 21 7.86 -7.00 -8.67
N LYS A 22 6.81 -6.22 -8.42
CA LYS A 22 6.18 -5.44 -9.48
C LYS A 22 7.04 -4.24 -9.88
N GLN A 23 7.55 -3.54 -8.87
CA GLN A 23 8.38 -2.37 -9.11
C GLN A 23 9.87 -2.75 -9.11
N LYS A 24 10.66 -1.99 -9.85
CA LYS A 24 12.10 -2.25 -9.94
C LYS A 24 12.73 -2.29 -8.55
N LYS A 25 12.60 -1.19 -7.81
CA LYS A 25 13.16 -1.12 -6.47
C LYS A 25 12.49 -2.12 -5.54
N HIS A 26 13.29 -2.77 -4.69
CA HIS A 26 12.78 -3.76 -3.75
C HIS A 26 12.05 -3.08 -2.60
N LEU A 27 11.29 -3.86 -1.84
CA LEU A 27 10.54 -3.33 -0.70
C LEU A 27 11.13 -3.82 0.62
N ASN A 28 10.91 -3.05 1.68
CA ASN A 28 11.42 -3.41 2.99
C ASN A 28 10.36 -4.13 3.82
N THR A 29 10.79 -4.84 4.85
CA THR A 29 9.87 -5.58 5.71
C THR A 29 8.57 -4.82 5.90
N GLN A 30 8.63 -3.72 6.66
CA GLN A 30 7.45 -2.91 6.92
C GLN A 30 6.72 -2.58 5.61
N GLN A 31 7.44 -2.01 4.66
CA GLN A 31 6.86 -1.66 3.37
C GLN A 31 5.94 -2.77 2.86
N LEU A 32 6.39 -4.01 2.99
CA LEU A 32 5.61 -5.16 2.54
C LEU A 32 4.32 -5.28 3.35
N THR A 33 4.45 -5.28 4.68
CA THR A 33 3.30 -5.40 5.56
C THR A 33 2.22 -4.39 5.19
N ALA A 34 2.64 -3.19 4.82
CA ALA A 34 1.72 -2.13 4.44
C ALA A 34 0.98 -2.48 3.15
N PHE A 35 1.73 -2.91 2.14
CA PHE A 35 1.15 -3.28 0.86
C PHE A 35 0.07 -4.34 1.03
N GLN A 36 0.37 -5.34 1.87
CA GLN A 36 -0.59 -6.41 2.12
C GLN A 36 -1.88 -5.87 2.71
N LEU A 37 -1.76 -5.10 3.79
CA LEU A 37 -2.93 -4.52 4.44
C LEU A 37 -3.75 -3.68 3.47
N LEU A 38 -3.07 -2.78 2.76
CA LEU A 38 -3.74 -1.91 1.79
C LEU A 38 -4.41 -2.74 0.70
N PHE A 39 -3.69 -3.73 0.18
CA PHE A 39 -4.22 -4.59 -0.87
C PHE A 39 -5.57 -5.18 -0.46
N ALA A 40 -5.66 -5.62 0.79
CA ALA A 40 -6.89 -6.21 1.30
C ALA A 40 -8.02 -5.18 1.31
N TRP A 41 -7.80 -4.06 1.99
CA TRP A 41 -8.79 -3.00 2.08
C TRP A 41 -9.33 -2.64 0.69
N ARG A 42 -8.43 -2.36 -0.23
CA ARG A 42 -8.82 -2.00 -1.59
C ARG A 42 -9.76 -3.04 -2.18
N ASP A 43 -9.24 -4.23 -2.43
CA ASP A 43 -10.04 -5.32 -2.99
C ASP A 43 -11.29 -5.57 -2.14
N LYS A 44 -11.18 -5.28 -0.85
CA LYS A 44 -12.29 -5.47 0.07
C LYS A 44 -13.43 -4.50 -0.24
N THR A 45 -13.19 -3.22 -0.01
CA THR A 45 -14.19 -2.19 -0.27
C THR A 45 -14.70 -2.26 -1.70
N ALA A 46 -13.91 -2.90 -2.57
CA ALA A 46 -14.29 -3.04 -3.97
C ALA A 46 -15.71 -3.57 -4.11
N ARG A 47 -16.02 -4.62 -3.36
CA ARG A 47 -17.35 -5.22 -3.41
C ARG A 47 -18.41 -4.22 -2.95
N ARG A 48 -18.22 -3.64 -1.78
CA ARG A 48 -19.15 -2.67 -1.22
C ARG A 48 -19.48 -1.60 -2.25
N GLU A 49 -18.45 -1.07 -2.91
CA GLU A 49 -18.62 -0.03 -3.92
C GLU A 49 -19.15 -0.63 -5.22
N ASP A 50 -18.94 -1.93 -5.40
CA ASP A 50 -19.40 -2.62 -6.60
C ASP A 50 -18.88 -1.92 -7.85
N GLU A 51 -17.58 -1.63 -7.87
CA GLU A 51 -16.95 -0.97 -9.00
C GLU A 51 -15.62 -1.63 -9.35
N SER A 52 -15.04 -1.23 -10.47
CA SER A 52 -13.76 -1.77 -10.93
C SER A 52 -12.68 -1.55 -9.89
N TYR A 53 -11.66 -2.40 -9.90
CA TYR A 53 -10.56 -2.29 -8.95
C TYR A 53 -9.79 -0.99 -9.16
N GLY A 54 -9.26 -0.81 -10.37
CA GLY A 54 -8.51 0.40 -10.68
C GLY A 54 -9.10 1.63 -10.04
N TYR A 55 -10.38 1.89 -10.31
CA TYR A 55 -11.07 3.05 -9.75
C TYR A 55 -10.76 3.19 -8.26
N VAL A 56 -11.09 2.16 -7.49
CA VAL A 56 -10.84 2.17 -6.06
C VAL A 56 -9.44 2.65 -5.74
N LEU A 57 -8.45 1.88 -6.18
CA LEU A 57 -7.04 2.23 -5.94
C LEU A 57 -6.12 1.43 -6.86
N PRO A 58 -5.38 2.14 -7.73
CA PRO A 58 -4.45 1.53 -8.67
C PRO A 58 -3.23 0.92 -7.97
N ASN A 59 -2.36 0.30 -8.75
CA ASN A 59 -1.16 -0.32 -8.20
C ASN A 59 -0.11 0.74 -7.86
N HIS A 60 0.31 1.50 -8.87
CA HIS A 60 1.31 2.55 -8.67
C HIS A 60 1.01 3.35 -7.41
N MET A 61 -0.25 3.76 -7.26
CA MET A 61 -0.67 4.54 -6.10
C MET A 61 -0.57 3.70 -4.82
N MET A 62 -1.24 2.56 -4.82
CA MET A 62 -1.22 1.67 -3.65
C MET A 62 0.21 1.49 -3.14
N LEU A 63 1.13 1.21 -4.05
CA LEU A 63 2.53 1.01 -3.67
C LEU A 63 3.12 2.27 -3.08
N LYS A 64 3.02 3.37 -3.82
CA LYS A 64 3.54 4.66 -3.36
C LYS A 64 3.26 4.86 -1.88
N ILE A 65 2.00 4.69 -1.49
CA ILE A 65 1.60 4.86 -0.10
C ILE A 65 2.25 3.80 0.78
N ALA A 66 2.12 2.53 0.37
CA ALA A 66 2.69 1.42 1.13
C ALA A 66 4.17 1.67 1.43
N GLU A 67 4.86 2.29 0.49
CA GLU A 67 6.29 2.58 0.66
C GLU A 67 6.49 3.79 1.56
N GLU A 68 5.62 4.78 1.41
CA GLU A 68 5.71 6.01 2.22
C GLU A 68 5.53 5.69 3.70
N LEU A 69 4.59 4.81 4.01
CA LEU A 69 4.32 4.42 5.39
C LEU A 69 4.04 5.64 6.26
N PRO A 70 3.09 6.47 5.80
CA PRO A 70 2.70 7.69 6.51
C PRO A 70 1.94 7.38 7.80
N LYS A 71 2.56 7.72 8.93
CA LYS A 71 1.94 7.49 10.24
C LYS A 71 0.59 8.17 10.33
N GLU A 72 0.52 9.40 9.84
CA GLU A 72 -0.73 10.16 9.88
C GLU A 72 -1.52 9.95 8.60
N PRO A 73 -2.83 10.24 8.66
CA PRO A 73 -3.73 10.09 7.52
C PRO A 73 -3.46 11.11 6.42
N GLN A 74 -2.76 12.19 6.77
CA GLN A 74 -2.44 13.23 5.81
C GLN A 74 -1.40 12.74 4.81
N GLY A 75 -0.51 11.87 5.26
CA GLY A 75 0.52 11.34 4.38
C GLY A 75 -0.05 10.48 3.27
N ILE A 76 -1.20 9.87 3.53
CA ILE A 76 -1.85 9.02 2.55
C ILE A 76 -2.59 9.85 1.50
N ILE A 77 -3.12 11.00 1.93
CA ILE A 77 -3.84 11.88 1.03
C ILE A 77 -2.89 12.66 0.13
N ALA A 78 -1.71 12.97 0.65
CA ALA A 78 -0.71 13.70 -0.10
C ALA A 78 -0.31 12.95 -1.36
N CYS A 79 -0.27 11.62 -1.26
CA CYS A 79 0.10 10.78 -2.40
C CYS A 79 -0.90 10.95 -3.54
N CYS A 80 -2.16 10.61 -3.28
CA CYS A 80 -3.21 10.71 -4.28
C CYS A 80 -3.45 12.17 -4.67
N ASN A 81 -3.25 12.49 -5.95
CA ASN A 81 -3.44 13.84 -6.43
C ASN A 81 -3.90 13.83 -7.90
N PRO A 82 -5.17 14.18 -8.12
CA PRO A 82 -6.09 14.56 -7.04
C PRO A 82 -6.47 13.37 -6.16
N VAL A 83 -7.21 13.65 -5.09
CA VAL A 83 -7.63 12.60 -4.17
C VAL A 83 -9.02 12.07 -4.55
N PRO A 84 -9.12 10.74 -4.64
CA PRO A 84 -10.38 10.07 -4.99
C PRO A 84 -11.43 10.19 -3.89
N PRO A 85 -12.71 9.98 -4.26
CA PRO A 85 -13.83 10.06 -3.31
C PRO A 85 -13.82 8.91 -2.32
N LEU A 86 -12.87 7.99 -2.49
CA LEU A 86 -12.76 6.83 -1.61
C LEU A 86 -11.64 7.03 -0.58
N VAL A 87 -10.41 7.13 -1.09
CA VAL A 87 -9.25 7.32 -0.23
C VAL A 87 -9.53 8.37 0.85
N ARG A 88 -10.26 9.42 0.46
CA ARG A 88 -10.58 10.49 1.39
C ARG A 88 -11.66 10.05 2.37
N GLN A 89 -12.64 9.30 1.87
CA GLN A 89 -13.73 8.82 2.71
C GLN A 89 -13.22 7.79 3.73
N GLN A 90 -12.64 6.71 3.22
CA GLN A 90 -12.11 5.66 4.08
C GLN A 90 -10.68 5.96 4.51
N ILE A 91 -10.29 7.22 4.39
CA ILE A 91 -8.94 7.65 4.75
C ILE A 91 -8.55 7.11 6.12
N ASN A 92 -9.45 7.27 7.09
CA ASN A 92 -9.20 6.80 8.45
C ASN A 92 -8.69 5.36 8.44
N GLU A 93 -9.41 4.48 7.75
CA GLU A 93 -9.03 3.07 7.66
C GLU A 93 -7.61 2.93 7.12
N MET A 94 -7.38 3.51 5.94
CA MET A 94 -6.07 3.45 5.31
C MET A 94 -4.96 3.81 6.29
N HIS A 95 -5.16 4.90 7.02
CA HIS A 95 -4.18 5.35 8.01
C HIS A 95 -3.87 4.24 9.00
N LEU A 96 -4.91 3.65 9.57
CA LEU A 96 -4.74 2.57 10.54
C LEU A 96 -3.82 1.48 9.99
N LEU A 97 -4.07 1.07 8.76
CA LEU A 97 -3.27 0.04 8.12
C LEU A 97 -1.80 0.42 8.11
N ILE A 98 -1.50 1.65 7.72
CA ILE A 98 -0.13 2.14 7.68
C ILE A 98 0.53 2.01 9.05
N GLN A 99 -0.23 2.27 10.10
CA GLN A 99 0.28 2.18 11.46
C GLN A 99 0.58 0.74 11.84
N GLN A 100 -0.28 -0.18 11.39
CA GLN A 100 -0.11 -1.59 11.69
C GLN A 100 1.21 -2.12 11.12
N ALA A 101 1.52 -1.70 9.90
CA ALA A 101 2.75 -2.13 9.24
C ALA A 101 3.97 -1.71 10.05
N ARG A 102 3.98 -0.46 10.50
CA ARG A 102 5.10 0.06 11.28
C ARG A 102 5.10 -0.54 12.69
N GLU A 103 3.92 -0.70 13.26
CA GLU A 103 3.79 -1.26 14.60
C GLU A 103 4.76 -2.41 14.80
N MET A 104 4.81 -3.31 13.82
CA MET A 104 5.69 -4.46 13.89
C MET A 104 7.14 -4.07 13.58
N PRO A 105 8.09 -4.75 14.22
CA PRO A 105 9.53 -4.49 14.03
C PRO A 105 10.00 -4.91 12.65
N LEU A 106 11.07 -4.27 12.18
CA LEU A 106 11.64 -4.58 10.88
C LEU A 106 12.38 -5.92 10.89
N LEU A 107 11.74 -6.95 10.36
CA LEU A 107 12.34 -8.27 10.32
C LEU A 107 13.42 -8.36 9.23
N LYS A 108 14.35 -7.41 9.25
CA LYS A 108 15.43 -7.38 8.28
C LYS A 108 16.59 -6.54 8.79
N SER A 109 17.81 -6.99 8.48
CA SER A 109 19.01 -6.29 8.91
C SER A 109 19.73 -5.66 7.72
N GLU A 110 19.39 -4.42 7.43
CA GLU A 110 20.01 -3.70 6.30
C GLU A 110 19.92 -2.19 6.51
N VAL A 111 20.94 -1.48 6.06
CA VAL A 111 20.98 -0.03 6.18
C VAL A 111 21.01 0.64 4.82
N ALA A 112 21.31 -0.14 3.79
CA ALA A 112 21.37 0.38 2.43
C ALA A 112 20.30 1.45 2.20
N ALA A 113 19.08 1.14 2.62
CA ALA A 113 17.97 2.07 2.47
C ALA A 113 18.39 3.50 2.78
N GLY A 114 18.36 4.36 1.76
CA GLY A 114 18.74 5.75 1.95
C GLY A 114 17.74 6.72 1.36
N VAL A 115 17.38 6.49 0.10
CA VAL A 115 16.44 7.35 -0.59
C VAL A 115 16.63 8.81 -0.19
N LYS A 116 17.88 9.28 -0.30
CA LYS A 116 18.19 10.66 0.05
C LYS A 116 17.38 11.64 -0.81
N LYS A 117 16.40 12.28 -0.19
CA LYS A 117 15.56 13.25 -0.89
C LYS A 117 16.20 14.63 -0.89
N SER A 118 16.22 15.27 -2.06
CA SER A 118 16.80 16.60 -2.19
C SER A 118 15.72 17.66 -2.21
N SER A 119 16.14 18.93 -2.25
CA SER A 119 15.20 20.05 -2.26
C SER A 119 15.66 21.11 -3.26
N GLY A 120 14.79 22.10 -3.49
CA GLY A 120 15.12 23.17 -4.42
C GLY A 120 15.47 24.47 -3.70
N PRO A 121 16.49 25.18 -4.22
CA PRO A 121 16.93 26.45 -3.64
C PRO A 121 15.92 27.57 -3.84
N SER A 122 16.13 28.68 -3.15
CA SER A 122 15.23 29.83 -3.24
C SER A 122 16.01 31.13 -3.33
N SER A 123 15.91 31.80 -4.47
CA SER A 123 16.61 33.06 -4.68
C SER A 123 15.66 34.16 -5.12
N GLY A 124 14.49 34.21 -4.47
CA GLY A 124 13.50 35.21 -4.80
C GLY A 124 13.74 36.53 -4.10
N GLY A 1 -21.09 -22.58 -25.68
CA GLY A 1 -19.98 -21.90 -25.04
C GLY A 1 -20.43 -20.87 -24.03
N SER A 2 -20.76 -21.33 -22.82
CA SER A 2 -21.21 -20.44 -21.77
C SER A 2 -20.18 -20.35 -20.65
N SER A 3 -20.42 -19.46 -19.71
CA SER A 3 -19.50 -19.27 -18.58
C SER A 3 -19.38 -20.55 -17.76
N GLY A 4 -20.52 -21.17 -17.47
CA GLY A 4 -20.52 -22.39 -16.69
C GLY A 4 -19.89 -22.22 -15.33
N SER A 5 -20.27 -23.08 -14.39
CA SER A 5 -19.74 -23.01 -13.03
C SER A 5 -18.52 -23.92 -12.88
N SER A 6 -17.36 -23.41 -13.28
CA SER A 6 -16.13 -24.18 -13.19
C SER A 6 -15.65 -24.27 -11.74
N GLY A 7 -15.46 -23.12 -11.11
CA GLY A 7 -15.01 -23.09 -9.74
C GLY A 7 -13.73 -22.30 -9.55
N LYS A 8 -13.86 -20.98 -9.49
CA LYS A 8 -12.69 -20.10 -9.33
C LYS A 8 -12.91 -19.14 -8.17
N PRO A 9 -11.79 -18.66 -7.59
CA PRO A 9 -11.83 -17.72 -6.46
C PRO A 9 -12.33 -16.35 -6.87
N ILE A 10 -13.14 -15.73 -6.02
CA ILE A 10 -13.68 -14.41 -6.29
C ILE A 10 -12.80 -13.32 -5.70
N PHE A 11 -12.45 -13.48 -4.43
CA PHE A 11 -11.60 -12.51 -3.74
C PHE A 11 -10.13 -12.87 -3.89
N THR A 12 -9.72 -13.95 -3.23
CA THR A 12 -8.34 -14.40 -3.28
C THR A 12 -7.90 -14.67 -4.72
N ASP A 13 -6.68 -15.19 -4.87
CA ASP A 13 -6.15 -15.49 -6.20
C ASP A 13 -4.84 -16.25 -6.09
N GLU A 14 -4.49 -16.98 -7.15
CA GLU A 14 -3.25 -17.75 -7.17
C GLU A 14 -2.08 -16.89 -7.61
N SER A 15 -2.17 -16.37 -8.83
CA SER A 15 -1.11 -15.52 -9.38
C SER A 15 -1.09 -14.16 -8.69
N TYR A 16 -0.30 -14.05 -7.64
CA TYR A 16 -0.20 -12.80 -6.89
C TYR A 16 1.25 -12.35 -6.78
N LEU A 17 2.13 -13.31 -6.48
CA LEU A 17 3.56 -13.01 -6.34
C LEU A 17 4.04 -12.12 -7.48
N GLU A 18 3.59 -12.42 -8.70
CA GLU A 18 3.98 -11.64 -9.86
C GLU A 18 3.86 -10.14 -9.59
N LEU A 19 2.79 -9.76 -8.89
CA LEU A 19 2.56 -8.36 -8.57
C LEU A 19 3.71 -7.79 -7.75
N TYR A 20 4.08 -8.51 -6.68
CA TYR A 20 5.17 -8.06 -5.82
C TYR A 20 6.39 -7.67 -6.64
N ARG A 21 6.87 -8.59 -7.48
CA ARG A 21 8.03 -8.33 -8.32
C ARG A 21 7.60 -7.92 -9.72
N LYS A 22 6.64 -7.00 -9.79
CA LYS A 22 6.14 -6.52 -11.08
C LYS A 22 6.70 -5.14 -11.39
N GLN A 23 7.80 -5.10 -12.14
CA GLN A 23 8.43 -3.83 -12.51
C GLN A 23 8.50 -2.89 -11.31
N LYS A 24 8.92 -3.43 -10.18
CA LYS A 24 9.03 -2.63 -8.95
C LYS A 24 10.23 -3.09 -8.12
N LYS A 25 10.79 -2.16 -7.34
CA LYS A 25 11.92 -2.46 -6.49
C LYS A 25 11.52 -3.40 -5.36
N HIS A 26 12.51 -3.83 -4.57
CA HIS A 26 12.26 -4.73 -3.44
C HIS A 26 11.62 -3.97 -2.28
N LEU A 27 10.96 -4.71 -1.40
CA LEU A 27 10.31 -4.11 -0.24
C LEU A 27 10.78 -4.78 1.05
N ASN A 28 10.85 -3.99 2.12
CA ASN A 28 11.28 -4.50 3.42
C ASN A 28 10.12 -5.16 4.16
N THR A 29 10.38 -5.62 5.37
CA THR A 29 9.37 -6.27 6.18
C THR A 29 8.17 -5.36 6.40
N GLN A 30 8.44 -4.13 6.83
CA GLN A 30 7.39 -3.15 7.07
C GLN A 30 6.66 -2.79 5.78
N GLN A 31 7.43 -2.46 4.74
CA GLN A 31 6.87 -2.10 3.46
C GLN A 31 5.88 -3.16 2.97
N LEU A 32 6.27 -4.42 3.10
CA LEU A 32 5.41 -5.53 2.68
C LEU A 32 4.11 -5.54 3.45
N THR A 33 4.21 -5.53 4.78
CA THR A 33 3.02 -5.53 5.63
C THR A 33 1.99 -4.52 5.14
N ALA A 34 2.41 -3.27 5.01
CA ALA A 34 1.52 -2.21 4.54
C ALA A 34 0.90 -2.57 3.20
N PHE A 35 1.72 -3.02 2.26
CA PHE A 35 1.23 -3.40 0.94
C PHE A 35 0.11 -4.42 1.04
N GLN A 36 0.34 -5.49 1.80
CA GLN A 36 -0.66 -6.54 1.97
C GLN A 36 -1.93 -5.98 2.59
N LEU A 37 -1.77 -5.19 3.65
CA LEU A 37 -2.91 -4.58 4.33
C LEU A 37 -3.79 -3.82 3.35
N LEU A 38 -3.17 -2.96 2.56
CA LEU A 38 -3.90 -2.16 1.57
C LEU A 38 -4.54 -3.05 0.53
N PHE A 39 -3.80 -4.05 0.06
CA PHE A 39 -4.30 -4.97 -0.94
C PHE A 39 -5.67 -5.53 -0.54
N ALA A 40 -5.74 -6.08 0.67
CA ALA A 40 -6.99 -6.64 1.18
C ALA A 40 -8.06 -5.58 1.29
N TRP A 41 -7.69 -4.42 1.85
CA TRP A 41 -8.63 -3.32 2.02
C TRP A 41 -9.28 -2.94 0.68
N ARG A 42 -8.43 -2.57 -0.28
CA ARG A 42 -8.92 -2.17 -1.60
C ARG A 42 -9.81 -3.27 -2.19
N ASP A 43 -9.30 -4.49 -2.24
CA ASP A 43 -10.06 -5.61 -2.78
C ASP A 43 -11.42 -5.72 -2.10
N LYS A 44 -11.45 -5.55 -0.79
CA LYS A 44 -12.68 -5.63 -0.03
C LYS A 44 -13.65 -4.52 -0.43
N THR A 45 -13.22 -3.27 -0.27
CA THR A 45 -14.04 -2.12 -0.62
C THR A 45 -14.49 -2.20 -2.07
N ALA A 46 -13.62 -2.73 -2.93
CA ALA A 46 -13.94 -2.85 -4.35
C ALA A 46 -15.38 -3.32 -4.56
N ARG A 47 -15.72 -4.44 -3.92
CA ARG A 47 -17.06 -4.99 -4.04
C ARG A 47 -18.07 -4.14 -3.28
N ARG A 48 -17.68 -3.68 -2.10
CA ARG A 48 -18.55 -2.85 -1.27
C ARG A 48 -19.09 -1.67 -2.07
N GLU A 49 -18.22 -1.02 -2.82
CA GLU A 49 -18.61 0.13 -3.63
C GLU A 49 -18.79 -0.27 -5.09
N ASP A 50 -19.01 -1.56 -5.33
CA ASP A 50 -19.20 -2.07 -6.68
C ASP A 50 -18.33 -1.31 -7.68
N GLU A 51 -17.09 -1.05 -7.30
CA GLU A 51 -16.16 -0.32 -8.16
C GLU A 51 -15.04 -1.22 -8.63
N SER A 52 -14.23 -0.71 -9.57
CA SER A 52 -13.12 -1.49 -10.11
C SER A 52 -11.83 -1.21 -9.33
N TYR A 53 -10.85 -2.09 -9.51
CA TYR A 53 -9.57 -1.94 -8.82
C TYR A 53 -8.94 -0.59 -9.12
N GLY A 54 -8.69 -0.33 -10.41
CA GLY A 54 -8.09 0.93 -10.81
C GLY A 54 -8.78 2.12 -10.19
N TYR A 55 -10.09 2.24 -10.44
CA TYR A 55 -10.87 3.35 -9.92
C TYR A 55 -10.63 3.53 -8.42
N VAL A 56 -10.99 2.51 -7.64
CA VAL A 56 -10.81 2.55 -6.20
C VAL A 56 -9.39 2.96 -5.84
N LEU A 57 -8.43 2.11 -6.17
CA LEU A 57 -7.02 2.39 -5.88
C LEU A 57 -6.11 1.58 -6.79
N PRO A 58 -5.42 2.28 -7.71
CA PRO A 58 -4.51 1.65 -8.66
C PRO A 58 -3.25 1.12 -7.99
N ASN A 59 -2.57 0.19 -8.65
CA ASN A 59 -1.35 -0.39 -8.10
C ASN A 59 -0.33 0.69 -7.77
N HIS A 60 -0.06 1.57 -8.74
CA HIS A 60 0.89 2.65 -8.55
C HIS A 60 0.65 3.35 -7.23
N MET A 61 -0.60 3.73 -6.97
CA MET A 61 -0.96 4.40 -5.73
C MET A 61 -0.74 3.50 -4.52
N MET A 62 -1.25 2.28 -4.61
CA MET A 62 -1.10 1.31 -3.52
C MET A 62 0.36 1.18 -3.10
N LEU A 63 1.24 1.00 -4.09
CA LEU A 63 2.67 0.87 -3.82
C LEU A 63 3.24 2.14 -3.21
N LYS A 64 3.13 3.24 -3.94
CA LYS A 64 3.63 4.53 -3.47
C LYS A 64 3.34 4.71 -1.98
N ILE A 65 2.11 4.39 -1.58
CA ILE A 65 1.70 4.51 -0.18
C ILE A 65 2.36 3.45 0.68
N ALA A 66 2.17 2.19 0.31
CA ALA A 66 2.75 1.07 1.05
C ALA A 66 4.23 1.32 1.33
N GLU A 67 4.91 1.95 0.39
CA GLU A 67 6.33 2.25 0.53
C GLU A 67 6.55 3.49 1.39
N GLU A 68 5.69 4.49 1.20
CA GLU A 68 5.78 5.73 1.95
C GLU A 68 5.62 5.48 3.45
N LEU A 69 4.64 4.65 3.79
CA LEU A 69 4.37 4.32 5.19
C LEU A 69 4.06 5.57 5.99
N PRO A 70 3.06 6.34 5.53
CA PRO A 70 2.65 7.57 6.20
C PRO A 70 1.95 7.31 7.52
N LYS A 71 2.65 7.58 8.62
CA LYS A 71 2.10 7.37 9.95
C LYS A 71 0.80 8.15 10.13
N GLU A 72 0.71 9.28 9.45
CA GLU A 72 -0.49 10.13 9.53
C GLU A 72 -1.42 9.87 8.34
N PRO A 73 -2.69 10.24 8.51
CA PRO A 73 -3.71 10.06 7.47
C PRO A 73 -3.49 11.01 6.28
N GLN A 74 -2.79 12.10 6.53
CA GLN A 74 -2.51 13.08 5.48
C GLN A 74 -1.65 12.47 4.38
N GLY A 75 -0.60 11.75 4.79
CA GLY A 75 0.29 11.12 3.82
C GLY A 75 -0.46 10.28 2.81
N ILE A 76 -1.57 9.70 3.24
CA ILE A 76 -2.38 8.85 2.36
C ILE A 76 -3.20 9.70 1.39
N ILE A 77 -3.40 10.96 1.74
CA ILE A 77 -4.16 11.87 0.89
C ILE A 77 -3.25 12.60 -0.08
N ALA A 78 -2.07 12.98 0.38
CA ALA A 78 -1.10 13.69 -0.46
C ALA A 78 -0.68 12.83 -1.64
N CYS A 79 -0.39 11.56 -1.38
CA CYS A 79 0.03 10.63 -2.43
C CYS A 79 -0.93 10.68 -3.62
N CYS A 80 -2.19 11.02 -3.34
CA CYS A 80 -3.20 11.10 -4.39
C CYS A 80 -3.36 12.54 -4.88
N ASN A 81 -3.46 12.71 -6.19
CA ASN A 81 -3.61 14.03 -6.79
C ASN A 81 -4.12 13.92 -8.21
N PRO A 82 -5.41 14.25 -8.41
CA PRO A 82 -6.29 14.66 -7.31
C PRO A 82 -6.61 13.53 -6.36
N VAL A 83 -7.35 13.84 -5.29
CA VAL A 83 -7.73 12.85 -4.30
C VAL A 83 -9.17 12.40 -4.50
N PRO A 84 -9.36 11.08 -4.66
CA PRO A 84 -10.69 10.49 -4.87
C PRO A 84 -11.55 10.55 -3.61
N PRO A 85 -12.85 10.26 -3.76
CA PRO A 85 -13.80 10.28 -2.64
C PRO A 85 -13.55 9.14 -1.65
N LEU A 86 -13.19 7.97 -2.17
CA LEU A 86 -12.92 6.81 -1.33
C LEU A 86 -11.77 7.08 -0.38
N VAL A 87 -10.57 7.22 -0.93
CA VAL A 87 -9.38 7.48 -0.13
C VAL A 87 -9.69 8.46 0.99
N ARG A 88 -10.53 9.45 0.70
CA ARG A 88 -10.90 10.44 1.70
C ARG A 88 -11.98 9.91 2.64
N GLN A 89 -12.87 9.08 2.10
CA GLN A 89 -13.95 8.51 2.88
C GLN A 89 -13.40 7.49 3.89
N GLN A 90 -12.66 6.50 3.38
CA GLN A 90 -12.08 5.47 4.22
C GLN A 90 -10.67 5.85 4.66
N ILE A 91 -10.38 7.15 4.66
CA ILE A 91 -9.06 7.63 5.05
C ILE A 91 -8.68 7.13 6.43
N ASN A 92 -9.69 6.90 7.27
CA ASN A 92 -9.46 6.42 8.63
C ASN A 92 -8.88 5.00 8.61
N GLU A 93 -9.49 4.13 7.82
CA GLU A 93 -9.04 2.74 7.71
C GLU A 93 -7.62 2.68 7.15
N MET A 94 -7.39 3.39 6.06
CA MET A 94 -6.07 3.41 5.43
C MET A 94 -4.99 3.77 6.44
N HIS A 95 -5.20 4.88 7.15
CA HIS A 95 -4.25 5.35 8.14
C HIS A 95 -3.93 4.25 9.14
N LEU A 96 -4.96 3.58 9.65
CA LEU A 96 -4.79 2.51 10.60
C LEU A 96 -3.82 1.46 10.08
N LEU A 97 -3.98 1.08 8.83
CA LEU A 97 -3.11 0.08 8.20
C LEU A 97 -1.66 0.51 8.27
N ILE A 98 -1.37 1.70 7.74
CA ILE A 98 -0.01 2.23 7.75
C ILE A 98 0.61 2.13 9.13
N GLN A 99 -0.19 2.38 10.16
CA GLN A 99 0.28 2.32 11.54
C GLN A 99 0.53 0.88 11.96
N GLN A 100 -0.25 -0.05 11.40
CA GLN A 100 -0.11 -1.46 11.73
C GLN A 100 1.15 -2.05 11.09
N ALA A 101 1.62 -1.40 10.03
CA ALA A 101 2.82 -1.85 9.34
C ALA A 101 4.08 -1.26 9.96
N ARG A 102 3.92 -0.11 10.60
CA ARG A 102 5.04 0.57 11.25
C ARG A 102 5.16 0.16 12.71
N GLU A 103 4.03 0.03 13.38
CA GLU A 103 4.00 -0.36 14.79
C GLU A 103 4.82 -1.63 15.01
N MET A 104 4.72 -2.56 14.08
CA MET A 104 5.46 -3.82 14.17
C MET A 104 6.95 -3.60 13.91
N PRO A 105 7.79 -4.31 14.67
CA PRO A 105 9.25 -4.20 14.55
C PRO A 105 9.76 -4.82 13.24
N LEU A 106 11.06 -4.71 13.02
CA LEU A 106 11.67 -5.25 11.81
C LEU A 106 12.45 -6.53 12.13
N LEU A 107 11.86 -7.68 11.81
CA LEU A 107 12.49 -8.96 12.05
C LEU A 107 14.00 -8.88 11.81
N LYS A 108 14.37 -8.29 10.68
CA LYS A 108 15.79 -8.15 10.33
C LYS A 108 16.03 -6.85 9.56
N SER A 109 17.04 -6.10 9.98
CA SER A 109 17.38 -4.83 9.34
C SER A 109 18.65 -4.25 9.93
N GLU A 110 19.64 -4.00 9.06
CA GLU A 110 20.91 -3.43 9.50
C GLU A 110 20.72 -2.04 10.08
N VAL A 111 20.65 -1.97 11.41
CA VAL A 111 20.48 -0.71 12.11
C VAL A 111 21.42 0.36 11.56
N ALA A 112 20.92 1.59 11.44
CA ALA A 112 21.71 2.69 10.93
C ALA A 112 21.87 3.79 11.98
N ALA A 113 22.77 4.73 11.72
CA ALA A 113 23.00 5.84 12.63
C ALA A 113 21.97 6.95 12.43
N GLY A 114 21.90 7.87 13.39
CA GLY A 114 20.96 8.97 13.30
C GLY A 114 21.64 10.33 13.35
N VAL A 115 21.11 11.22 14.17
CA VAL A 115 21.67 12.56 14.31
C VAL A 115 22.46 12.69 15.61
N LYS A 116 23.63 13.33 15.51
CA LYS A 116 24.48 13.52 16.68
C LYS A 116 23.94 14.63 17.58
N LYS A 117 23.44 14.24 18.74
CA LYS A 117 22.88 15.20 19.70
C LYS A 117 23.97 16.13 20.22
N SER A 118 25.07 15.54 20.71
CA SER A 118 26.18 16.32 21.24
C SER A 118 26.36 17.62 20.46
N SER A 119 26.01 18.74 21.09
CA SER A 119 26.13 20.05 20.44
C SER A 119 27.07 20.95 21.22
N GLY A 120 27.63 21.94 20.55
CA GLY A 120 28.54 22.86 21.19
C GLY A 120 27.95 24.26 21.36
N PRO A 121 26.94 24.38 22.22
CA PRO A 121 26.26 25.65 22.48
C PRO A 121 27.15 26.63 23.24
N SER A 122 28.39 26.23 23.48
CA SER A 122 29.34 27.07 24.20
C SER A 122 29.06 28.55 23.93
N SER A 123 29.08 29.36 24.99
CA SER A 123 28.83 30.78 24.87
C SER A 123 29.65 31.40 23.76
N GLY A 124 29.45 32.68 23.50
CA GLY A 124 30.19 33.36 22.46
C GLY A 124 30.18 34.87 22.63
N GLY A 1 9.17 13.14 -11.31
CA GLY A 1 8.59 11.85 -10.96
C GLY A 1 8.56 10.89 -12.12
N SER A 2 8.82 9.61 -11.85
CA SER A 2 8.82 8.59 -12.89
C SER A 2 7.58 7.71 -12.79
N SER A 3 6.48 8.17 -13.36
CA SER A 3 5.22 7.43 -13.34
C SER A 3 4.74 7.12 -14.75
N GLY A 4 4.95 5.88 -15.18
CA GLY A 4 4.54 5.47 -16.50
C GLY A 4 4.27 3.98 -16.60
N SER A 5 3.69 3.43 -15.54
CA SER A 5 3.37 2.00 -15.51
C SER A 5 1.99 1.72 -16.07
N SER A 6 1.70 0.45 -16.36
CA SER A 6 0.41 0.07 -16.91
C SER A 6 0.05 -1.35 -16.47
N GLY A 7 -1.24 -1.56 -16.18
CA GLY A 7 -1.70 -2.87 -15.77
C GLY A 7 -2.51 -2.82 -14.49
N LYS A 8 -3.71 -3.38 -14.53
CA LYS A 8 -4.58 -3.39 -13.36
C LYS A 8 -4.24 -4.55 -12.43
N PRO A 9 -4.48 -4.35 -11.12
CA PRO A 9 -4.20 -5.37 -10.11
C PRO A 9 -5.15 -6.56 -10.21
N ILE A 10 -4.58 -7.76 -10.14
CA ILE A 10 -5.38 -8.98 -10.23
C ILE A 10 -5.59 -9.60 -8.85
N PHE A 11 -6.82 -9.50 -8.34
CA PHE A 11 -7.14 -10.05 -7.02
C PHE A 11 -7.49 -11.54 -7.13
N THR A 12 -8.53 -11.83 -7.91
CA THR A 12 -8.97 -13.21 -8.09
C THR A 12 -8.96 -13.97 -6.77
N ASP A 13 -9.07 -13.24 -5.67
CA ASP A 13 -9.08 -13.84 -4.34
C ASP A 13 -7.76 -14.58 -4.08
N GLU A 14 -6.65 -13.92 -4.40
CA GLU A 14 -5.34 -14.51 -4.20
C GLU A 14 -4.24 -13.49 -4.49
N SER A 15 -3.01 -13.81 -4.07
CA SER A 15 -1.87 -12.92 -4.27
C SER A 15 -0.79 -13.61 -5.09
N TYR A 16 0.05 -12.81 -5.75
CA TYR A 16 1.13 -13.34 -6.56
C TYR A 16 2.28 -12.34 -6.68
N LEU A 17 3.38 -12.78 -7.27
CA LEU A 17 4.54 -11.93 -7.44
C LEU A 17 4.31 -10.87 -8.52
N GLU A 18 3.77 -11.33 -9.66
CA GLU A 18 3.49 -10.42 -10.77
C GLU A 18 3.00 -9.07 -10.26
N LEU A 19 2.32 -9.08 -9.12
CA LEU A 19 1.81 -7.85 -8.52
C LEU A 19 2.82 -7.25 -7.55
N TYR A 20 3.33 -8.09 -6.65
CA TYR A 20 4.29 -7.65 -5.66
C TYR A 20 5.50 -6.99 -6.32
N ARG A 21 6.09 -7.70 -7.28
CA ARG A 21 7.26 -7.20 -8.00
C ARG A 21 6.85 -6.51 -9.29
N LYS A 22 5.85 -5.63 -9.20
CA LYS A 22 5.35 -4.90 -10.37
C LYS A 22 6.44 -4.01 -10.95
N GLN A 23 6.88 -3.03 -10.16
CA GLN A 23 7.93 -2.11 -10.60
C GLN A 23 9.31 -2.73 -10.44
N LYS A 24 9.42 -4.02 -10.75
CA LYS A 24 10.69 -4.73 -10.65
C LYS A 24 11.50 -4.22 -9.46
N LYS A 25 10.81 -3.94 -8.35
CA LYS A 25 11.46 -3.46 -7.14
C LYS A 25 11.15 -4.35 -5.95
N HIS A 26 12.11 -4.49 -5.05
CA HIS A 26 11.94 -5.32 -3.86
C HIS A 26 11.60 -4.46 -2.64
N LEU A 27 10.32 -4.42 -2.30
CA LEU A 27 9.86 -3.63 -1.16
C LEU A 27 10.52 -4.12 0.13
N ASN A 28 10.58 -3.24 1.12
CA ASN A 28 11.17 -3.58 2.41
C ASN A 28 10.18 -4.32 3.30
N THR A 29 10.65 -4.75 4.47
CA THR A 29 9.80 -5.48 5.41
C THR A 29 8.54 -4.70 5.72
N GLN A 30 8.70 -3.56 6.36
CA GLN A 30 7.56 -2.71 6.72
C GLN A 30 6.70 -2.40 5.50
N GLN A 31 7.36 -2.03 4.40
CA GLN A 31 6.66 -1.70 3.17
C GLN A 31 5.75 -2.84 2.75
N LEU A 32 6.27 -4.07 2.79
CA LEU A 32 5.49 -5.24 2.41
C LEU A 32 4.24 -5.37 3.25
N THR A 33 4.41 -5.29 4.57
CA THR A 33 3.29 -5.40 5.50
C THR A 33 2.17 -4.44 5.11
N ALA A 34 2.49 -3.15 5.01
CA ALA A 34 1.51 -2.15 4.64
C ALA A 34 0.80 -2.51 3.34
N PHE A 35 1.60 -2.82 2.31
CA PHE A 35 1.05 -3.19 1.01
C PHE A 35 -0.03 -4.27 1.15
N GLN A 36 0.34 -5.36 1.80
CA GLN A 36 -0.59 -6.47 2.01
C GLN A 36 -1.90 -5.97 2.63
N LEU A 37 -1.79 -5.26 3.73
CA LEU A 37 -2.97 -4.73 4.42
C LEU A 37 -3.85 -3.94 3.45
N LEU A 38 -3.25 -2.97 2.78
CA LEU A 38 -3.98 -2.15 1.82
C LEU A 38 -4.69 -3.01 0.78
N PHE A 39 -3.91 -3.72 -0.03
CA PHE A 39 -4.47 -4.59 -1.06
C PHE A 39 -5.77 -5.22 -0.59
N ALA A 40 -5.72 -5.88 0.56
CA ALA A 40 -6.91 -6.53 1.13
C ALA A 40 -8.02 -5.52 1.36
N TRP A 41 -7.77 -4.55 2.23
CA TRP A 41 -8.76 -3.53 2.55
C TRP A 41 -9.43 -3.01 1.28
N ARG A 42 -8.64 -2.79 0.25
CA ARG A 42 -9.16 -2.29 -1.02
C ARG A 42 -10.24 -3.23 -1.57
N ASP A 43 -9.85 -4.45 -1.90
CA ASP A 43 -10.77 -5.44 -2.43
C ASP A 43 -12.11 -5.38 -1.69
N LYS A 44 -12.05 -5.40 -0.37
CA LYS A 44 -13.26 -5.34 0.46
C LYS A 44 -14.15 -4.18 0.04
N THR A 45 -13.56 -2.98 -0.03
CA THR A 45 -14.31 -1.80 -0.41
C THR A 45 -14.88 -1.93 -1.83
N ALA A 46 -14.12 -2.59 -2.70
CA ALA A 46 -14.56 -2.79 -4.08
C ALA A 46 -15.73 -3.75 -4.14
N ARG A 47 -15.90 -4.56 -3.09
CA ARG A 47 -16.99 -5.53 -3.04
C ARG A 47 -18.31 -4.83 -2.70
N ARG A 48 -18.23 -3.75 -1.94
CA ARG A 48 -19.41 -3.01 -1.55
C ARG A 48 -19.71 -1.90 -2.54
N GLU A 49 -18.65 -1.26 -3.05
CA GLU A 49 -18.80 -0.17 -4.01
C GLU A 49 -19.26 -0.70 -5.36
N ASP A 50 -18.78 -1.89 -5.71
CA ASP A 50 -19.14 -2.52 -6.99
C ASP A 50 -18.47 -1.80 -8.15
N GLU A 51 -17.16 -1.62 -8.06
CA GLU A 51 -16.40 -0.94 -9.10
C GLU A 51 -15.19 -1.77 -9.52
N SER A 52 -14.49 -1.32 -10.56
CA SER A 52 -13.31 -2.02 -11.05
C SER A 52 -12.20 -2.03 -10.00
N TYR A 53 -11.18 -2.83 -10.25
CA TYR A 53 -10.05 -2.93 -9.33
C TYR A 53 -9.03 -1.82 -9.59
N GLY A 54 -9.07 -1.27 -10.80
CA GLY A 54 -8.14 -0.21 -11.15
C GLY A 54 -8.76 1.16 -11.01
N TYR A 55 -9.64 1.31 -10.02
CA TYR A 55 -10.31 2.58 -9.79
C TYR A 55 -10.11 3.04 -8.35
N VAL A 56 -10.69 2.31 -7.41
CA VAL A 56 -10.57 2.64 -5.99
C VAL A 56 -9.12 2.93 -5.61
N LEU A 57 -8.22 2.03 -5.98
CA LEU A 57 -6.80 2.19 -5.69
C LEU A 57 -5.94 1.37 -6.65
N PRO A 58 -5.31 2.07 -7.60
CA PRO A 58 -4.45 1.42 -8.60
C PRO A 58 -3.16 0.88 -8.00
N ASN A 59 -2.26 0.42 -8.86
CA ASN A 59 -0.98 -0.12 -8.41
C ASN A 59 -0.03 0.99 -8.00
N HIS A 60 0.12 1.99 -8.87
CA HIS A 60 1.00 3.12 -8.59
C HIS A 60 0.64 3.77 -7.26
N MET A 61 -0.64 4.05 -7.07
CA MET A 61 -1.12 4.67 -5.83
C MET A 61 -0.86 3.76 -4.63
N MET A 62 -1.37 2.54 -4.70
CA MET A 62 -1.18 1.58 -3.62
C MET A 62 0.27 1.51 -3.18
N LEU A 63 1.15 1.17 -4.12
CA LEU A 63 2.57 1.08 -3.83
C LEU A 63 3.10 2.36 -3.18
N LYS A 64 2.90 3.48 -3.87
CA LYS A 64 3.35 4.78 -3.36
C LYS A 64 3.10 4.88 -1.86
N ILE A 65 1.84 4.78 -1.46
CA ILE A 65 1.48 4.86 -0.05
C ILE A 65 2.15 3.76 0.76
N ALA A 66 1.92 2.51 0.36
CA ALA A 66 2.51 1.37 1.05
C ALA A 66 3.99 1.62 1.34
N GLU A 67 4.67 2.29 0.41
CA GLU A 67 6.09 2.58 0.57
C GLU A 67 6.30 3.81 1.45
N GLU A 68 5.44 4.81 1.28
CA GLU A 68 5.54 6.05 2.06
C GLU A 68 5.49 5.74 3.56
N LEU A 69 4.52 4.93 3.96
CA LEU A 69 4.38 4.56 5.37
C LEU A 69 4.08 5.79 6.22
N PRO A 70 3.11 6.59 5.80
CA PRO A 70 2.71 7.81 6.51
C PRO A 70 2.01 7.50 7.84
N LYS A 71 2.74 7.64 8.93
CA LYS A 71 2.19 7.38 10.26
C LYS A 71 0.86 8.11 10.45
N GLU A 72 0.71 9.23 9.75
CA GLU A 72 -0.50 10.03 9.84
C GLU A 72 -1.40 9.82 8.62
N PRO A 73 -2.69 10.14 8.77
CA PRO A 73 -3.66 9.99 7.69
C PRO A 73 -3.44 10.98 6.55
N GLN A 74 -2.86 12.14 6.89
CA GLN A 74 -2.59 13.17 5.89
C GLN A 74 -1.61 12.67 4.84
N GLY A 75 -0.59 11.95 5.29
CA GLY A 75 0.40 11.43 4.36
C GLY A 75 -0.21 10.58 3.27
N ILE A 76 -1.32 9.91 3.59
CA ILE A 76 -2.01 9.05 2.63
C ILE A 76 -2.75 9.89 1.59
N ILE A 77 -3.08 11.13 1.95
CA ILE A 77 -3.78 12.03 1.04
C ILE A 77 -2.80 12.75 0.12
N ALA A 78 -1.61 13.04 0.64
CA ALA A 78 -0.59 13.72 -0.14
C ALA A 78 -0.21 12.92 -1.38
N CYS A 79 -0.30 11.60 -1.28
CA CYS A 79 0.04 10.71 -2.39
C CYS A 79 -0.95 10.88 -3.54
N CYS A 80 -2.21 10.55 -3.28
CA CYS A 80 -3.26 10.66 -4.29
C CYS A 80 -3.41 12.10 -4.76
N ASN A 81 -3.10 12.34 -6.02
CA ASN A 81 -3.21 13.68 -6.60
C ASN A 81 -3.71 13.63 -8.04
N PRO A 82 -4.97 14.07 -8.24
CA PRO A 82 -5.82 14.58 -7.15
C PRO A 82 -6.25 13.48 -6.19
N VAL A 83 -6.98 13.86 -5.15
CA VAL A 83 -7.46 12.91 -4.16
C VAL A 83 -8.86 12.42 -4.50
N PRO A 84 -9.03 11.10 -4.61
CA PRO A 84 -10.31 10.47 -4.92
C PRO A 84 -11.32 10.61 -3.79
N PRO A 85 -12.61 10.50 -4.13
CA PRO A 85 -13.70 10.60 -3.15
C PRO A 85 -13.75 9.41 -2.20
N LEU A 86 -12.84 8.45 -2.40
CA LEU A 86 -12.77 7.27 -1.57
C LEU A 86 -11.66 7.40 -0.53
N VAL A 87 -10.41 7.35 -0.99
CA VAL A 87 -9.26 7.46 -0.11
C VAL A 87 -9.49 8.51 0.97
N ARG A 88 -10.19 9.58 0.62
CA ARG A 88 -10.49 10.65 1.55
C ARG A 88 -11.58 10.22 2.54
N GLN A 89 -12.55 9.46 2.05
CA GLN A 89 -13.64 8.98 2.88
C GLN A 89 -13.16 7.91 3.85
N GLN A 90 -12.50 6.89 3.32
CA GLN A 90 -11.98 5.79 4.14
C GLN A 90 -10.55 6.08 4.60
N ILE A 91 -10.19 7.36 4.60
CA ILE A 91 -8.85 7.77 5.01
C ILE A 91 -8.52 7.22 6.40
N ASN A 92 -9.55 7.06 7.23
CA ASN A 92 -9.36 6.54 8.58
C ASN A 92 -8.85 5.11 8.55
N GLU A 93 -9.51 4.28 7.76
CA GLU A 93 -9.13 2.87 7.63
C GLU A 93 -7.71 2.75 7.07
N MET A 94 -7.45 3.43 5.97
CA MET A 94 -6.14 3.39 5.34
C MET A 94 -5.04 3.73 6.34
N HIS A 95 -5.24 4.81 7.09
CA HIS A 95 -4.28 5.25 8.09
C HIS A 95 -3.97 4.12 9.07
N LEU A 96 -5.01 3.50 9.60
CA LEU A 96 -4.85 2.41 10.55
C LEU A 96 -3.92 1.33 10.00
N LEU A 97 -4.12 0.97 8.74
CA LEU A 97 -3.30 -0.05 8.09
C LEU A 97 -1.83 0.35 8.13
N ILE A 98 -1.54 1.58 7.72
CA ILE A 98 -0.17 2.09 7.71
C ILE A 98 0.48 1.93 9.07
N GLN A 99 -0.27 2.27 10.12
CA GLN A 99 0.23 2.17 11.49
C GLN A 99 0.57 0.72 11.85
N GLN A 100 -0.26 -0.20 11.39
CA GLN A 100 -0.06 -1.61 11.65
C GLN A 100 1.25 -2.10 11.04
N ALA A 101 1.51 -1.68 9.81
CA ALA A 101 2.73 -2.06 9.11
C ALA A 101 3.97 -1.50 9.80
N ARG A 102 3.83 -0.29 10.34
CA ARG A 102 4.94 0.36 11.02
C ARG A 102 5.12 -0.19 12.44
N GLU A 103 4.00 -0.61 13.04
CA GLU A 103 4.03 -1.15 14.39
C GLU A 103 5.17 -2.15 14.55
N MET A 104 5.27 -3.08 13.61
CA MET A 104 6.31 -4.10 13.64
C MET A 104 7.66 -3.50 13.26
N PRO A 105 8.73 -3.97 13.90
CA PRO A 105 10.09 -3.50 13.66
C PRO A 105 10.61 -3.95 12.29
N LEU A 106 11.84 -3.53 11.96
CA LEU A 106 12.45 -3.88 10.68
C LEU A 106 13.46 -5.01 10.87
N LEU A 107 13.25 -6.11 10.16
CA LEU A 107 14.15 -7.26 10.24
C LEU A 107 15.01 -7.36 8.98
N LYS A 108 16.26 -6.95 9.10
CA LYS A 108 17.19 -6.99 7.98
C LYS A 108 18.61 -6.67 8.43
N SER A 109 19.56 -6.78 7.50
CA SER A 109 20.96 -6.50 7.82
C SER A 109 21.07 -5.34 8.80
N GLU A 110 20.34 -4.27 8.53
CA GLU A 110 20.35 -3.09 9.38
C GLU A 110 21.75 -2.48 9.43
N VAL A 111 22.33 -2.26 8.26
CA VAL A 111 23.67 -1.68 8.16
C VAL A 111 23.60 -0.18 7.90
N ALA A 112 24.53 0.56 8.47
CA ALA A 112 24.58 2.01 8.29
C ALA A 112 24.36 2.39 6.83
N ALA A 113 25.18 1.84 5.95
CA ALA A 113 25.09 2.11 4.53
C ALA A 113 24.73 3.58 4.28
N GLY A 114 25.36 4.47 5.04
CA GLY A 114 25.10 5.89 4.89
C GLY A 114 25.09 6.33 3.43
N VAL A 115 23.90 6.40 2.85
CA VAL A 115 23.75 6.81 1.46
C VAL A 115 24.85 7.79 1.06
N LYS A 116 25.02 8.84 1.85
CA LYS A 116 26.04 9.85 1.58
C LYS A 116 26.09 10.89 2.70
N LYS A 117 27.09 11.75 2.65
CA LYS A 117 27.26 12.79 3.66
C LYS A 117 26.76 14.14 3.15
N SER A 118 27.36 14.60 2.04
CA SER A 118 26.98 15.87 1.45
C SER A 118 26.91 16.97 2.51
N SER A 119 27.92 17.01 3.38
CA SER A 119 27.97 18.01 4.44
C SER A 119 29.14 18.96 4.23
N GLY A 120 28.86 20.10 3.60
CA GLY A 120 29.90 21.07 3.34
C GLY A 120 30.05 22.07 4.47
N PRO A 121 31.19 22.77 4.51
CA PRO A 121 31.47 23.78 5.54
C PRO A 121 30.61 25.02 5.40
N SER A 122 30.49 25.78 6.49
CA SER A 122 29.69 26.99 6.49
C SER A 122 30.49 28.19 5.97
N SER A 123 29.79 29.25 5.58
CA SER A 123 30.44 30.44 5.06
C SER A 123 31.54 30.92 6.00
N GLY A 124 32.45 31.73 5.47
CA GLY A 124 33.55 32.24 6.28
C GLY A 124 34.13 33.52 5.71
N GLY A 1 -19.13 -36.92 -9.99
CA GLY A 1 -19.65 -35.80 -10.74
C GLY A 1 -19.63 -34.51 -9.95
N SER A 2 -18.51 -33.80 -9.98
CA SER A 2 -18.37 -32.54 -9.25
C SER A 2 -17.32 -31.65 -9.90
N SER A 3 -17.74 -30.49 -10.38
CA SER A 3 -16.83 -29.55 -11.02
C SER A 3 -16.85 -28.21 -10.30
N GLY A 4 -15.74 -27.86 -9.66
CA GLY A 4 -15.65 -26.60 -8.95
C GLY A 4 -15.48 -26.79 -7.45
N SER A 5 -15.80 -25.75 -6.69
CA SER A 5 -15.68 -25.80 -5.24
C SER A 5 -16.94 -25.27 -4.56
N SER A 6 -17.36 -24.07 -4.97
CA SER A 6 -18.55 -23.44 -4.40
C SER A 6 -19.34 -22.71 -5.49
N GLY A 7 -20.52 -22.22 -5.12
CA GLY A 7 -21.36 -21.51 -6.06
C GLY A 7 -20.55 -20.65 -7.02
N LYS A 8 -19.85 -19.66 -6.48
CA LYS A 8 -19.03 -18.77 -7.30
C LYS A 8 -17.74 -18.39 -6.58
N PRO A 9 -16.71 -18.04 -7.35
CA PRO A 9 -15.41 -17.66 -6.81
C PRO A 9 -15.45 -16.31 -6.09
N ILE A 10 -14.62 -16.15 -5.08
CA ILE A 10 -14.56 -14.90 -4.32
C ILE A 10 -13.15 -14.35 -4.28
N PHE A 11 -12.95 -13.22 -4.94
CA PHE A 11 -11.63 -12.58 -4.98
C PHE A 11 -10.54 -13.59 -5.27
N THR A 12 -10.76 -14.42 -6.29
CA THR A 12 -9.79 -15.44 -6.68
C THR A 12 -8.57 -14.81 -7.34
N ASP A 13 -7.73 -14.18 -6.52
CA ASP A 13 -6.51 -13.55 -7.03
C ASP A 13 -5.28 -14.07 -6.28
N GLU A 14 -4.25 -14.43 -7.04
CA GLU A 14 -3.02 -14.94 -6.45
C GLU A 14 -2.52 -14.01 -5.34
N SER A 15 -1.67 -14.55 -4.47
CA SER A 15 -1.12 -13.78 -3.36
C SER A 15 -0.57 -12.45 -3.84
N TYR A 16 -0.56 -11.46 -2.95
CA TYR A 16 -0.07 -10.13 -3.29
C TYR A 16 1.24 -10.21 -4.07
N LEU A 17 2.13 -11.11 -3.64
CA LEU A 17 3.41 -11.31 -4.29
C LEU A 17 3.29 -11.11 -5.80
N GLU A 18 2.29 -11.75 -6.40
CA GLU A 18 2.06 -11.65 -7.83
C GLU A 18 2.34 -10.23 -8.32
N LEU A 19 1.77 -9.25 -7.64
CA LEU A 19 1.96 -7.85 -8.01
C LEU A 19 3.38 -7.40 -7.71
N TYR A 20 3.83 -7.63 -6.48
CA TYR A 20 5.18 -7.24 -6.07
C TYR A 20 6.18 -7.51 -7.20
N ARG A 21 6.16 -8.73 -7.72
CA ARG A 21 7.07 -9.11 -8.80
C ARG A 21 7.11 -8.05 -9.88
N LYS A 22 5.93 -7.64 -10.34
CA LYS A 22 5.84 -6.62 -11.38
C LYS A 22 6.93 -5.57 -11.22
N GLN A 23 6.83 -4.77 -10.16
CA GLN A 23 7.82 -3.73 -9.89
C GLN A 23 9.21 -4.33 -9.71
N LYS A 24 10.24 -3.53 -9.94
CA LYS A 24 11.61 -3.97 -9.79
C LYS A 24 12.17 -3.60 -8.42
N LYS A 25 12.09 -2.32 -8.08
CA LYS A 25 12.58 -1.83 -6.80
C LYS A 25 12.15 -2.76 -5.67
N HIS A 26 13.13 -3.31 -4.97
CA HIS A 26 12.86 -4.23 -3.86
C HIS A 26 12.30 -3.46 -2.66
N LEU A 27 11.18 -3.94 -2.13
CA LEU A 27 10.54 -3.31 -0.98
C LEU A 27 11.10 -3.86 0.32
N ASN A 28 11.02 -3.07 1.38
CA ASN A 28 11.52 -3.48 2.69
C ASN A 28 10.44 -4.25 3.46
N THR A 29 10.85 -4.85 4.58
CA THR A 29 9.93 -5.62 5.39
C THR A 29 8.60 -4.87 5.59
N GLN A 30 8.68 -3.69 6.20
CA GLN A 30 7.51 -2.88 6.45
C GLN A 30 6.77 -2.58 5.15
N GLN A 31 7.50 -2.08 4.16
CA GLN A 31 6.92 -1.76 2.86
C GLN A 31 5.98 -2.86 2.40
N LEU A 32 6.43 -4.10 2.51
CA LEU A 32 5.63 -5.25 2.09
C LEU A 32 4.38 -5.39 2.95
N THR A 33 4.58 -5.42 4.27
CA THR A 33 3.47 -5.55 5.21
C THR A 33 2.32 -4.61 4.82
N ALA A 34 2.64 -3.32 4.68
CA ALA A 34 1.63 -2.33 4.32
C ALA A 34 0.94 -2.70 3.01
N PHE A 35 1.73 -2.95 1.99
CA PHE A 35 1.19 -3.32 0.67
C PHE A 35 0.09 -4.35 0.82
N GLN A 36 0.30 -5.33 1.70
CA GLN A 36 -0.68 -6.38 1.93
C GLN A 36 -1.96 -5.82 2.54
N LEU A 37 -1.81 -5.08 3.63
CA LEU A 37 -2.94 -4.48 4.31
C LEU A 37 -3.84 -3.73 3.32
N LEU A 38 -3.22 -2.89 2.50
CA LEU A 38 -3.97 -2.13 1.51
C LEU A 38 -4.73 -3.04 0.56
N PHE A 39 -4.04 -4.06 0.05
CA PHE A 39 -4.65 -5.01 -0.88
C PHE A 39 -5.99 -5.50 -0.34
N ALA A 40 -5.95 -6.21 0.80
CA ALA A 40 -7.16 -6.73 1.41
C ALA A 40 -8.24 -5.66 1.49
N TRP A 41 -7.86 -4.47 1.96
CA TRP A 41 -8.80 -3.38 2.09
C TRP A 41 -9.45 -3.05 0.75
N ARG A 42 -8.62 -2.88 -0.27
CA ARG A 42 -9.11 -2.57 -1.61
C ARG A 42 -10.26 -3.50 -2.00
N ASP A 43 -10.03 -4.80 -1.85
CA ASP A 43 -11.04 -5.80 -2.19
C ASP A 43 -12.32 -5.56 -1.40
N LYS A 44 -12.17 -5.37 -0.09
CA LYS A 44 -13.32 -5.13 0.78
C LYS A 44 -14.23 -4.05 0.20
N THR A 45 -13.70 -2.84 0.05
CA THR A 45 -14.46 -1.73 -0.49
C THR A 45 -14.86 -2.00 -1.94
N ALA A 46 -13.96 -2.61 -2.70
CA ALA A 46 -14.22 -2.93 -4.09
C ALA A 46 -15.60 -3.54 -4.27
N ARG A 47 -16.02 -4.36 -3.31
CA ARG A 47 -17.32 -5.00 -3.36
C ARG A 47 -18.44 -4.00 -3.04
N ARG A 48 -18.32 -3.35 -1.89
CA ARG A 48 -19.31 -2.38 -1.45
C ARG A 48 -19.61 -1.38 -2.57
N GLU A 49 -18.56 -0.84 -3.17
CA GLU A 49 -18.71 0.12 -4.26
C GLU A 49 -19.16 -0.56 -5.54
N ASP A 50 -18.70 -1.79 -5.74
CA ASP A 50 -19.05 -2.55 -6.94
C ASP A 50 -18.40 -1.96 -8.18
N GLU A 51 -17.13 -1.58 -8.05
CA GLU A 51 -16.40 -0.99 -9.17
C GLU A 51 -15.07 -1.71 -9.38
N SER A 52 -14.44 -1.46 -10.53
CA SER A 52 -13.16 -2.09 -10.85
C SER A 52 -12.09 -1.68 -9.85
N TYR A 53 -11.35 -2.68 -9.36
CA TYR A 53 -10.29 -2.42 -8.38
C TYR A 53 -9.47 -1.20 -8.78
N GLY A 54 -8.99 -1.18 -10.02
CA GLY A 54 -8.20 -0.06 -10.48
C GLY A 54 -8.70 1.28 -9.97
N TYR A 55 -10.00 1.52 -10.15
CA TYR A 55 -10.61 2.76 -9.70
C TYR A 55 -10.34 3.00 -8.21
N VAL A 56 -10.71 2.03 -7.39
CA VAL A 56 -10.52 2.11 -5.95
C VAL A 56 -9.09 2.56 -5.62
N LEU A 57 -8.12 1.77 -6.04
CA LEU A 57 -6.72 2.08 -5.79
C LEU A 57 -5.80 1.22 -6.67
N PRO A 58 -5.18 1.87 -7.67
CA PRO A 58 -4.27 1.20 -8.60
C PRO A 58 -2.97 0.77 -7.93
N ASN A 59 -2.03 0.28 -8.74
CA ASN A 59 -0.74 -0.16 -8.22
C ASN A 59 0.14 1.02 -7.84
N HIS A 60 0.30 1.95 -8.79
CA HIS A 60 1.12 3.14 -8.55
C HIS A 60 0.75 3.80 -7.24
N MET A 61 -0.54 4.04 -7.03
CA MET A 61 -1.03 4.67 -5.81
C MET A 61 -0.74 3.78 -4.59
N MET A 62 -1.30 2.57 -4.61
CA MET A 62 -1.10 1.63 -3.50
C MET A 62 0.36 1.58 -3.08
N LEU A 63 1.26 1.66 -4.07
CA LEU A 63 2.69 1.62 -3.80
C LEU A 63 3.14 2.88 -3.07
N LYS A 64 2.72 4.04 -3.57
CA LYS A 64 3.08 5.31 -2.97
C LYS A 64 2.81 5.29 -1.47
N ILE A 65 1.64 4.79 -1.08
CA ILE A 65 1.27 4.71 0.33
C ILE A 65 2.05 3.62 1.04
N ALA A 66 2.00 2.41 0.50
CA ALA A 66 2.71 1.28 1.08
C ALA A 66 4.18 1.61 1.31
N GLU A 67 4.75 2.43 0.42
CA GLU A 67 6.15 2.83 0.54
C GLU A 67 6.31 4.00 1.50
N GLU A 68 5.43 4.99 1.37
CA GLU A 68 5.48 6.17 2.22
C GLU A 68 5.37 5.78 3.69
N LEU A 69 4.32 5.03 4.02
CA LEU A 69 4.10 4.58 5.39
C LEU A 69 3.99 5.77 6.33
N PRO A 70 3.12 6.73 5.98
CA PRO A 70 2.89 7.93 6.78
C PRO A 70 2.17 7.63 8.09
N LYS A 71 2.65 8.23 9.18
CA LYS A 71 2.06 8.02 10.49
C LYS A 71 0.65 8.61 10.56
N GLU A 72 0.50 9.81 9.99
CA GLU A 72 -0.80 10.48 9.98
C GLU A 72 -1.58 10.13 8.72
N PRO A 73 -2.91 10.35 8.77
CA PRO A 73 -3.80 10.06 7.64
C PRO A 73 -3.59 11.02 6.47
N GLN A 74 -2.76 12.04 6.70
CA GLN A 74 -2.47 13.03 5.66
C GLN A 74 -1.60 12.43 4.56
N GLY A 75 -0.51 11.79 4.97
CA GLY A 75 0.40 11.18 4.00
C GLY A 75 -0.33 10.33 2.98
N ILE A 76 -1.44 9.72 3.41
CA ILE A 76 -2.23 8.87 2.52
C ILE A 76 -3.01 9.70 1.52
N ILE A 77 -3.37 10.92 1.91
CA ILE A 77 -4.12 11.83 1.04
C ILE A 77 -3.21 12.47 0.00
N ALA A 78 -1.96 12.72 0.39
CA ALA A 78 -0.99 13.33 -0.51
C ALA A 78 -0.59 12.35 -1.62
N CYS A 79 -0.30 11.12 -1.23
CA CYS A 79 0.11 10.09 -2.19
C CYS A 79 -0.70 10.21 -3.49
N CYS A 80 -1.93 10.68 -3.37
CA CYS A 80 -2.80 10.85 -4.52
C CYS A 80 -2.90 12.32 -4.93
N ASN A 81 -3.20 12.54 -6.21
CA ASN A 81 -3.33 13.91 -6.73
C ASN A 81 -3.85 13.89 -8.16
N PRO A 82 -5.12 14.28 -8.33
CA PRO A 82 -5.98 14.69 -7.22
C PRO A 82 -6.35 13.53 -6.31
N VAL A 83 -7.10 13.82 -5.24
CA VAL A 83 -7.52 12.80 -4.30
C VAL A 83 -8.96 12.38 -4.56
N PRO A 84 -9.17 11.07 -4.77
CA PRO A 84 -10.51 10.52 -5.03
C PRO A 84 -11.40 10.55 -3.79
N PRO A 85 -12.71 10.40 -4.01
CA PRO A 85 -13.70 10.41 -2.92
C PRO A 85 -13.59 9.18 -2.03
N LEU A 86 -12.69 8.27 -2.39
CA LEU A 86 -12.50 7.04 -1.61
C LEU A 86 -11.40 7.22 -0.58
N VAL A 87 -10.16 7.32 -1.06
CA VAL A 87 -9.00 7.49 -0.17
C VAL A 87 -9.33 8.46 0.95
N ARG A 88 -10.06 9.52 0.63
CA ARG A 88 -10.45 10.53 1.60
C ARG A 88 -11.49 9.99 2.57
N GLN A 89 -12.51 9.34 2.02
CA GLN A 89 -13.59 8.78 2.82
C GLN A 89 -13.06 7.71 3.77
N GLN A 90 -12.40 6.69 3.20
CA GLN A 90 -11.84 5.61 4.00
C GLN A 90 -10.47 5.98 4.54
N ILE A 91 -10.13 7.26 4.47
CA ILE A 91 -8.84 7.75 4.94
C ILE A 91 -8.52 7.20 6.33
N ASN A 92 -9.57 7.00 7.13
CA ASN A 92 -9.40 6.48 8.49
C ASN A 92 -8.85 5.06 8.45
N GLU A 93 -9.51 4.19 7.69
CA GLU A 93 -9.09 2.80 7.57
C GLU A 93 -7.65 2.71 7.06
N MET A 94 -7.37 3.41 5.97
CA MET A 94 -6.04 3.41 5.37
C MET A 94 -4.98 3.76 6.42
N HIS A 95 -5.15 4.89 7.08
CA HIS A 95 -4.21 5.32 8.12
C HIS A 95 -3.92 4.19 9.10
N LEU A 96 -4.97 3.54 9.60
CA LEU A 96 -4.81 2.45 10.54
C LEU A 96 -3.86 1.39 9.99
N LEU A 97 -4.07 1.01 8.73
CA LEU A 97 -3.22 0.01 8.08
C LEU A 97 -1.76 0.41 8.15
N ILE A 98 -1.48 1.68 7.87
CA ILE A 98 -0.11 2.18 7.90
C ILE A 98 0.51 1.99 9.27
N GLN A 99 -0.22 2.35 10.31
CA GLN A 99 0.27 2.22 11.69
C GLN A 99 0.56 0.76 12.01
N GLN A 100 -0.24 -0.14 11.44
CA GLN A 100 -0.07 -1.58 11.68
C GLN A 100 1.25 -2.06 11.09
N ALA A 101 1.50 -1.68 9.84
CA ALA A 101 2.73 -2.09 9.15
C ALA A 101 3.97 -1.58 9.89
N ARG A 102 3.85 -0.40 10.48
CA ARG A 102 4.96 0.20 11.21
C ARG A 102 5.12 -0.46 12.58
N GLU A 103 4.00 -0.73 13.24
CA GLU A 103 4.01 -1.35 14.55
C GLU A 103 5.16 -2.34 14.67
N MET A 104 5.23 -3.28 13.73
CA MET A 104 6.28 -4.29 13.73
C MET A 104 7.62 -3.67 13.37
N PRO A 105 8.70 -4.16 14.02
CA PRO A 105 10.06 -3.65 13.78
C PRO A 105 10.59 -4.05 12.42
N LEU A 106 11.83 -3.67 12.13
CA LEU A 106 12.46 -3.99 10.86
C LEU A 106 13.59 -5.00 11.04
N LEU A 107 13.34 -6.23 10.61
CA LEU A 107 14.34 -7.29 10.73
C LEU A 107 15.71 -6.81 10.26
N LYS A 108 16.48 -6.28 11.20
CA LYS A 108 17.82 -5.77 10.89
C LYS A 108 17.85 -5.15 9.50
N SER A 109 16.93 -4.23 9.24
CA SER A 109 16.85 -3.56 7.95
C SER A 109 17.73 -2.32 7.93
N GLU A 110 17.62 -1.50 8.97
CA GLU A 110 18.41 -0.27 9.07
C GLU A 110 19.73 -0.53 9.79
N VAL A 111 20.81 -0.61 9.01
CA VAL A 111 22.13 -0.86 9.57
C VAL A 111 22.83 0.46 9.91
N ALA A 112 23.56 0.45 11.02
CA ALA A 112 24.29 1.63 11.46
C ALA A 112 25.20 1.32 12.65
N ALA A 113 26.37 1.94 12.67
CA ALA A 113 27.33 1.73 13.74
C ALA A 113 26.86 2.39 15.04
N GLY A 114 26.62 1.57 16.06
CA GLY A 114 26.17 2.10 17.34
C GLY A 114 24.90 1.44 17.83
N VAL A 115 23.86 1.48 16.99
CA VAL A 115 22.57 0.89 17.33
C VAL A 115 22.70 -0.63 17.47
N LYS A 116 22.10 -1.17 18.53
CA LYS A 116 22.13 -2.60 18.78
C LYS A 116 21.44 -3.37 17.65
N LYS A 117 21.70 -4.67 17.60
CA LYS A 117 21.10 -5.52 16.57
C LYS A 117 20.86 -6.92 17.09
N SER A 118 19.75 -7.53 16.65
CA SER A 118 19.41 -8.89 17.09
C SER A 118 18.86 -9.70 15.92
N SER A 119 19.47 -10.87 15.69
CA SER A 119 19.05 -11.75 14.61
C SER A 119 19.60 -13.16 14.81
N GLY A 120 19.22 -14.07 13.91
CA GLY A 120 19.67 -15.44 14.01
C GLY A 120 18.68 -16.43 13.44
N PRO A 121 17.72 -16.86 14.26
CA PRO A 121 16.69 -17.82 13.85
C PRO A 121 15.69 -17.21 12.86
N SER A 122 15.94 -15.96 12.49
CA SER A 122 15.06 -15.26 11.56
C SER A 122 14.50 -16.24 10.51
N SER A 123 15.40 -16.89 9.80
CA SER A 123 15.01 -17.85 8.76
C SER A 123 14.31 -19.05 9.38
N GLY A 124 12.97 -19.00 9.41
CA GLY A 124 12.20 -20.09 9.98
C GLY A 124 11.66 -21.03 8.92
N GLY A 1 -16.78 6.95 -24.09
CA GLY A 1 -15.58 6.18 -24.37
C GLY A 1 -15.12 5.37 -23.17
N SER A 2 -15.19 4.05 -23.30
CA SER A 2 -14.78 3.16 -22.21
C SER A 2 -13.64 2.24 -22.66
N SER A 3 -12.68 2.81 -23.40
CA SER A 3 -11.55 2.05 -23.89
C SER A 3 -10.33 2.24 -22.99
N GLY A 4 -9.54 1.18 -22.84
CA GLY A 4 -8.35 1.26 -22.00
C GLY A 4 -8.19 0.03 -21.12
N SER A 5 -7.92 -1.11 -21.74
CA SER A 5 -7.74 -2.35 -21.01
C SER A 5 -6.33 -2.91 -21.21
N SER A 6 -5.34 -2.02 -21.20
CA SER A 6 -3.96 -2.42 -21.39
C SER A 6 -3.35 -2.91 -20.07
N GLY A 7 -4.09 -3.79 -19.39
CA GLY A 7 -3.61 -4.32 -18.13
C GLY A 7 -4.39 -5.54 -17.69
N LYS A 8 -3.69 -6.57 -17.26
CA LYS A 8 -4.32 -7.81 -16.80
C LYS A 8 -5.27 -7.54 -15.65
N PRO A 9 -6.26 -8.43 -15.47
CA PRO A 9 -7.25 -8.30 -14.39
C PRO A 9 -6.64 -8.56 -13.02
N ILE A 10 -7.04 -7.77 -12.04
CA ILE A 10 -6.55 -7.91 -10.68
C ILE A 10 -7.57 -8.59 -9.78
N PHE A 11 -7.10 -9.29 -8.77
CA PHE A 11 -7.96 -9.99 -7.83
C PHE A 11 -8.80 -11.04 -8.55
N THR A 12 -8.13 -11.88 -9.35
CA THR A 12 -8.81 -12.93 -10.10
C THR A 12 -8.50 -14.30 -9.52
N ASP A 13 -7.22 -14.66 -9.50
CA ASP A 13 -6.80 -15.95 -8.97
C ASP A 13 -6.13 -15.78 -7.60
N GLU A 14 -5.06 -14.99 -7.57
CA GLU A 14 -4.32 -14.75 -6.34
C GLU A 14 -3.22 -13.71 -6.56
N SER A 15 -2.84 -13.03 -5.48
CA SER A 15 -1.81 -12.00 -5.56
C SER A 15 -0.66 -12.46 -6.44
N TYR A 16 -0.53 -11.81 -7.61
CA TYR A 16 0.52 -12.16 -8.55
C TYR A 16 1.84 -11.48 -8.17
N LEU A 17 2.94 -12.01 -8.70
CA LEU A 17 4.25 -11.46 -8.42
C LEU A 17 4.55 -10.26 -9.30
N GLU A 18 4.22 -10.38 -10.58
CA GLU A 18 4.44 -9.29 -11.54
C GLU A 18 4.17 -7.93 -10.90
N LEU A 19 3.08 -7.87 -10.12
CA LEU A 19 2.71 -6.63 -9.45
C LEU A 19 3.72 -6.26 -8.37
N TYR A 20 4.08 -7.23 -7.54
CA TYR A 20 5.04 -7.01 -6.46
C TYR A 20 6.41 -6.66 -7.04
N ARG A 21 6.99 -7.60 -7.79
CA ARG A 21 8.30 -7.40 -8.39
C ARG A 21 8.18 -6.67 -9.73
N LYS A 22 7.16 -5.84 -9.85
CA LYS A 22 6.93 -5.08 -11.08
C LYS A 22 8.20 -4.36 -11.51
N GLN A 23 8.83 -3.65 -10.59
CA GLN A 23 10.06 -2.92 -10.87
C GLN A 23 11.04 -3.03 -9.72
N LYS A 24 12.28 -2.63 -9.97
CA LYS A 24 13.33 -2.70 -8.95
C LYS A 24 12.86 -2.03 -7.66
N LYS A 25 13.76 -1.95 -6.69
CA LYS A 25 13.44 -1.34 -5.40
C LYS A 25 12.26 -2.04 -4.73
N HIS A 26 12.33 -3.37 -4.68
CA HIS A 26 11.28 -4.17 -4.07
C HIS A 26 10.88 -3.60 -2.71
N LEU A 27 9.78 -4.10 -2.15
CA LEU A 27 9.30 -3.63 -0.86
C LEU A 27 9.94 -4.41 0.27
N ASN A 28 10.22 -3.74 1.37
CA ASN A 28 10.84 -4.37 2.53
C ASN A 28 9.78 -4.99 3.45
N THR A 29 10.22 -5.50 4.59
CA THR A 29 9.32 -6.13 5.54
C THR A 29 8.12 -5.22 5.83
N GLN A 30 8.39 -4.06 6.42
CA GLN A 30 7.34 -3.11 6.74
C GLN A 30 6.45 -2.84 5.53
N GLN A 31 7.02 -2.20 4.52
CA GLN A 31 6.28 -1.89 3.31
C GLN A 31 5.39 -3.04 2.89
N LEU A 32 5.95 -4.25 2.89
CA LEU A 32 5.21 -5.45 2.52
C LEU A 32 3.95 -5.59 3.36
N THR A 33 4.11 -5.55 4.67
CA THR A 33 2.97 -5.67 5.59
C THR A 33 1.85 -4.73 5.19
N ALA A 34 2.19 -3.48 4.91
CA ALA A 34 1.21 -2.48 4.51
C ALA A 34 0.64 -2.78 3.13
N PHE A 35 1.51 -3.24 2.23
CA PHE A 35 1.09 -3.56 0.87
C PHE A 35 -0.04 -4.58 0.88
N GLN A 36 0.08 -5.59 1.74
CA GLN A 36 -0.94 -6.63 1.84
C GLN A 36 -2.21 -6.09 2.49
N LEU A 37 -2.04 -5.31 3.56
CA LEU A 37 -3.16 -4.72 4.26
C LEU A 37 -3.99 -3.84 3.34
N LEU A 38 -3.32 -2.97 2.61
CA LEU A 38 -4.00 -2.07 1.68
C LEU A 38 -4.67 -2.84 0.55
N PHE A 39 -3.88 -3.65 -0.15
CA PHE A 39 -4.39 -4.45 -1.26
C PHE A 39 -5.71 -5.11 -0.87
N ALA A 40 -5.67 -5.97 0.15
CA ALA A 40 -6.86 -6.66 0.61
C ALA A 40 -7.98 -5.68 0.95
N TRP A 41 -7.65 -4.69 1.77
CA TRP A 41 -8.62 -3.69 2.17
C TRP A 41 -9.35 -3.10 0.96
N ARG A 42 -8.58 -2.83 -0.09
CA ARG A 42 -9.16 -2.27 -1.31
C ARG A 42 -10.19 -3.22 -1.92
N ASP A 43 -9.73 -4.41 -2.31
CA ASP A 43 -10.62 -5.41 -2.90
C ASP A 43 -11.97 -5.44 -2.18
N LYS A 44 -11.92 -5.42 -0.85
CA LYS A 44 -13.13 -5.44 -0.05
C LYS A 44 -14.03 -4.25 -0.37
N THR A 45 -13.49 -3.05 -0.18
CA THR A 45 -14.24 -1.83 -0.46
C THR A 45 -14.71 -1.78 -1.91
N ALA A 46 -13.94 -2.42 -2.79
CA ALA A 46 -14.28 -2.45 -4.21
C ALA A 46 -15.65 -3.08 -4.43
N ARG A 47 -15.84 -4.29 -3.91
CA ARG A 47 -17.11 -5.00 -4.05
C ARG A 47 -18.25 -4.19 -3.45
N ARG A 48 -18.04 -3.69 -2.23
CA ARG A 48 -19.06 -2.91 -1.55
C ARG A 48 -19.45 -1.69 -2.36
N GLU A 49 -18.45 -1.00 -2.90
CA GLU A 49 -18.70 0.19 -3.71
C GLU A 49 -19.06 -0.19 -5.15
N ASP A 50 -19.17 -1.49 -5.40
CA ASP A 50 -19.51 -1.99 -6.72
C ASP A 50 -18.68 -1.29 -7.80
N GLU A 51 -17.41 -1.06 -7.49
CA GLU A 51 -16.51 -0.40 -8.43
C GLU A 51 -15.38 -1.34 -8.85
N SER A 52 -14.64 -0.94 -9.88
CA SER A 52 -13.53 -1.74 -10.39
C SER A 52 -12.36 -1.71 -9.42
N TYR A 53 -11.73 -2.86 -9.21
CA TYR A 53 -10.60 -2.97 -8.31
C TYR A 53 -9.64 -1.80 -8.51
N GLY A 54 -9.18 -1.62 -9.75
CA GLY A 54 -8.26 -0.54 -10.05
C GLY A 54 -8.86 0.82 -9.76
N TYR A 55 -10.03 1.08 -10.33
CA TYR A 55 -10.71 2.36 -10.14
C TYR A 55 -10.58 2.84 -8.70
N VAL A 56 -10.86 1.95 -7.75
CA VAL A 56 -10.76 2.27 -6.34
C VAL A 56 -9.38 2.81 -5.99
N LEU A 57 -8.37 1.97 -6.11
CA LEU A 57 -7.01 2.37 -5.81
C LEU A 57 -6.02 1.66 -6.73
N PRO A 58 -5.26 2.44 -7.52
CA PRO A 58 -4.27 1.91 -8.45
C PRO A 58 -3.07 1.32 -7.73
N ASN A 59 -2.28 0.53 -8.45
CA ASN A 59 -1.09 -0.11 -7.88
C ASN A 59 -0.02 0.93 -7.55
N HIS A 60 0.52 1.56 -8.59
CA HIS A 60 1.56 2.58 -8.42
C HIS A 60 1.30 3.40 -7.16
N MET A 61 0.06 3.86 -7.00
CA MET A 61 -0.31 4.66 -5.83
C MET A 61 -0.09 3.87 -4.54
N MET A 62 -0.79 2.75 -4.42
CA MET A 62 -0.66 1.91 -3.24
C MET A 62 0.80 1.76 -2.81
N LEU A 63 1.65 1.41 -3.76
CA LEU A 63 3.07 1.24 -3.48
C LEU A 63 3.65 2.48 -2.79
N LYS A 64 3.54 3.62 -3.46
CA LYS A 64 4.03 4.87 -2.90
C LYS A 64 3.66 5.01 -1.43
N ILE A 65 2.42 4.63 -1.10
CA ILE A 65 1.94 4.71 0.27
C ILE A 65 2.61 3.66 1.15
N ALA A 66 2.46 2.39 0.76
CA ALA A 66 3.05 1.30 1.51
C ALA A 66 4.55 1.53 1.74
N GLU A 67 5.17 2.27 0.83
CA GLU A 67 6.60 2.57 0.94
C GLU A 67 6.82 3.83 1.76
N GLU A 68 5.82 4.70 1.80
CA GLU A 68 5.92 5.95 2.55
C GLU A 68 5.67 5.72 4.04
N LEU A 69 4.67 4.90 4.34
CA LEU A 69 4.32 4.59 5.72
C LEU A 69 4.15 5.86 6.54
N PRO A 70 3.30 6.78 6.05
CA PRO A 70 3.03 8.05 6.72
C PRO A 70 2.25 7.87 8.02
N LYS A 71 2.89 8.17 9.14
CA LYS A 71 2.26 8.05 10.44
C LYS A 71 0.87 8.68 10.44
N GLU A 72 0.79 9.93 10.00
CA GLU A 72 -0.47 10.65 9.94
C GLU A 72 -1.27 10.26 8.69
N PRO A 73 -2.59 10.42 8.75
CA PRO A 73 -3.49 10.09 7.63
C PRO A 73 -3.32 11.07 6.47
N GLN A 74 -2.56 12.13 6.69
CA GLN A 74 -2.33 13.13 5.65
C GLN A 74 -1.44 12.56 4.53
N GLY A 75 -0.43 11.78 4.92
CA GLY A 75 0.46 11.19 3.94
C GLY A 75 -0.26 10.29 2.97
N ILE A 76 -1.39 9.74 3.39
CA ILE A 76 -2.17 8.85 2.55
C ILE A 76 -3.04 9.65 1.56
N ILE A 77 -3.29 10.90 1.90
CA ILE A 77 -4.10 11.78 1.06
C ILE A 77 -3.24 12.53 0.05
N ALA A 78 -2.00 12.84 0.45
CA ALA A 78 -1.08 13.55 -0.42
C ALA A 78 -0.64 12.68 -1.59
N CYS A 79 -0.40 11.40 -1.31
CA CYS A 79 0.03 10.46 -2.34
C CYS A 79 -0.87 10.56 -3.58
N CYS A 80 -2.14 10.84 -3.36
CA CYS A 80 -3.10 10.96 -4.45
C CYS A 80 -3.30 12.42 -4.84
N ASN A 81 -3.46 12.67 -6.13
CA ASN A 81 -3.65 14.03 -6.63
C ASN A 81 -4.17 14.01 -8.07
N PRO A 82 -5.45 14.36 -8.24
CA PRO A 82 -6.32 14.73 -7.12
C PRO A 82 -6.65 13.54 -6.22
N VAL A 83 -7.39 13.81 -5.15
CA VAL A 83 -7.79 12.76 -4.21
C VAL A 83 -9.19 12.25 -4.50
N PRO A 84 -9.32 10.93 -4.65
CA PRO A 84 -10.60 10.29 -4.95
C PRO A 84 -11.56 10.34 -3.76
N PRO A 85 -12.86 10.15 -4.03
CA PRO A 85 -13.90 10.18 -2.99
C PRO A 85 -13.82 8.97 -2.07
N LEU A 86 -12.89 8.06 -2.37
CA LEU A 86 -12.72 6.86 -1.56
C LEU A 86 -11.63 7.06 -0.52
N VAL A 87 -10.37 7.05 -0.97
CA VAL A 87 -9.23 7.23 -0.08
C VAL A 87 -9.56 8.24 1.01
N ARG A 88 -10.28 9.29 0.65
CA ARG A 88 -10.66 10.33 1.60
C ARG A 88 -11.76 9.86 2.52
N GLN A 89 -12.75 9.16 1.95
CA GLN A 89 -13.87 8.65 2.72
C GLN A 89 -13.41 7.60 3.72
N GLN A 90 -12.65 6.61 3.24
CA GLN A 90 -12.14 5.55 4.10
C GLN A 90 -10.71 5.83 4.52
N ILE A 91 -10.32 7.10 4.48
CA ILE A 91 -8.97 7.50 4.86
C ILE A 91 -8.60 6.95 6.24
N ASN A 92 -9.56 6.97 7.15
CA ASN A 92 -9.33 6.47 8.50
C ASN A 92 -8.81 5.03 8.47
N GLU A 93 -9.55 4.16 7.78
CA GLU A 93 -9.16 2.76 7.67
C GLU A 93 -7.75 2.63 7.09
N MET A 94 -7.53 3.24 5.94
CA MET A 94 -6.23 3.18 5.28
C MET A 94 -5.12 3.58 6.25
N HIS A 95 -5.28 4.72 6.91
CA HIS A 95 -4.30 5.20 7.87
C HIS A 95 -3.93 4.10 8.86
N LEU A 96 -4.94 3.52 9.50
CA LEU A 96 -4.73 2.46 10.47
C LEU A 96 -3.78 1.40 9.92
N LEU A 97 -4.10 0.87 8.75
CA LEU A 97 -3.29 -0.15 8.10
C LEU A 97 -1.83 0.26 8.07
N ILE A 98 -1.57 1.48 7.59
CA ILE A 98 -0.21 2.00 7.50
C ILE A 98 0.51 1.87 8.84
N GLN A 99 -0.18 2.26 9.91
CA GLN A 99 0.40 2.19 11.25
C GLN A 99 0.64 0.74 11.66
N GLN A 100 -0.27 -0.14 11.25
CA GLN A 100 -0.16 -1.56 11.59
C GLN A 100 1.03 -2.19 10.87
N ALA A 101 1.46 -1.57 9.78
CA ALA A 101 2.59 -2.07 9.01
C ALA A 101 3.89 -1.46 9.48
N ARG A 102 3.85 -0.16 9.79
CA ARG A 102 5.04 0.54 10.24
C ARG A 102 5.32 0.25 11.71
N GLU A 103 4.26 0.10 12.50
CA GLU A 103 4.39 -0.19 13.92
C GLU A 103 5.43 -1.28 14.16
N MET A 104 5.30 -2.38 13.44
CA MET A 104 6.23 -3.50 13.57
C MET A 104 7.58 -3.16 12.96
N PRO A 105 8.66 -3.60 13.63
CA PRO A 105 10.03 -3.35 13.18
C PRO A 105 10.37 -4.12 11.91
N LEU A 106 11.62 -4.02 11.47
CA LEU A 106 12.08 -4.71 10.28
C LEU A 106 12.81 -6.00 10.64
N LEU A 107 12.28 -7.12 10.16
CA LEU A 107 12.88 -8.43 10.43
C LEU A 107 13.57 -8.98 9.19
N LYS A 108 14.87 -8.72 9.07
CA LYS A 108 15.63 -9.20 7.92
C LYS A 108 17.12 -9.01 8.15
N SER A 109 17.93 -9.93 7.60
CA SER A 109 19.38 -9.86 7.76
C SER A 109 20.02 -9.20 6.54
N GLU A 110 20.89 -8.23 6.78
CA GLU A 110 21.56 -7.52 5.71
C GLU A 110 23.04 -7.89 5.66
N VAL A 111 23.62 -7.90 4.46
CA VAL A 111 25.02 -8.24 4.28
C VAL A 111 25.88 -6.99 4.16
N ALA A 112 27.03 -6.99 4.80
CA ALA A 112 27.95 -5.86 4.76
C ALA A 112 28.67 -5.78 3.42
N ALA A 113 28.42 -4.71 2.68
CA ALA A 113 29.03 -4.51 1.37
C ALA A 113 30.40 -3.86 1.51
N GLY A 114 31.41 -4.47 0.90
CA GLY A 114 32.76 -3.93 0.96
C GLY A 114 33.07 -2.99 -0.18
N VAL A 115 34.07 -3.33 -0.98
CA VAL A 115 34.46 -2.51 -2.11
C VAL A 115 34.48 -3.31 -3.40
N LYS A 116 34.33 -2.62 -4.53
CA LYS A 116 34.33 -3.27 -5.83
C LYS A 116 35.27 -2.56 -6.80
N LYS A 117 35.52 -3.19 -7.94
CA LYS A 117 36.40 -2.62 -8.96
C LYS A 117 36.03 -1.17 -9.24
N SER A 118 37.03 -0.35 -9.58
CA SER A 118 36.81 1.05 -9.88
C SER A 118 37.72 1.52 -11.02
N SER A 119 37.29 2.55 -11.72
CA SER A 119 38.07 3.09 -12.83
C SER A 119 37.44 4.38 -13.36
N GLY A 120 38.17 5.08 -14.24
CA GLY A 120 37.68 6.31 -14.80
C GLY A 120 38.79 7.25 -15.22
N PRO A 121 39.60 7.69 -14.26
CA PRO A 121 40.73 8.60 -14.51
C PRO A 121 41.85 7.92 -15.28
N SER A 122 42.09 6.64 -14.98
CA SER A 122 43.15 5.89 -15.64
C SER A 122 43.21 6.23 -17.12
N SER A 123 44.37 6.71 -17.56
CA SER A 123 44.56 7.07 -18.96
C SER A 123 44.53 5.84 -19.86
N GLY A 124 43.56 5.79 -20.77
CA GLY A 124 43.43 4.67 -21.67
C GLY A 124 43.76 5.04 -23.10
N GLY A 1 -16.12 3.93 -23.58
CA GLY A 1 -15.23 4.46 -22.57
C GLY A 1 -13.76 4.19 -22.89
N SER A 2 -13.31 2.98 -22.59
CA SER A 2 -11.92 2.60 -22.85
C SER A 2 -11.84 1.17 -23.38
N SER A 3 -11.11 1.00 -24.49
CA SER A 3 -10.95 -0.31 -25.11
C SER A 3 -9.48 -0.63 -25.31
N GLY A 4 -9.05 -1.78 -24.77
CA GLY A 4 -7.67 -2.19 -24.91
C GLY A 4 -7.19 -3.01 -23.73
N SER A 5 -6.28 -3.95 -24.00
CA SER A 5 -5.75 -4.82 -22.95
C SER A 5 -5.33 -4.00 -21.74
N SER A 6 -5.48 -4.59 -20.56
CA SER A 6 -5.11 -3.93 -19.31
C SER A 6 -4.40 -4.89 -18.36
N GLY A 7 -3.27 -4.44 -17.83
CA GLY A 7 -2.50 -5.27 -16.92
C GLY A 7 -2.97 -5.13 -15.49
N LYS A 8 -4.29 -5.10 -15.29
CA LYS A 8 -4.87 -4.97 -13.96
C LYS A 8 -4.61 -6.22 -13.13
N PRO A 9 -4.38 -6.03 -11.83
CA PRO A 9 -4.11 -7.14 -10.90
C PRO A 9 -5.35 -8.00 -10.65
N ILE A 10 -5.15 -9.18 -10.08
CA ILE A 10 -6.25 -10.09 -9.80
C ILE A 10 -6.36 -10.37 -8.31
N PHE A 11 -7.58 -10.58 -7.83
CA PHE A 11 -7.83 -10.85 -6.42
C PHE A 11 -8.37 -12.27 -6.23
N THR A 12 -8.73 -12.60 -4.99
CA THR A 12 -9.26 -13.91 -4.68
C THR A 12 -8.41 -15.02 -5.29
N ASP A 13 -7.13 -14.71 -5.52
CA ASP A 13 -6.20 -15.67 -6.09
C ASP A 13 -4.76 -15.25 -5.86
N GLU A 14 -3.86 -16.22 -5.84
CA GLU A 14 -2.45 -15.95 -5.62
C GLU A 14 -2.00 -14.72 -6.41
N SER A 15 -1.21 -13.86 -5.78
CA SER A 15 -0.73 -12.64 -6.41
C SER A 15 0.36 -12.97 -7.43
N TYR A 16 0.65 -12.01 -8.31
CA TYR A 16 1.66 -12.19 -9.33
C TYR A 16 2.89 -11.33 -9.04
N LEU A 17 4.07 -11.92 -9.20
CA LEU A 17 5.31 -11.21 -8.96
C LEU A 17 5.30 -9.84 -9.61
N GLU A 18 4.86 -9.78 -10.86
CA GLU A 18 4.80 -8.52 -11.59
C GLU A 18 4.30 -7.39 -10.69
N LEU A 19 3.37 -7.72 -9.80
CA LEU A 19 2.81 -6.74 -8.88
C LEU A 19 3.76 -6.48 -7.72
N TYR A 20 4.48 -7.52 -7.30
CA TYR A 20 5.43 -7.40 -6.20
C TYR A 20 6.72 -6.74 -6.67
N ARG A 21 7.41 -7.39 -7.59
CA ARG A 21 8.67 -6.86 -8.12
C ARG A 21 8.41 -5.83 -9.21
N LYS A 22 7.15 -5.42 -9.34
CA LYS A 22 6.76 -4.42 -10.34
C LYS A 22 7.89 -3.41 -10.56
N GLN A 23 8.51 -2.99 -9.48
CA GLN A 23 9.61 -2.03 -9.55
C GLN A 23 10.95 -2.72 -9.49
N LYS A 24 12.02 -1.99 -9.82
CA LYS A 24 13.36 -2.53 -9.81
C LYS A 24 13.92 -2.59 -8.38
N LYS A 25 13.05 -2.33 -7.41
CA LYS A 25 13.45 -2.36 -6.01
C LYS A 25 12.48 -3.21 -5.19
N HIS A 26 13.05 -3.99 -4.27
CA HIS A 26 12.24 -4.86 -3.42
C HIS A 26 11.70 -4.08 -2.21
N LEU A 27 10.80 -4.72 -1.46
CA LEU A 27 10.21 -4.09 -0.29
C LEU A 27 10.70 -4.76 0.99
N ASN A 28 10.74 -3.98 2.08
CA ASN A 28 11.20 -4.50 3.36
C ASN A 28 10.03 -5.08 4.16
N THR A 29 10.32 -5.55 5.36
CA THR A 29 9.29 -6.14 6.21
C THR A 29 8.09 -5.22 6.34
N GLN A 30 8.31 -4.02 6.87
CA GLN A 30 7.25 -3.04 7.04
C GLN A 30 6.51 -2.80 5.73
N GLN A 31 7.27 -2.47 4.69
CA GLN A 31 6.70 -2.21 3.38
C GLN A 31 5.76 -3.33 2.97
N LEU A 32 6.26 -4.56 3.00
CA LEU A 32 5.45 -5.73 2.64
C LEU A 32 4.16 -5.78 3.44
N THR A 33 4.29 -5.71 4.76
CA THR A 33 3.14 -5.75 5.64
C THR A 33 2.09 -4.73 5.22
N ALA A 34 2.53 -3.50 4.99
CA ALA A 34 1.63 -2.43 4.57
C ALA A 34 1.01 -2.73 3.21
N PHE A 35 1.86 -2.92 2.20
CA PHE A 35 1.39 -3.21 0.86
C PHE A 35 0.24 -4.23 0.88
N GLN A 36 0.41 -5.27 1.69
CA GLN A 36 -0.61 -6.30 1.82
C GLN A 36 -1.89 -5.75 2.42
N LEU A 37 -1.78 -5.18 3.60
CA LEU A 37 -2.93 -4.61 4.30
C LEU A 37 -3.82 -3.84 3.32
N LEU A 38 -3.21 -2.99 2.51
CA LEU A 38 -3.94 -2.20 1.52
C LEU A 38 -4.67 -3.10 0.53
N PHE A 39 -3.90 -3.95 -0.16
CA PHE A 39 -4.48 -4.86 -1.14
C PHE A 39 -5.81 -5.41 -0.66
N ALA A 40 -5.80 -6.10 0.47
CA ALA A 40 -7.02 -6.67 1.03
C ALA A 40 -8.11 -5.62 1.16
N TRP A 41 -7.80 -4.53 1.85
CA TRP A 41 -8.75 -3.44 2.05
C TRP A 41 -9.39 -3.03 0.73
N ARG A 42 -8.56 -2.85 -0.30
CA ARG A 42 -9.04 -2.46 -1.61
C ARG A 42 -10.15 -3.40 -2.08
N ASP A 43 -9.88 -4.70 -2.04
CA ASP A 43 -10.84 -5.70 -2.46
C ASP A 43 -12.07 -5.68 -1.57
N LYS A 44 -11.85 -5.61 -0.26
CA LYS A 44 -12.94 -5.57 0.70
C LYS A 44 -13.95 -4.48 0.36
N THR A 45 -13.45 -3.26 0.16
CA THR A 45 -14.30 -2.14 -0.18
C THR A 45 -14.75 -2.20 -1.64
N ALA A 46 -13.88 -2.72 -2.49
CA ALA A 46 -14.18 -2.84 -3.92
C ALA A 46 -15.59 -3.38 -4.13
N ARG A 47 -15.84 -4.59 -3.63
CA ARG A 47 -17.16 -5.21 -3.78
C ARG A 47 -18.25 -4.30 -3.23
N ARG A 48 -18.07 -3.85 -2.00
CA ARG A 48 -19.04 -2.98 -1.35
C ARG A 48 -19.43 -1.82 -2.27
N GLU A 49 -18.42 -1.16 -2.84
CA GLU A 49 -18.66 -0.04 -3.73
C GLU A 49 -19.21 -0.51 -5.08
N ASP A 50 -18.86 -1.74 -5.44
CA ASP A 50 -19.32 -2.32 -6.71
C ASP A 50 -18.72 -1.57 -7.90
N GLU A 51 -17.42 -1.34 -7.86
CA GLU A 51 -16.74 -0.63 -8.93
C GLU A 51 -15.47 -1.37 -9.36
N SER A 52 -14.83 -0.88 -10.41
CA SER A 52 -13.62 -1.49 -10.92
C SER A 52 -12.50 -1.42 -9.89
N TYR A 53 -11.88 -2.57 -9.62
CA TYR A 53 -10.79 -2.63 -8.65
C TYR A 53 -9.83 -1.46 -8.82
N GLY A 54 -9.38 -1.25 -10.05
CA GLY A 54 -8.46 -0.16 -10.32
C GLY A 54 -9.00 1.18 -9.88
N TYR A 55 -10.23 1.47 -10.23
CA TYR A 55 -10.87 2.73 -9.86
C TYR A 55 -10.59 3.07 -8.41
N VAL A 56 -10.77 2.09 -7.53
CA VAL A 56 -10.54 2.29 -6.10
C VAL A 56 -9.14 2.84 -5.85
N LEU A 57 -8.12 2.04 -6.15
CA LEU A 57 -6.74 2.46 -5.96
C LEU A 57 -5.81 1.72 -6.92
N PRO A 58 -5.10 2.48 -7.76
CA PRO A 58 -4.17 1.93 -8.75
C PRO A 58 -2.92 1.34 -8.08
N ASN A 59 -2.05 0.74 -8.90
CA ASN A 59 -0.82 0.14 -8.40
C ASN A 59 0.18 1.22 -7.98
N HIS A 60 0.50 2.11 -8.90
CA HIS A 60 1.43 3.19 -8.63
C HIS A 60 1.12 3.87 -7.30
N MET A 61 -0.14 4.24 -7.11
CA MET A 61 -0.57 4.89 -5.87
C MET A 61 -0.33 3.99 -4.68
N MET A 62 -0.94 2.80 -4.71
CA MET A 62 -0.80 1.84 -3.62
C MET A 62 0.66 1.71 -3.19
N LEU A 63 1.54 1.50 -4.16
CA LEU A 63 2.97 1.36 -3.87
C LEU A 63 3.50 2.61 -3.18
N LYS A 64 3.32 3.76 -3.81
CA LYS A 64 3.79 5.02 -3.26
C LYS A 64 3.44 5.14 -1.78
N ILE A 65 2.25 4.66 -1.43
CA ILE A 65 1.79 4.70 -0.05
C ILE A 65 2.52 3.66 0.80
N ALA A 66 2.39 2.39 0.40
CA ALA A 66 3.03 1.30 1.12
C ALA A 66 4.49 1.61 1.41
N GLU A 67 5.19 2.17 0.43
CA GLU A 67 6.60 2.52 0.58
C GLU A 67 6.75 3.74 1.48
N GLU A 68 5.84 4.70 1.35
CA GLU A 68 5.88 5.91 2.14
C GLU A 68 5.73 5.59 3.63
N LEU A 69 4.68 4.83 3.96
CA LEU A 69 4.43 4.45 5.35
C LEU A 69 4.20 5.69 6.22
N PRO A 70 3.28 6.56 5.79
CA PRO A 70 2.96 7.79 6.52
C PRO A 70 2.23 7.52 7.82
N LYS A 71 2.88 7.83 8.93
CA LYS A 71 2.29 7.62 10.25
C LYS A 71 0.94 8.33 10.37
N GLU A 72 0.81 9.48 9.71
CA GLU A 72 -0.42 10.25 9.74
C GLU A 72 -1.29 9.93 8.53
N PRO A 73 -2.59 10.22 8.63
CA PRO A 73 -3.56 9.96 7.56
C PRO A 73 -3.34 10.89 6.37
N GLN A 74 -2.71 12.04 6.61
CA GLN A 74 -2.45 13.01 5.57
C GLN A 74 -1.57 12.41 4.47
N GLY A 75 -0.55 11.67 4.89
CA GLY A 75 0.35 11.05 3.93
C GLY A 75 -0.38 10.17 2.94
N ILE A 76 -1.53 9.65 3.34
CA ILE A 76 -2.33 8.78 2.48
C ILE A 76 -3.15 9.59 1.49
N ILE A 77 -3.35 10.87 1.81
CA ILE A 77 -4.13 11.76 0.95
C ILE A 77 -3.23 12.46 -0.06
N ALA A 78 -2.04 12.84 0.38
CA ALA A 78 -1.09 13.52 -0.49
C ALA A 78 -0.78 12.69 -1.73
N CYS A 79 -0.46 11.42 -1.52
CA CYS A 79 -0.15 10.52 -2.63
C CYS A 79 -1.18 10.65 -3.75
N CYS A 80 -2.43 10.89 -3.36
CA CYS A 80 -3.51 11.03 -4.33
C CYS A 80 -3.64 12.47 -4.81
N ASN A 81 -3.27 12.71 -6.06
CA ASN A 81 -3.33 14.06 -6.63
C ASN A 81 -3.92 14.02 -8.04
N PRO A 82 -5.20 14.40 -8.15
CA PRO A 82 -6.00 14.84 -7.00
C PRO A 82 -6.33 13.70 -6.05
N VAL A 83 -7.24 13.95 -5.11
CA VAL A 83 -7.64 12.94 -4.15
C VAL A 83 -9.05 12.42 -4.45
N PRO A 84 -9.18 11.10 -4.58
CA PRO A 84 -10.46 10.46 -4.86
C PRO A 84 -11.42 10.52 -3.68
N PRO A 85 -12.71 10.30 -3.96
CA PRO A 85 -13.76 10.33 -2.93
C PRO A 85 -13.66 9.16 -1.96
N LEU A 86 -12.97 8.11 -2.38
CA LEU A 86 -12.79 6.93 -1.56
C LEU A 86 -11.67 7.12 -0.55
N VAL A 87 -10.44 7.15 -1.04
CA VAL A 87 -9.27 7.34 -0.18
C VAL A 87 -9.57 8.33 0.94
N ARG A 88 -10.21 9.43 0.59
CA ARG A 88 -10.56 10.46 1.57
C ARG A 88 -11.64 9.96 2.52
N GLN A 89 -12.65 9.29 1.97
CA GLN A 89 -13.75 8.77 2.77
C GLN A 89 -13.25 7.72 3.76
N GLN A 90 -12.58 6.69 3.24
CA GLN A 90 -12.05 5.62 4.08
C GLN A 90 -10.62 5.93 4.51
N ILE A 91 -10.26 7.21 4.48
CA ILE A 91 -8.93 7.64 4.88
C ILE A 91 -8.56 7.11 6.26
N ASN A 92 -9.55 7.01 7.13
CA ASN A 92 -9.33 6.51 8.48
C ASN A 92 -8.79 5.09 8.46
N GLU A 93 -9.46 4.22 7.71
CA GLU A 93 -9.06 2.83 7.59
C GLU A 93 -7.63 2.72 7.05
N MET A 94 -7.37 3.39 5.94
CA MET A 94 -6.05 3.37 5.33
C MET A 94 -4.97 3.72 6.36
N HIS A 95 -5.15 4.83 7.05
CA HIS A 95 -4.20 5.27 8.07
C HIS A 95 -3.90 4.14 9.05
N LEU A 96 -4.96 3.56 9.59
CA LEU A 96 -4.81 2.47 10.56
C LEU A 96 -3.86 1.39 10.03
N LEU A 97 -4.07 1.00 8.78
CA LEU A 97 -3.23 -0.02 8.16
C LEU A 97 -1.75 0.37 8.22
N ILE A 98 -1.45 1.57 7.75
CA ILE A 98 -0.08 2.07 7.77
C ILE A 98 0.53 1.97 9.16
N GLN A 99 -0.28 2.24 10.17
CA GLN A 99 0.18 2.18 11.55
C GLN A 99 0.38 0.73 12.00
N GLN A 100 -0.46 -0.16 11.50
CA GLN A 100 -0.37 -1.58 11.85
C GLN A 100 0.90 -2.19 11.29
N ALA A 101 1.38 -1.64 10.18
CA ALA A 101 2.60 -2.14 9.55
C ALA A 101 3.84 -1.43 10.10
N ARG A 102 3.69 -0.13 10.38
CA ARG A 102 4.80 0.66 10.91
C ARG A 102 5.04 0.33 12.38
N GLU A 103 3.96 0.03 13.10
CA GLU A 103 4.07 -0.29 14.52
C GLU A 103 4.91 -1.54 14.74
N MET A 104 4.76 -2.51 13.83
CA MET A 104 5.51 -3.76 13.92
C MET A 104 6.94 -3.57 13.42
N PRO A 105 7.89 -4.27 14.05
CA PRO A 105 9.31 -4.20 13.69
C PRO A 105 9.59 -4.85 12.34
N LEU A 106 10.85 -4.83 11.92
CA LEU A 106 11.26 -5.42 10.66
C LEU A 106 12.14 -6.64 10.88
N LEU A 107 11.55 -7.82 10.75
CA LEU A 107 12.28 -9.07 10.93
C LEU A 107 12.94 -9.51 9.63
N LYS A 108 12.13 -9.78 8.61
CA LYS A 108 12.63 -10.21 7.31
C LYS A 108 13.21 -9.02 6.54
N SER A 109 14.48 -8.73 6.78
CA SER A 109 15.15 -7.62 6.12
C SER A 109 16.65 -7.88 6.00
N GLU A 110 17.16 -7.84 4.77
CA GLU A 110 18.58 -8.08 4.52
C GLU A 110 19.28 -6.79 4.07
N VAL A 111 20.41 -6.49 4.68
CA VAL A 111 21.17 -5.29 4.34
C VAL A 111 22.07 -5.54 3.12
N ALA A 112 22.27 -6.81 2.79
CA ALA A 112 23.09 -7.19 1.65
C ALA A 112 22.69 -6.42 0.40
N ALA A 113 23.52 -5.45 0.01
CA ALA A 113 23.25 -4.64 -1.17
C ALA A 113 24.10 -5.09 -2.35
N GLY A 114 23.86 -4.49 -3.52
CA GLY A 114 24.61 -4.84 -4.70
C GLY A 114 25.06 -3.63 -5.49
N VAL A 115 25.95 -3.83 -6.45
CA VAL A 115 26.45 -2.75 -7.28
C VAL A 115 26.67 -3.19 -8.72
N LYS A 116 26.28 -2.35 -9.66
CA LYS A 116 26.43 -2.66 -11.09
C LYS A 116 27.45 -1.74 -11.74
N LYS A 117 28.29 -2.31 -12.60
CA LYS A 117 29.31 -1.54 -13.29
C LYS A 117 29.48 -2.03 -14.74
N SER A 118 29.61 -1.09 -15.67
CA SER A 118 29.78 -1.43 -17.07
C SER A 118 31.09 -0.87 -17.62
N SER A 119 31.54 -1.42 -18.74
CA SER A 119 32.78 -0.98 -19.36
C SER A 119 32.65 -0.93 -20.88
N GLY A 120 33.70 -0.46 -21.54
CA GLY A 120 33.67 -0.37 -23.00
C GLY A 120 34.87 -1.04 -23.64
N PRO A 121 34.65 -1.67 -24.81
CA PRO A 121 35.70 -2.35 -25.54
C PRO A 121 36.72 -1.39 -26.15
N SER A 122 37.64 -1.93 -26.94
CA SER A 122 38.67 -1.11 -27.58
C SER A 122 38.20 -0.61 -28.95
N SER A 123 38.82 0.46 -29.43
CA SER A 123 38.47 1.03 -30.71
C SER A 123 39.56 0.78 -31.74
N GLY A 124 39.23 1.00 -33.01
CA GLY A 124 40.20 0.79 -34.08
C GLY A 124 40.58 2.07 -34.78
N GLY A 1 -24.07 -7.18 -20.04
CA GLY A 1 -24.69 -8.09 -19.08
C GLY A 1 -24.06 -7.98 -17.69
N SER A 2 -24.77 -7.32 -16.78
CA SER A 2 -24.29 -7.14 -15.42
C SER A 2 -23.62 -8.42 -14.90
N SER A 3 -22.51 -8.26 -14.20
CA SER A 3 -21.79 -9.40 -13.65
C SER A 3 -22.61 -10.09 -12.56
N GLY A 4 -22.39 -11.40 -12.39
CA GLY A 4 -23.10 -12.15 -11.38
C GLY A 4 -22.80 -11.68 -9.98
N SER A 5 -23.74 -11.92 -9.06
CA SER A 5 -23.56 -11.51 -7.67
C SER A 5 -22.18 -11.89 -7.15
N SER A 6 -21.80 -13.15 -7.38
CA SER A 6 -20.51 -13.64 -6.93
C SER A 6 -19.82 -14.43 -8.04
N GLY A 7 -18.70 -13.90 -8.54
CA GLY A 7 -17.98 -14.57 -9.60
C GLY A 7 -16.53 -14.84 -9.22
N LYS A 8 -15.80 -13.77 -8.90
CA LYS A 8 -14.40 -13.89 -8.53
C LYS A 8 -14.20 -14.99 -7.49
N PRO A 9 -13.05 -15.67 -7.55
CA PRO A 9 -12.72 -16.74 -6.61
C PRO A 9 -12.45 -16.23 -5.20
N ILE A 10 -13.53 -15.96 -4.46
CA ILE A 10 -13.41 -15.47 -3.09
C ILE A 10 -12.19 -14.56 -2.94
N PHE A 11 -11.91 -13.80 -3.98
CA PHE A 11 -10.76 -12.88 -3.96
C PHE A 11 -9.61 -13.47 -3.16
N THR A 12 -9.33 -14.74 -3.39
CA THR A 12 -8.25 -15.43 -2.69
C THR A 12 -7.30 -16.10 -3.66
N ASP A 13 -6.01 -15.82 -3.53
CA ASP A 13 -4.99 -16.40 -4.40
C ASP A 13 -3.60 -16.17 -3.84
N GLU A 14 -2.80 -17.24 -3.80
CA GLU A 14 -1.45 -17.15 -3.28
C GLU A 14 -0.47 -16.78 -4.38
N SER A 15 -0.90 -15.89 -5.27
CA SER A 15 -0.07 -15.44 -6.38
C SER A 15 0.06 -13.92 -6.39
N TYR A 16 0.35 -13.35 -5.23
CA TYR A 16 0.49 -11.91 -5.10
C TYR A 16 1.92 -11.46 -5.39
N LEU A 17 2.87 -12.23 -4.85
CA LEU A 17 4.29 -11.92 -5.05
C LEU A 17 4.56 -11.51 -6.49
N GLU A 18 3.78 -12.04 -7.41
CA GLU A 18 3.93 -11.74 -8.83
C GLU A 18 3.95 -10.23 -9.06
N LEU A 19 2.84 -9.58 -8.74
CA LEU A 19 2.71 -8.13 -8.91
C LEU A 19 3.80 -7.40 -8.13
N TYR A 20 4.26 -8.02 -7.04
CA TYR A 20 5.30 -7.43 -6.21
C TYR A 20 6.63 -7.41 -6.94
N ARG A 21 6.92 -8.47 -7.69
CA ARG A 21 8.16 -8.58 -8.44
C ARG A 21 7.96 -8.13 -9.89
N LYS A 22 7.24 -7.03 -10.06
CA LYS A 22 6.97 -6.49 -11.39
C LYS A 22 7.74 -5.18 -11.61
N GLN A 23 7.81 -4.37 -10.57
CA GLN A 23 8.52 -3.09 -10.65
C GLN A 23 9.90 -3.19 -9.99
N LYS A 24 10.88 -2.52 -10.59
CA LYS A 24 12.24 -2.53 -10.07
C LYS A 24 12.30 -1.83 -8.72
N LYS A 25 11.89 -2.52 -7.67
CA LYS A 25 11.91 -1.97 -6.33
C LYS A 25 12.05 -3.07 -5.28
N HIS A 26 12.59 -2.72 -4.12
CA HIS A 26 12.78 -3.68 -3.04
C HIS A 26 12.12 -3.18 -1.75
N LEU A 27 11.05 -3.85 -1.34
CA LEU A 27 10.33 -3.47 -0.13
C LEU A 27 10.84 -4.26 1.07
N ASN A 28 10.82 -3.62 2.24
CA ASN A 28 11.28 -4.27 3.47
C ASN A 28 10.11 -4.82 4.27
N THR A 29 10.41 -5.45 5.39
CA THR A 29 9.38 -6.02 6.25
C THR A 29 8.18 -5.09 6.35
N GLN A 30 8.38 -3.93 6.95
CA GLN A 30 7.31 -2.95 7.12
C GLN A 30 6.61 -2.70 5.79
N GLN A 31 7.34 -2.13 4.83
CA GLN A 31 6.77 -1.83 3.52
C GLN A 31 5.84 -2.94 3.06
N LEU A 32 6.38 -4.15 2.94
CA LEU A 32 5.60 -5.30 2.50
C LEU A 32 4.34 -5.45 3.34
N THR A 33 4.47 -5.23 4.65
CA THR A 33 3.34 -5.33 5.56
C THR A 33 2.21 -4.38 5.15
N ALA A 34 2.55 -3.11 4.96
CA ALA A 34 1.57 -2.11 4.56
C ALA A 34 0.96 -2.45 3.20
N PHE A 35 1.79 -2.91 2.28
CA PHE A 35 1.33 -3.27 0.95
C PHE A 35 0.19 -4.28 1.02
N GLN A 36 0.44 -5.40 1.69
CA GLN A 36 -0.56 -6.45 1.83
C GLN A 36 -1.84 -5.90 2.44
N LEU A 37 -1.69 -5.16 3.53
CA LEU A 37 -2.84 -4.57 4.22
C LEU A 37 -3.72 -3.78 3.24
N LEU A 38 -3.08 -2.98 2.40
CA LEU A 38 -3.80 -2.17 1.42
C LEU A 38 -4.63 -3.06 0.50
N PHE A 39 -4.00 -4.07 -0.07
CA PHE A 39 -4.67 -4.99 -0.97
C PHE A 39 -5.99 -5.48 -0.37
N ALA A 40 -5.89 -6.13 0.80
CA ALA A 40 -7.07 -6.64 1.49
C ALA A 40 -8.16 -5.58 1.58
N TRP A 41 -7.78 -4.38 1.99
CA TRP A 41 -8.73 -3.28 2.12
C TRP A 41 -9.31 -2.91 0.76
N ARG A 42 -8.48 -2.92 -0.26
CA ARG A 42 -8.92 -2.59 -1.61
C ARG A 42 -10.10 -3.47 -2.04
N ASP A 43 -10.01 -4.75 -1.71
CA ASP A 43 -11.07 -5.69 -2.05
C ASP A 43 -12.32 -5.45 -1.21
N LYS A 44 -12.14 -5.37 0.10
CA LYS A 44 -13.26 -5.13 1.01
C LYS A 44 -14.19 -4.06 0.47
N THR A 45 -13.63 -2.87 0.25
CA THR A 45 -14.42 -1.75 -0.27
C THR A 45 -14.81 -1.99 -1.73
N ALA A 46 -13.88 -2.53 -2.51
CA ALA A 46 -14.13 -2.80 -3.92
C ALA A 46 -15.51 -3.42 -4.12
N ARG A 47 -15.88 -4.33 -3.22
CA ARG A 47 -17.18 -4.99 -3.30
C ARG A 47 -18.30 -4.05 -2.88
N ARG A 48 -18.10 -3.34 -1.77
CA ARG A 48 -19.09 -2.41 -1.26
C ARG A 48 -19.47 -1.38 -2.33
N GLU A 49 -18.47 -0.93 -3.08
CA GLU A 49 -18.70 0.05 -4.14
C GLU A 49 -19.01 -0.63 -5.47
N ASP A 50 -18.89 -1.95 -5.48
CA ASP A 50 -19.15 -2.73 -6.68
C ASP A 50 -18.60 -2.03 -7.91
N GLU A 51 -17.31 -1.69 -7.87
CA GLU A 51 -16.66 -1.02 -8.99
C GLU A 51 -15.36 -1.70 -9.35
N SER A 52 -14.71 -1.23 -10.41
CA SER A 52 -13.45 -1.80 -10.87
C SER A 52 -12.36 -1.60 -9.83
N TYR A 53 -11.68 -2.69 -9.49
CA TYR A 53 -10.60 -2.65 -8.50
C TYR A 53 -9.67 -1.47 -8.76
N GLY A 54 -9.27 -1.31 -10.02
CA GLY A 54 -8.38 -0.22 -10.39
C GLY A 54 -8.90 1.12 -9.93
N TYR A 55 -10.08 1.49 -10.41
CA TYR A 55 -10.69 2.77 -10.03
C TYR A 55 -10.46 3.08 -8.55
N VAL A 56 -10.73 2.10 -7.70
CA VAL A 56 -10.56 2.27 -6.26
C VAL A 56 -9.15 2.76 -5.95
N LEU A 57 -8.16 1.94 -6.25
CA LEU A 57 -6.76 2.30 -6.00
C LEU A 57 -5.83 1.53 -6.92
N PRO A 58 -5.12 2.28 -7.78
CA PRO A 58 -4.17 1.70 -8.74
C PRO A 58 -2.93 1.12 -8.06
N ASN A 59 -2.04 0.55 -8.86
CA ASN A 59 -0.81 -0.04 -8.32
C ASN A 59 0.19 1.04 -7.94
N HIS A 60 0.41 1.99 -8.85
CA HIS A 60 1.34 3.09 -8.60
C HIS A 60 1.01 3.79 -7.28
N MET A 61 -0.26 4.15 -7.10
CA MET A 61 -0.71 4.82 -5.89
C MET A 61 -0.58 3.90 -4.68
N MET A 62 -1.18 2.72 -4.78
CA MET A 62 -1.13 1.75 -3.69
C MET A 62 0.29 1.59 -3.16
N LEU A 63 1.22 1.23 -4.05
CA LEU A 63 2.61 1.04 -3.67
C LEU A 63 3.17 2.31 -3.02
N LYS A 64 3.13 3.41 -3.76
CA LYS A 64 3.63 4.69 -3.27
C LYS A 64 3.32 4.84 -1.78
N ILE A 65 2.09 4.55 -1.40
CA ILE A 65 1.68 4.65 -0.01
C ILE A 65 2.35 3.61 0.85
N ALA A 66 2.22 2.35 0.46
CA ALA A 66 2.83 1.24 1.19
C ALA A 66 4.32 1.49 1.43
N GLU A 67 4.93 2.26 0.53
CA GLU A 67 6.35 2.57 0.64
C GLU A 67 6.57 3.81 1.51
N GLU A 68 5.70 4.81 1.33
CA GLU A 68 5.80 6.05 2.09
C GLU A 68 5.61 5.79 3.58
N LEU A 69 4.79 4.79 3.90
CA LEU A 69 4.51 4.44 5.29
C LEU A 69 4.18 5.69 6.11
N PRO A 70 3.21 6.46 5.63
CA PRO A 70 2.76 7.69 6.30
C PRO A 70 2.02 7.40 7.61
N LYS A 71 2.77 7.38 8.71
CA LYS A 71 2.18 7.11 10.02
C LYS A 71 0.89 7.91 10.20
N GLU A 72 0.82 9.07 9.55
CA GLU A 72 -0.36 9.92 9.65
C GLU A 72 -1.30 9.71 8.47
N PRO A 73 -2.58 10.04 8.65
CA PRO A 73 -3.59 9.88 7.61
C PRO A 73 -3.41 10.87 6.47
N GLN A 74 -2.73 11.98 6.75
CA GLN A 74 -2.48 13.00 5.74
C GLN A 74 -1.61 12.46 4.62
N GLY A 75 -0.55 11.75 4.99
CA GLY A 75 0.35 11.19 3.99
C GLY A 75 -0.38 10.37 2.96
N ILE A 76 -1.47 9.73 3.36
CA ILE A 76 -2.26 8.91 2.46
C ILE A 76 -3.12 9.77 1.54
N ILE A 77 -3.35 11.00 1.94
CA ILE A 77 -4.15 11.93 1.16
C ILE A 77 -3.28 12.74 0.21
N ALA A 78 -2.09 13.10 0.67
CA ALA A 78 -1.16 13.88 -0.15
C ALA A 78 -0.57 13.03 -1.27
N CYS A 79 -0.37 11.75 -1.00
CA CYS A 79 0.18 10.84 -1.99
C CYS A 79 -0.60 10.92 -3.30
N CYS A 80 -1.91 11.12 -3.18
CA CYS A 80 -2.78 11.21 -4.35
C CYS A 80 -3.02 12.67 -4.74
N ASN A 81 -3.23 12.91 -6.03
CA ASN A 81 -3.47 14.25 -6.52
C ASN A 81 -3.94 14.23 -7.97
N PRO A 82 -5.23 14.55 -8.18
CA PRO A 82 -6.14 14.92 -7.10
C PRO A 82 -6.49 13.74 -6.21
N VAL A 83 -7.23 14.01 -5.14
CA VAL A 83 -7.64 12.97 -4.20
C VAL A 83 -9.03 12.44 -4.53
N PRO A 84 -9.14 11.12 -4.68
CA PRO A 84 -10.43 10.47 -5.00
C PRO A 84 -11.41 10.52 -3.83
N PRO A 85 -12.70 10.32 -4.14
CA PRO A 85 -13.76 10.35 -3.13
C PRO A 85 -13.70 9.15 -2.19
N LEU A 86 -12.84 8.19 -2.52
CA LEU A 86 -12.68 7.00 -1.70
C LEU A 86 -11.60 7.20 -0.64
N VAL A 87 -10.35 7.29 -1.09
CA VAL A 87 -9.23 7.48 -0.18
C VAL A 87 -9.61 8.40 0.98
N ARG A 88 -10.25 9.52 0.65
CA ARG A 88 -10.67 10.48 1.67
C ARG A 88 -11.76 9.89 2.56
N GLN A 89 -12.73 9.22 1.95
CA GLN A 89 -13.82 8.61 2.69
C GLN A 89 -13.30 7.54 3.65
N GLN A 90 -12.58 6.57 3.11
CA GLN A 90 -12.03 5.48 3.91
C GLN A 90 -10.63 5.84 4.41
N ILE A 91 -10.29 7.12 4.36
CA ILE A 91 -8.99 7.59 4.80
C ILE A 91 -8.65 7.03 6.18
N ASN A 92 -9.67 6.88 7.02
CA ASN A 92 -9.47 6.36 8.36
C ASN A 92 -8.91 4.94 8.32
N GLU A 93 -9.53 4.08 7.53
CA GLU A 93 -9.09 2.70 7.39
C GLU A 93 -7.65 2.64 6.90
N MET A 94 -7.36 3.36 5.82
CA MET A 94 -6.02 3.38 5.25
C MET A 94 -4.98 3.71 6.32
N HIS A 95 -5.18 4.83 7.00
CA HIS A 95 -4.25 5.25 8.05
C HIS A 95 -3.98 4.12 9.03
N LEU A 96 -5.04 3.46 9.47
CA LEU A 96 -4.91 2.35 10.42
C LEU A 96 -3.93 1.31 9.88
N LEU A 97 -4.08 0.95 8.61
CA LEU A 97 -3.20 -0.04 7.99
C LEU A 97 -1.74 0.38 8.11
N ILE A 98 -1.42 1.56 7.60
CA ILE A 98 -0.05 2.07 7.65
C ILE A 98 0.53 1.92 9.05
N GLN A 99 -0.30 2.17 10.07
CA GLN A 99 0.14 2.07 11.45
C GLN A 99 0.42 0.61 11.82
N GLN A 100 -0.34 -0.31 11.24
CA GLN A 100 -0.17 -1.73 11.51
C GLN A 100 1.11 -2.26 10.88
N ALA A 101 1.56 -1.60 9.82
CA ALA A 101 2.77 -2.00 9.12
C ALA A 101 4.00 -1.35 9.75
N ARG A 102 3.79 -0.24 10.45
CA ARG A 102 4.87 0.47 11.10
C ARG A 102 5.06 0.01 12.54
N GLU A 103 3.94 -0.22 13.23
CA GLU A 103 3.99 -0.67 14.62
C GLU A 103 4.96 -1.83 14.78
N MET A 104 5.03 -2.69 13.76
CA MET A 104 5.92 -3.84 13.79
C MET A 104 7.33 -3.45 13.34
N PRO A 105 8.34 -4.11 13.93
CA PRO A 105 9.74 -3.85 13.61
C PRO A 105 10.12 -4.33 12.22
N LEU A 106 11.42 -4.35 11.92
CA LEU A 106 11.90 -4.79 10.62
C LEU A 106 12.63 -6.13 10.75
N LEU A 107 12.06 -7.16 10.15
CA LEU A 107 12.65 -8.49 10.18
C LEU A 107 12.94 -8.99 8.77
N LYS A 108 14.11 -8.63 8.25
CA LYS A 108 14.51 -9.04 6.91
C LYS A 108 15.95 -8.63 6.62
N SER A 109 16.68 -9.50 5.93
CA SER A 109 18.08 -9.21 5.59
C SER A 109 18.19 -8.67 4.16
N GLU A 110 18.35 -7.36 4.05
CA GLU A 110 18.47 -6.72 2.75
C GLU A 110 19.12 -5.35 2.87
N VAL A 111 20.06 -5.05 1.98
CA VAL A 111 20.76 -3.77 1.98
C VAL A 111 21.57 -3.58 0.71
N ALA A 112 21.47 -2.40 0.13
CA ALA A 112 22.20 -2.08 -1.09
C ALA A 112 22.17 -0.58 -1.38
N ALA A 113 23.32 0.07 -1.25
CA ALA A 113 23.43 1.50 -1.50
C ALA A 113 24.61 1.81 -2.42
N GLY A 114 24.35 1.79 -3.72
CA GLY A 114 25.40 2.09 -4.69
C GLY A 114 25.34 3.50 -5.21
N VAL A 115 26.20 4.37 -4.67
CA VAL A 115 26.24 5.76 -5.08
C VAL A 115 27.50 6.07 -5.89
N LYS A 116 27.30 6.56 -7.10
CA LYS A 116 28.43 6.89 -7.98
C LYS A 116 28.24 8.26 -8.62
N LYS A 117 29.07 9.22 -8.23
CA LYS A 117 29.00 10.57 -8.76
C LYS A 117 30.38 11.22 -8.79
N SER A 118 30.57 12.15 -9.72
CA SER A 118 31.85 12.85 -9.86
C SER A 118 31.63 14.29 -10.28
N SER A 119 32.36 15.21 -9.64
CA SER A 119 32.24 16.63 -9.95
C SER A 119 33.58 17.32 -9.78
N GLY A 120 34.14 17.81 -10.89
CA GLY A 120 35.42 18.49 -10.85
C GLY A 120 35.83 19.03 -12.19
N PRO A 121 35.39 20.26 -12.51
CA PRO A 121 35.71 20.91 -13.79
C PRO A 121 37.18 21.31 -13.89
N SER A 122 37.53 22.00 -14.96
CA SER A 122 38.90 22.44 -15.18
C SER A 122 38.95 23.92 -15.55
N SER A 123 40.16 24.49 -15.54
CA SER A 123 40.34 25.89 -15.87
C SER A 123 41.28 26.05 -17.06
N GLY A 124 41.10 25.21 -18.06
CA GLY A 124 41.93 25.27 -19.26
C GLY A 124 41.14 25.63 -20.50
N GLY A 1 0.82 0.33 -17.31
CA GLY A 1 -0.61 0.12 -17.23
C GLY A 1 -1.00 -1.29 -17.63
N SER A 2 -1.27 -2.12 -16.62
CA SER A 2 -1.66 -3.51 -16.88
C SER A 2 -3.03 -3.58 -17.54
N SER A 3 -3.04 -3.69 -18.86
CA SER A 3 -4.29 -3.76 -19.62
C SER A 3 -4.20 -4.80 -20.73
N GLY A 4 -5.19 -5.67 -20.80
CA GLY A 4 -5.21 -6.70 -21.82
C GLY A 4 -6.60 -6.96 -22.37
N SER A 5 -7.00 -8.23 -22.38
CA SER A 5 -8.32 -8.60 -22.90
C SER A 5 -9.36 -8.59 -21.79
N SER A 6 -8.99 -9.17 -20.65
CA SER A 6 -9.90 -9.23 -19.50
C SER A 6 -9.91 -7.91 -18.75
N GLY A 7 -8.91 -7.08 -19.00
CA GLY A 7 -8.83 -5.78 -18.34
C GLY A 7 -7.76 -5.76 -17.26
N LYS A 8 -8.03 -6.41 -16.13
CA LYS A 8 -7.09 -6.46 -15.02
C LYS A 8 -7.15 -7.81 -14.32
N PRO A 9 -6.05 -8.17 -13.64
CA PRO A 9 -5.95 -9.44 -12.91
C PRO A 9 -6.84 -9.47 -11.68
N ILE A 10 -7.84 -10.35 -11.69
CA ILE A 10 -8.76 -10.48 -10.57
C ILE A 10 -8.11 -11.19 -9.40
N PHE A 11 -8.30 -10.65 -8.20
CA PHE A 11 -7.72 -11.24 -6.99
C PHE A 11 -7.80 -12.77 -7.04
N THR A 12 -9.00 -13.30 -6.85
CA THR A 12 -9.22 -14.74 -6.87
C THR A 12 -8.14 -15.47 -6.08
N ASP A 13 -7.70 -14.86 -4.99
CA ASP A 13 -6.67 -15.44 -4.14
C ASP A 13 -5.64 -16.19 -4.99
N GLU A 14 -5.23 -15.57 -6.10
CA GLU A 14 -4.25 -16.18 -6.98
C GLU A 14 -2.85 -16.07 -6.40
N SER A 15 -2.38 -14.82 -6.28
CA SER A 15 -1.04 -14.56 -5.74
C SER A 15 -0.85 -13.08 -5.47
N TYR A 16 -0.41 -12.76 -4.26
CA TYR A 16 -0.19 -11.37 -3.87
C TYR A 16 1.22 -10.92 -4.24
N LEU A 17 2.20 -11.82 -4.06
CA LEU A 17 3.58 -11.51 -4.39
C LEU A 17 3.70 -10.92 -5.79
N GLU A 18 2.92 -11.47 -6.73
CA GLU A 18 2.94 -11.00 -8.10
C GLU A 18 3.12 -9.48 -8.15
N LEU A 19 2.11 -8.75 -7.71
CA LEU A 19 2.15 -7.29 -7.71
C LEU A 19 3.54 -6.80 -7.32
N TYR A 20 4.04 -7.26 -6.18
CA TYR A 20 5.35 -6.86 -5.69
C TYR A 20 6.42 -7.13 -6.74
N ARG A 21 6.41 -8.34 -7.29
CA ARG A 21 7.38 -8.74 -8.31
C ARG A 21 7.31 -7.80 -9.52
N LYS A 22 6.11 -7.31 -9.81
CA LYS A 22 5.91 -6.41 -10.93
C LYS A 22 7.07 -5.44 -11.07
N GLN A 23 7.46 -4.83 -9.95
CA GLN A 23 8.56 -3.88 -9.95
C GLN A 23 9.87 -4.57 -9.59
N LYS A 24 10.97 -4.07 -10.16
CA LYS A 24 12.29 -4.64 -9.89
C LYS A 24 12.91 -4.02 -8.65
N LYS A 25 12.09 -3.34 -7.86
CA LYS A 25 12.55 -2.70 -6.63
C LYS A 25 12.07 -3.47 -5.41
N HIS A 26 13.01 -4.07 -4.69
CA HIS A 26 12.69 -4.84 -3.49
C HIS A 26 12.14 -3.93 -2.40
N LEU A 27 11.26 -4.48 -1.57
CA LEU A 27 10.66 -3.71 -0.48
C LEU A 27 11.06 -4.29 0.87
N ASN A 28 11.04 -3.45 1.90
CA ASN A 28 11.40 -3.86 3.25
C ASN A 28 10.20 -4.49 3.96
N THR A 29 10.48 -5.19 5.05
CA THR A 29 9.43 -5.85 5.82
C THR A 29 8.21 -4.94 5.95
N GLN A 30 8.39 -3.80 6.61
CA GLN A 30 7.30 -2.85 6.80
C GLN A 30 6.66 -2.47 5.46
N GLN A 31 7.50 -2.18 4.48
CA GLN A 31 7.03 -1.81 3.16
C GLN A 31 6.04 -2.83 2.61
N LEU A 32 6.43 -4.10 2.69
CA LEU A 32 5.58 -5.19 2.20
C LEU A 32 4.33 -5.34 3.08
N THR A 33 4.55 -5.37 4.39
CA THR A 33 3.45 -5.51 5.34
C THR A 33 2.33 -4.53 5.03
N ALA A 34 2.68 -3.25 4.92
CA ALA A 34 1.70 -2.21 4.62
C ALA A 34 1.03 -2.46 3.27
N PHE A 35 1.84 -2.75 2.26
CA PHE A 35 1.32 -3.00 0.92
C PHE A 35 0.22 -4.06 0.95
N GLN A 36 0.46 -5.12 1.71
CA GLN A 36 -0.52 -6.21 1.83
C GLN A 36 -1.82 -5.70 2.43
N LEU A 37 -1.73 -5.08 3.60
CA LEU A 37 -2.91 -4.54 4.27
C LEU A 37 -3.82 -3.79 3.30
N LEU A 38 -3.22 -2.85 2.57
CA LEU A 38 -3.98 -2.05 1.60
C LEU A 38 -4.63 -2.96 0.56
N PHE A 39 -3.83 -3.82 -0.05
CA PHE A 39 -4.33 -4.73 -1.07
C PHE A 39 -5.68 -5.33 -0.65
N ALA A 40 -5.72 -5.91 0.54
CA ALA A 40 -6.94 -6.51 1.06
C ALA A 40 -8.04 -5.47 1.21
N TRP A 41 -7.69 -4.32 1.78
CA TRP A 41 -8.66 -3.24 1.99
C TRP A 41 -9.38 -2.91 0.69
N ARG A 42 -8.61 -2.60 -0.35
CA ARG A 42 -9.18 -2.26 -1.65
C ARG A 42 -10.09 -3.38 -2.15
N ASP A 43 -9.62 -4.62 -2.04
CA ASP A 43 -10.39 -5.77 -2.48
C ASP A 43 -11.75 -5.81 -1.79
N LYS A 44 -11.76 -5.56 -0.49
CA LYS A 44 -13.00 -5.57 0.28
C LYS A 44 -13.92 -4.44 -0.15
N THR A 45 -13.45 -3.20 0.02
CA THR A 45 -14.24 -2.03 -0.36
C THR A 45 -14.75 -2.16 -1.79
N ALA A 46 -13.89 -2.63 -2.69
CA ALA A 46 -14.26 -2.80 -4.08
C ALA A 46 -15.64 -3.45 -4.22
N ARG A 47 -15.90 -4.45 -3.38
CA ARG A 47 -17.17 -5.16 -3.41
C ARG A 47 -18.28 -4.29 -2.83
N ARG A 48 -18.02 -3.70 -1.66
CA ARG A 48 -19.00 -2.85 -1.00
C ARG A 48 -19.48 -1.74 -1.94
N GLU A 49 -18.53 -1.08 -2.60
CA GLU A 49 -18.85 0.00 -3.53
C GLU A 49 -19.28 -0.56 -4.88
N ASP A 50 -18.68 -1.68 -5.27
CA ASP A 50 -19.00 -2.31 -6.55
C ASP A 50 -18.40 -1.53 -7.71
N GLU A 51 -17.18 -1.04 -7.52
CA GLU A 51 -16.50 -0.28 -8.55
C GLU A 51 -15.23 -1.00 -9.02
N SER A 52 -14.73 -0.59 -10.18
CA SER A 52 -13.53 -1.20 -10.74
C SER A 52 -12.34 -1.05 -9.79
N TYR A 53 -11.58 -2.12 -9.64
CA TYR A 53 -10.41 -2.10 -8.76
C TYR A 53 -9.55 -0.88 -9.01
N GLY A 54 -9.17 -0.68 -10.27
CA GLY A 54 -8.35 0.46 -10.63
C GLY A 54 -8.88 1.76 -10.06
N TYR A 55 -10.18 1.97 -10.19
CA TYR A 55 -10.81 3.19 -9.68
C TYR A 55 -10.51 3.39 -8.21
N VAL A 56 -10.86 2.39 -7.40
CA VAL A 56 -10.61 2.45 -5.96
C VAL A 56 -9.19 2.91 -5.66
N LEU A 57 -8.22 2.13 -6.11
CA LEU A 57 -6.81 2.45 -5.88
C LEU A 57 -5.92 1.66 -6.83
N PRO A 58 -5.17 2.37 -7.67
CA PRO A 58 -4.25 1.75 -8.64
C PRO A 58 -3.05 1.10 -7.96
N ASN A 59 -2.25 0.38 -8.74
CA ASN A 59 -1.07 -0.29 -8.22
C ASN A 59 0.02 0.71 -7.87
N HIS A 60 0.32 1.60 -8.81
CA HIS A 60 1.35 2.62 -8.61
C HIS A 60 1.10 3.38 -7.31
N MET A 61 -0.13 3.87 -7.13
CA MET A 61 -0.49 4.61 -5.93
C MET A 61 -0.32 3.76 -4.69
N MET A 62 -0.87 2.55 -4.72
CA MET A 62 -0.78 1.63 -3.59
C MET A 62 0.67 1.48 -3.14
N LEU A 63 1.58 1.34 -4.10
CA LEU A 63 2.99 1.18 -3.79
C LEU A 63 3.54 2.41 -3.06
N LYS A 64 3.46 3.56 -3.71
CA LYS A 64 3.94 4.81 -3.12
C LYS A 64 3.57 4.89 -1.65
N ILE A 65 2.31 4.56 -1.34
CA ILE A 65 1.83 4.60 0.03
C ILE A 65 2.55 3.57 0.89
N ALA A 66 2.53 2.31 0.46
CA ALA A 66 3.19 1.24 1.19
C ALA A 66 4.65 1.58 1.46
N GLU A 67 5.29 2.22 0.49
CA GLU A 67 6.70 2.61 0.63
C GLU A 67 6.85 3.80 1.56
N GLU A 68 5.94 4.76 1.44
CA GLU A 68 5.97 5.95 2.27
C GLU A 68 5.80 5.60 3.74
N LEU A 69 4.73 4.87 4.04
CA LEU A 69 4.45 4.45 5.41
C LEU A 69 4.22 5.67 6.30
N PRO A 70 3.28 6.54 5.90
CA PRO A 70 2.95 7.76 6.64
C PRO A 70 2.22 7.44 7.96
N LYS A 71 2.77 7.94 9.06
CA LYS A 71 2.18 7.72 10.37
C LYS A 71 0.86 8.47 10.51
N GLU A 72 0.70 9.53 9.70
CA GLU A 72 -0.51 10.33 9.73
C GLU A 72 -1.40 10.02 8.53
N PRO A 73 -2.71 10.31 8.68
CA PRO A 73 -3.69 10.06 7.62
C PRO A 73 -3.51 11.00 6.43
N GLN A 74 -2.55 11.90 6.54
CA GLN A 74 -2.27 12.86 5.47
C GLN A 74 -1.48 12.21 4.35
N GLY A 75 -0.38 11.56 4.70
CA GLY A 75 0.45 10.90 3.71
C GLY A 75 -0.36 10.02 2.77
N ILE A 76 -1.40 9.39 3.30
CA ILE A 76 -2.25 8.52 2.50
C ILE A 76 -3.08 9.34 1.49
N ILE A 77 -3.31 10.60 1.82
CA ILE A 77 -4.09 11.48 0.96
C ILE A 77 -3.19 12.20 -0.05
N ALA A 78 -1.94 12.46 0.36
CA ALA A 78 -0.99 13.13 -0.50
C ALA A 78 -0.71 12.31 -1.76
N CYS A 79 -0.38 11.04 -1.57
CA CYS A 79 -0.09 10.15 -2.69
C CYS A 79 -1.10 10.35 -3.82
N CYS A 80 -2.35 10.60 -3.45
CA CYS A 80 -3.41 10.80 -4.43
C CYS A 80 -3.53 12.29 -4.79
N ASN A 81 -3.58 12.57 -6.09
CA ASN A 81 -3.69 13.95 -6.57
C ASN A 81 -4.14 13.99 -8.02
N PRO A 82 -5.42 14.33 -8.24
CA PRO A 82 -6.34 14.66 -7.16
C PRO A 82 -6.71 13.44 -6.32
N VAL A 83 -7.39 13.69 -5.20
CA VAL A 83 -7.81 12.60 -4.31
C VAL A 83 -9.25 12.20 -4.58
N PRO A 84 -9.48 10.90 -4.78
CA PRO A 84 -10.82 10.36 -5.05
C PRO A 84 -11.72 10.42 -3.82
N PRO A 85 -13.03 10.25 -4.05
CA PRO A 85 -14.02 10.27 -2.97
C PRO A 85 -13.92 9.06 -2.05
N LEU A 86 -13.03 8.15 -2.38
CA LEU A 86 -12.82 6.94 -1.59
C LEU A 86 -11.65 7.12 -0.62
N VAL A 87 -10.44 7.14 -1.17
CA VAL A 87 -9.25 7.31 -0.36
C VAL A 87 -9.49 8.26 0.81
N ARG A 88 -10.25 9.33 0.55
CA ARG A 88 -10.55 10.31 1.57
C ARG A 88 -11.65 9.80 2.50
N GLN A 89 -12.71 9.25 1.91
CA GLN A 89 -13.83 8.72 2.69
C GLN A 89 -13.36 7.67 3.68
N GLN A 90 -12.71 6.62 3.17
CA GLN A 90 -12.20 5.55 4.02
C GLN A 90 -10.78 5.83 4.46
N ILE A 91 -10.38 7.11 4.41
CA ILE A 91 -9.04 7.50 4.81
C ILE A 91 -8.69 6.95 6.19
N ASN A 92 -9.61 7.10 7.13
CA ASN A 92 -9.39 6.62 8.49
C ASN A 92 -8.88 5.18 8.48
N GLU A 93 -9.57 4.31 7.74
CA GLU A 93 -9.18 2.92 7.65
C GLU A 93 -7.76 2.78 7.12
N MET A 94 -7.50 3.37 5.96
CA MET A 94 -6.18 3.32 5.34
C MET A 94 -5.10 3.69 6.35
N HIS A 95 -5.27 4.83 7.00
CA HIS A 95 -4.31 5.30 7.99
C HIS A 95 -3.97 4.19 9.00
N LEU A 96 -5.01 3.63 9.61
CA LEU A 96 -4.84 2.56 10.59
C LEU A 96 -3.92 1.47 10.05
N LEU A 97 -4.15 1.09 8.80
CA LEU A 97 -3.34 0.06 8.16
C LEU A 97 -1.85 0.43 8.19
N ILE A 98 -1.55 1.63 7.76
CA ILE A 98 -0.17 2.11 7.73
C ILE A 98 0.48 1.97 9.11
N GLN A 99 -0.29 2.26 10.15
CA GLN A 99 0.20 2.18 11.52
C GLN A 99 0.36 0.72 11.94
N GLN A 100 -0.52 -0.14 11.45
CA GLN A 100 -0.49 -1.55 11.78
C GLN A 100 0.82 -2.20 11.29
N ALA A 101 1.29 -1.73 10.13
CA ALA A 101 2.53 -2.25 9.55
C ALA A 101 3.75 -1.61 10.20
N ARG A 102 3.64 -0.32 10.50
CA ARG A 102 4.74 0.42 11.11
C ARG A 102 4.88 0.05 12.59
N GLU A 103 3.78 -0.30 13.22
CA GLU A 103 3.78 -0.68 14.63
C GLU A 103 4.70 -1.88 14.87
N MET A 104 4.61 -2.86 13.97
CA MET A 104 5.43 -4.06 14.08
C MET A 104 6.89 -3.76 13.75
N PRO A 105 7.80 -4.45 14.46
CA PRO A 105 9.25 -4.27 14.26
C PRO A 105 9.72 -4.82 12.92
N LEU A 106 10.92 -4.39 12.51
CA LEU A 106 11.48 -4.84 11.25
C LEU A 106 12.18 -6.19 11.41
N LEU A 107 11.49 -7.26 11.04
CA LEU A 107 12.04 -8.61 11.14
C LEU A 107 13.48 -8.64 10.65
N LYS A 108 13.70 -8.16 9.44
CA LYS A 108 15.03 -8.13 8.85
C LYS A 108 15.89 -7.07 9.52
N SER A 109 17.19 -7.37 9.67
CA SER A 109 18.12 -6.46 10.30
C SER A 109 17.86 -5.03 9.85
N GLU A 110 17.81 -4.10 10.80
CA GLU A 110 17.56 -2.69 10.49
C GLU A 110 17.94 -1.81 11.68
N VAL A 111 18.17 -0.53 11.42
CA VAL A 111 18.53 0.42 12.46
C VAL A 111 18.57 1.84 11.91
N ALA A 112 18.25 2.81 12.77
CA ALA A 112 18.26 4.21 12.38
C ALA A 112 18.42 5.12 13.59
N ALA A 113 19.43 5.98 13.56
CA ALA A 113 19.68 6.90 14.66
C ALA A 113 19.79 8.34 14.15
N GLY A 114 18.66 8.99 13.96
CA GLY A 114 18.66 10.36 13.48
C GLY A 114 17.43 11.14 13.94
N VAL A 115 17.40 11.45 15.23
CA VAL A 115 16.29 12.21 15.81
C VAL A 115 16.78 13.34 16.69
N LYS A 116 16.08 14.47 16.64
CA LYS A 116 16.45 15.63 17.44
C LYS A 116 15.41 16.74 17.30
N LYS A 117 15.19 17.48 18.38
CA LYS A 117 14.23 18.58 18.38
C LYS A 117 14.45 19.50 19.57
N SER A 118 14.62 20.79 19.28
CA SER A 118 14.85 21.77 20.33
C SER A 118 13.81 22.89 20.26
N SER A 119 13.18 23.18 21.39
CA SER A 119 12.16 24.21 21.46
C SER A 119 11.78 24.52 22.90
N GLY A 120 11.93 25.78 23.30
CA GLY A 120 11.60 26.18 24.65
C GLY A 120 12.48 27.31 25.15
N PRO A 121 11.96 28.55 25.05
CA PRO A 121 12.68 29.74 25.49
C PRO A 121 12.82 29.82 27.01
N SER A 122 13.80 30.58 27.47
CA SER A 122 14.04 30.74 28.91
C SER A 122 14.00 32.20 29.31
N SER A 123 13.06 32.55 30.19
CA SER A 123 12.91 33.92 30.65
C SER A 123 11.84 34.01 31.73
N GLY A 124 11.89 35.09 32.52
CA GLY A 124 10.92 35.28 33.58
C GLY A 124 11.58 35.63 34.90
N GLY A 1 -16.40 0.10 -29.51
CA GLY A 1 -15.93 -0.62 -28.34
C GLY A 1 -15.27 0.29 -27.32
N SER A 2 -15.06 -0.23 -26.12
CA SER A 2 -14.44 0.55 -25.05
C SER A 2 -13.05 0.00 -24.71
N SER A 3 -12.03 0.53 -25.37
CA SER A 3 -10.66 0.10 -25.15
C SER A 3 -10.42 -0.17 -23.66
N GLY A 4 -9.57 -1.15 -23.39
CA GLY A 4 -9.26 -1.50 -22.01
C GLY A 4 -9.48 -2.97 -21.71
N SER A 5 -10.65 -3.48 -22.10
CA SER A 5 -10.99 -4.88 -21.87
C SER A 5 -9.76 -5.77 -22.05
N SER A 6 -8.98 -5.49 -23.09
CA SER A 6 -7.78 -6.27 -23.37
C SER A 6 -7.09 -6.69 -22.08
N GLY A 7 -6.93 -5.75 -21.17
CA GLY A 7 -6.29 -6.03 -19.90
C GLY A 7 -6.95 -5.32 -18.73
N LYS A 8 -7.03 -6.01 -17.59
CA LYS A 8 -7.64 -5.44 -16.41
C LYS A 8 -7.06 -6.06 -15.14
N PRO A 9 -6.83 -5.22 -14.12
CA PRO A 9 -6.27 -5.67 -12.83
C PRO A 9 -7.26 -6.52 -12.04
N ILE A 10 -6.92 -7.79 -11.88
CA ILE A 10 -7.77 -8.72 -11.14
C ILE A 10 -7.03 -9.36 -9.98
N PHE A 11 -7.76 -9.71 -8.92
CA PHE A 11 -7.16 -10.33 -7.75
C PHE A 11 -6.92 -11.82 -7.99
N THR A 12 -6.37 -12.15 -9.15
CA THR A 12 -6.10 -13.54 -9.49
C THR A 12 -4.69 -13.95 -9.07
N ASP A 13 -4.28 -13.48 -7.90
CA ASP A 13 -2.95 -13.80 -7.38
C ASP A 13 -2.78 -13.26 -5.96
N GLU A 14 -1.89 -13.88 -5.20
CA GLU A 14 -1.63 -13.46 -3.83
C GLU A 14 -0.26 -12.81 -3.70
N SER A 15 0.77 -13.49 -4.21
CA SER A 15 2.13 -12.98 -4.16
C SER A 15 2.80 -13.10 -5.52
N TYR A 16 2.50 -12.16 -6.41
CA TYR A 16 3.07 -12.16 -7.75
C TYR A 16 4.23 -11.18 -7.84
N LEU A 17 5.15 -11.45 -8.76
CA LEU A 17 6.31 -10.59 -8.95
C LEU A 17 5.97 -9.39 -9.82
N GLU A 18 5.33 -9.66 -10.96
CA GLU A 18 4.94 -8.59 -11.88
C GLU A 18 4.45 -7.37 -11.12
N LEU A 19 3.81 -7.60 -9.97
CA LEU A 19 3.29 -6.53 -9.15
C LEU A 19 4.32 -6.08 -8.11
N TYR A 20 4.95 -7.04 -7.46
CA TYR A 20 5.95 -6.76 -6.45
C TYR A 20 7.10 -5.92 -7.04
N ARG A 21 7.75 -6.47 -8.06
CA ARG A 21 8.85 -5.78 -8.71
C ARG A 21 8.36 -4.87 -9.83
N LYS A 22 7.36 -4.05 -9.52
CA LYS A 22 6.78 -3.13 -10.49
C LYS A 22 7.47 -1.76 -10.42
N GLN A 23 7.45 -1.16 -9.22
CA GLN A 23 8.06 0.14 -9.02
C GLN A 23 9.59 0.03 -8.97
N LYS A 24 10.27 1.08 -9.40
CA LYS A 24 11.73 1.09 -9.41
C LYS A 24 12.28 0.66 -8.05
N LYS A 25 11.79 1.29 -6.99
CA LYS A 25 12.24 0.96 -5.64
C LYS A 25 11.84 -0.46 -5.27
N HIS A 26 12.36 -0.94 -4.14
CA HIS A 26 12.07 -2.29 -3.67
C HIS A 26 11.65 -2.27 -2.20
N LEU A 27 10.93 -3.31 -1.78
CA LEU A 27 10.46 -3.41 -0.40
C LEU A 27 11.35 -4.35 0.40
N ASN A 28 11.26 -4.26 1.72
CA ASN A 28 12.06 -5.10 2.61
C ASN A 28 11.18 -5.86 3.59
N THR A 29 10.61 -5.13 4.55
CA THR A 29 9.74 -5.72 5.56
C THR A 29 8.49 -4.87 5.77
N GLN A 30 8.65 -3.74 6.43
CA GLN A 30 7.53 -2.85 6.70
C GLN A 30 6.77 -2.52 5.41
N GLN A 31 7.48 -1.91 4.47
CA GLN A 31 6.87 -1.54 3.18
C GLN A 31 5.96 -2.66 2.68
N LEU A 32 6.41 -3.90 2.81
CA LEU A 32 5.63 -5.05 2.36
C LEU A 32 4.36 -5.19 3.18
N THR A 33 4.51 -5.23 4.50
CA THR A 33 3.36 -5.36 5.40
C THR A 33 2.25 -4.40 5.01
N ALA A 34 2.61 -3.15 4.75
CA ALA A 34 1.64 -2.13 4.37
C ALA A 34 1.02 -2.45 3.00
N PHE A 35 1.88 -2.76 2.04
CA PHE A 35 1.43 -3.08 0.68
C PHE A 35 0.32 -4.13 0.73
N GLN A 36 0.53 -5.17 1.53
CA GLN A 36 -0.44 -6.24 1.65
C GLN A 36 -1.75 -5.74 2.27
N LEU A 37 -1.63 -5.08 3.42
CA LEU A 37 -2.79 -4.55 4.11
C LEU A 37 -3.69 -3.78 3.15
N LEU A 38 -3.08 -2.88 2.37
CA LEU A 38 -3.83 -2.08 1.41
C LEU A 38 -4.53 -2.97 0.38
N PHE A 39 -3.80 -3.94 -0.14
CA PHE A 39 -4.34 -4.86 -1.13
C PHE A 39 -5.68 -5.42 -0.67
N ALA A 40 -5.72 -5.89 0.57
CA ALA A 40 -6.95 -6.45 1.14
C ALA A 40 -8.06 -5.41 1.17
N TRP A 41 -7.76 -4.26 1.76
CA TRP A 41 -8.74 -3.18 1.87
C TRP A 41 -9.34 -2.85 0.50
N ARG A 42 -8.48 -2.81 -0.51
CA ARG A 42 -8.92 -2.49 -1.87
C ARG A 42 -9.97 -3.49 -2.34
N ASP A 43 -9.61 -4.77 -2.36
CA ASP A 43 -10.53 -5.82 -2.78
C ASP A 43 -11.84 -5.75 -2.00
N LYS A 44 -11.72 -5.66 -0.67
CA LYS A 44 -12.89 -5.60 0.20
C LYS A 44 -13.77 -4.41 -0.17
N THR A 45 -13.23 -3.20 0.00
CA THR A 45 -13.98 -1.98 -0.31
C THR A 45 -14.56 -2.05 -1.72
N ALA A 46 -13.79 -2.60 -2.66
CA ALA A 46 -14.23 -2.72 -4.04
C ALA A 46 -15.61 -3.37 -4.13
N ARG A 47 -15.81 -4.42 -3.33
CA ARG A 47 -17.09 -5.12 -3.32
C ARG A 47 -18.20 -4.23 -2.79
N ARG A 48 -18.03 -3.75 -1.56
CA ARG A 48 -19.02 -2.88 -0.93
C ARG A 48 -19.36 -1.70 -1.83
N GLU A 49 -18.34 -1.16 -2.49
CA GLU A 49 -18.54 -0.02 -3.38
C GLU A 49 -19.15 -0.48 -4.71
N ASP A 50 -18.92 -1.73 -5.06
CA ASP A 50 -19.45 -2.29 -6.30
C ASP A 50 -18.90 -1.53 -7.51
N GLU A 51 -17.59 -1.29 -7.51
CA GLU A 51 -16.95 -0.57 -8.60
C GLU A 51 -15.70 -1.31 -9.07
N SER A 52 -15.11 -0.83 -10.16
CA SER A 52 -13.91 -1.45 -10.72
C SER A 52 -12.78 -1.45 -9.69
N TYR A 53 -12.12 -2.60 -9.56
CA TYR A 53 -11.01 -2.73 -8.62
C TYR A 53 -10.00 -1.60 -8.79
N GLY A 54 -9.60 -1.36 -10.03
CA GLY A 54 -8.64 -0.30 -10.33
C GLY A 54 -9.10 1.05 -9.81
N TYR A 55 -10.31 1.44 -10.18
CA TYR A 55 -10.86 2.72 -9.76
C TYR A 55 -10.55 2.99 -8.30
N VAL A 56 -10.97 2.09 -7.43
CA VAL A 56 -10.73 2.22 -5.99
C VAL A 56 -9.32 2.72 -5.72
N LEU A 57 -8.33 1.96 -6.15
CA LEU A 57 -6.93 2.33 -5.94
C LEU A 57 -6.02 1.51 -6.85
N PRO A 58 -5.28 2.21 -7.74
CA PRO A 58 -4.35 1.56 -8.68
C PRO A 58 -3.14 0.98 -7.98
N ASN A 59 -2.28 0.30 -8.74
CA ASN A 59 -1.07 -0.30 -8.19
C ASN A 59 -0.03 0.77 -7.87
N HIS A 60 0.43 1.48 -8.89
CA HIS A 60 1.43 2.52 -8.71
C HIS A 60 1.17 3.30 -7.42
N MET A 61 -0.07 3.73 -7.22
CA MET A 61 -0.44 4.47 -6.03
C MET A 61 -0.28 3.61 -4.78
N MET A 62 -1.00 2.50 -4.73
CA MET A 62 -0.94 1.59 -3.60
C MET A 62 0.49 1.48 -3.06
N LEU A 63 1.41 1.07 -3.93
CA LEU A 63 2.80 0.93 -3.55
C LEU A 63 3.36 2.25 -3.02
N LYS A 64 3.16 3.31 -3.78
CA LYS A 64 3.64 4.63 -3.39
C LYS A 64 3.36 4.90 -1.91
N ILE A 65 2.12 4.69 -1.50
CA ILE A 65 1.72 4.91 -0.12
C ILE A 65 2.40 3.90 0.81
N ALA A 66 2.15 2.61 0.55
CA ALA A 66 2.74 1.56 1.36
C ALA A 66 4.21 1.84 1.67
N GLU A 67 4.92 2.37 0.68
CA GLU A 67 6.33 2.69 0.85
C GLU A 67 6.51 3.91 1.76
N GLU A 68 5.71 4.95 1.52
CA GLU A 68 5.79 6.17 2.32
C GLU A 68 5.63 5.85 3.80
N LEU A 69 4.64 5.03 4.13
CA LEU A 69 4.38 4.65 5.51
C LEU A 69 4.01 5.87 6.35
N PRO A 70 2.98 6.61 5.90
CA PRO A 70 2.50 7.81 6.59
C PRO A 70 1.82 7.47 7.92
N LYS A 71 2.32 8.06 9.00
CA LYS A 71 1.75 7.83 10.32
C LYS A 71 0.38 8.46 10.45
N GLU A 72 0.23 9.67 9.92
CA GLU A 72 -1.03 10.39 9.96
C GLU A 72 -1.86 10.13 8.70
N PRO A 73 -3.17 10.41 8.79
CA PRO A 73 -4.09 10.21 7.66
C PRO A 73 -3.85 11.21 6.53
N GLN A 74 -3.03 12.21 6.81
CA GLN A 74 -2.71 13.23 5.81
C GLN A 74 -1.69 12.72 4.81
N GLY A 75 -0.66 12.04 5.31
CA GLY A 75 0.38 11.51 4.45
C GLY A 75 -0.18 10.64 3.35
N ILE A 76 -1.28 9.94 3.64
CA ILE A 76 -1.91 9.07 2.66
C ILE A 76 -2.59 9.87 1.56
N ILE A 77 -3.12 11.04 1.94
CA ILE A 77 -3.79 11.90 0.98
C ILE A 77 -2.80 12.65 0.10
N ALA A 78 -1.69 13.08 0.71
CA ALA A 78 -0.66 13.80 -0.02
C ALA A 78 -0.23 13.04 -1.26
N CYS A 79 -0.20 11.71 -1.16
CA CYS A 79 0.20 10.87 -2.28
C CYS A 79 -0.74 11.06 -3.47
N CYS A 80 -2.00 10.68 -3.30
CA CYS A 80 -2.99 10.82 -4.36
C CYS A 80 -3.19 12.28 -4.73
N ASN A 81 -3.07 12.58 -6.02
CA ASN A 81 -3.23 13.95 -6.50
C ASN A 81 -3.64 13.96 -7.98
N PRO A 82 -4.92 14.25 -8.23
CA PRO A 82 -5.90 14.54 -7.17
C PRO A 82 -6.24 13.30 -6.35
N VAL A 83 -6.97 13.52 -5.25
CA VAL A 83 -7.37 12.42 -4.38
C VAL A 83 -8.76 11.91 -4.73
N PRO A 84 -8.90 10.57 -4.78
CA PRO A 84 -10.18 9.93 -5.10
C PRO A 84 -11.22 10.10 -3.99
N PRO A 85 -12.49 9.87 -4.33
CA PRO A 85 -13.60 9.99 -3.38
C PRO A 85 -13.58 8.89 -2.32
N LEU A 86 -12.68 7.92 -2.49
CA LEU A 86 -12.56 6.82 -1.56
C LEU A 86 -11.45 7.09 -0.54
N VAL A 87 -10.21 7.10 -1.01
CA VAL A 87 -9.06 7.35 -0.14
C VAL A 87 -9.38 8.44 0.88
N ARG A 88 -10.16 9.43 0.47
CA ARG A 88 -10.54 10.52 1.36
C ARG A 88 -11.64 10.10 2.33
N GLN A 89 -12.64 9.39 1.79
CA GLN A 89 -13.75 8.92 2.61
C GLN A 89 -13.28 7.93 3.67
N GLN A 90 -12.69 6.82 3.21
CA GLN A 90 -12.20 5.79 4.11
C GLN A 90 -10.75 6.07 4.49
N ILE A 91 -10.37 7.34 4.50
CA ILE A 91 -9.01 7.74 4.85
C ILE A 91 -8.62 7.20 6.22
N ASN A 92 -9.55 7.24 7.16
CA ASN A 92 -9.30 6.76 8.51
C ASN A 92 -8.83 5.30 8.49
N GLU A 93 -9.52 4.47 7.71
CA GLU A 93 -9.17 3.06 7.60
C GLU A 93 -7.76 2.89 7.04
N MET A 94 -7.47 3.58 5.94
CA MET A 94 -6.16 3.51 5.32
C MET A 94 -5.06 3.83 6.33
N HIS A 95 -5.22 4.93 7.05
CA HIS A 95 -4.24 5.35 8.05
C HIS A 95 -3.99 4.23 9.05
N LEU A 96 -5.07 3.59 9.50
CA LEU A 96 -4.95 2.51 10.47
C LEU A 96 -4.06 1.39 9.94
N LEU A 97 -4.30 0.98 8.69
CA LEU A 97 -3.52 -0.07 8.08
C LEU A 97 -2.03 0.24 8.14
N ILE A 98 -1.65 1.41 7.62
CA ILE A 98 -0.25 1.84 7.62
C ILE A 98 0.37 1.67 9.01
N GLN A 99 -0.35 2.15 10.03
CA GLN A 99 0.14 2.06 11.40
C GLN A 99 0.41 0.61 11.79
N GLN A 100 -0.46 -0.30 11.33
CA GLN A 100 -0.31 -1.71 11.64
C GLN A 100 1.01 -2.25 11.09
N ALA A 101 1.33 -1.88 9.85
CA ALA A 101 2.57 -2.33 9.21
C ALA A 101 3.78 -1.81 9.96
N ARG A 102 3.72 -0.54 10.38
CA ARG A 102 4.83 0.07 11.10
C ARG A 102 4.97 -0.53 12.50
N GLU A 103 3.83 -0.75 13.15
CA GLU A 103 3.82 -1.32 14.50
C GLU A 103 4.92 -2.36 14.65
N MET A 104 5.00 -3.28 13.69
CA MET A 104 6.00 -4.33 13.71
C MET A 104 7.38 -3.79 13.34
N PRO A 105 8.43 -4.38 13.93
CA PRO A 105 9.81 -3.96 13.68
C PRO A 105 10.27 -4.32 12.27
N LEU A 106 11.52 -3.99 11.96
CA LEU A 106 12.08 -4.27 10.66
C LEU A 106 13.01 -5.49 10.72
N LEU A 107 12.52 -6.62 10.22
CA LEU A 107 13.31 -7.86 10.22
C LEU A 107 14.59 -7.68 9.42
N LYS A 108 14.48 -7.03 8.27
CA LYS A 108 15.64 -6.79 7.41
C LYS A 108 16.52 -5.68 7.98
N SER A 109 17.83 -5.82 7.79
CA SER A 109 18.78 -4.83 8.29
C SER A 109 19.29 -3.95 7.15
N GLU A 110 18.53 -2.90 6.83
CA GLU A 110 18.90 -1.98 5.76
C GLU A 110 19.39 -0.66 6.34
N VAL A 111 20.70 -0.46 6.32
CA VAL A 111 21.30 0.77 6.83
C VAL A 111 21.45 1.80 5.73
N ALA A 112 21.23 3.08 6.08
CA ALA A 112 21.35 4.16 5.12
C ALA A 112 21.44 5.51 5.83
N ALA A 113 22.28 6.40 5.29
CA ALA A 113 22.45 7.72 5.87
C ALA A 113 21.99 8.82 4.90
N GLY A 114 21.26 9.79 5.42
CA GLY A 114 20.77 10.88 4.59
C GLY A 114 19.40 11.36 5.00
N VAL A 115 19.21 11.59 6.29
CA VAL A 115 17.93 12.06 6.81
C VAL A 115 18.13 13.15 7.86
N LYS A 116 17.24 14.13 7.85
CA LYS A 116 17.30 15.23 8.81
C LYS A 116 18.64 15.94 8.70
N LYS A 117 19.12 16.15 7.48
CA LYS A 117 20.39 16.83 7.25
C LYS A 117 20.54 18.03 8.18
N SER A 118 21.77 18.30 8.59
CA SER A 118 22.06 19.42 9.48
C SER A 118 21.52 20.73 8.88
N SER A 119 21.49 21.77 9.71
CA SER A 119 20.99 23.07 9.27
C SER A 119 21.94 24.19 9.70
N GLY A 120 22.23 25.09 8.78
CA GLY A 120 23.13 26.20 9.08
C GLY A 120 22.39 27.42 9.58
N PRO A 121 21.75 28.15 8.67
CA PRO A 121 20.99 29.37 9.00
C PRO A 121 19.73 29.06 9.79
N SER A 122 19.36 29.96 10.69
CA SER A 122 18.17 29.78 11.51
C SER A 122 17.62 31.13 11.97
N SER A 123 16.48 31.10 12.66
CA SER A 123 15.86 32.31 13.16
C SER A 123 14.76 31.99 14.17
N GLY A 124 14.24 33.02 14.82
CA GLY A 124 13.19 32.81 15.80
C GLY A 124 12.91 34.07 16.62
N GLY A 1 -25.49 -6.78 -16.88
CA GLY A 1 -24.33 -6.34 -17.64
C GLY A 1 -23.36 -7.47 -17.93
N SER A 2 -23.85 -8.49 -18.63
CA SER A 2 -23.02 -9.65 -18.98
C SER A 2 -21.65 -9.20 -19.50
N SER A 3 -20.65 -9.23 -18.62
CA SER A 3 -19.31 -8.82 -18.99
C SER A 3 -18.49 -10.02 -19.47
N GLY A 4 -18.65 -10.35 -20.75
CA GLY A 4 -17.94 -11.48 -21.32
C GLY A 4 -18.07 -12.74 -20.49
N SER A 5 -17.35 -13.79 -20.88
CA SER A 5 -17.41 -15.06 -20.17
C SER A 5 -16.13 -15.29 -19.36
N SER A 6 -16.17 -14.91 -18.09
CA SER A 6 -15.02 -15.07 -17.21
C SER A 6 -15.44 -15.63 -15.86
N GLY A 7 -14.63 -16.54 -15.32
CA GLY A 7 -14.94 -17.14 -14.04
C GLY A 7 -14.99 -16.11 -12.92
N LYS A 8 -13.83 -15.61 -12.52
CA LYS A 8 -13.76 -14.62 -11.45
C LYS A 8 -12.35 -14.05 -11.34
N PRO A 9 -12.25 -12.82 -10.83
CA PRO A 9 -10.96 -12.13 -10.66
C PRO A 9 -10.12 -12.75 -9.56
N ILE A 10 -8.80 -12.72 -9.74
CA ILE A 10 -7.88 -13.28 -8.76
C ILE A 10 -7.38 -12.22 -7.79
N PHE A 11 -8.11 -12.03 -6.70
CA PHE A 11 -7.75 -11.03 -5.70
C PHE A 11 -7.57 -11.69 -4.33
N THR A 12 -6.66 -12.64 -4.25
CA THR A 12 -6.41 -13.35 -3.00
C THR A 12 -5.31 -12.66 -2.19
N ASP A 13 -5.50 -12.59 -0.88
CA ASP A 13 -4.53 -11.95 0.00
C ASP A 13 -3.10 -12.19 -0.50
N GLU A 14 -2.84 -13.41 -0.96
CA GLU A 14 -1.52 -13.76 -1.47
C GLU A 14 -1.54 -13.93 -2.98
N SER A 15 -1.21 -12.85 -3.69
CA SER A 15 -1.20 -12.88 -5.15
C SER A 15 0.16 -13.34 -5.68
N TYR A 16 0.20 -13.69 -6.95
CA TYR A 16 1.43 -14.16 -7.57
C TYR A 16 2.58 -13.18 -7.32
N LEU A 17 3.64 -13.68 -6.70
CA LEU A 17 4.81 -12.85 -6.39
C LEU A 17 5.07 -11.85 -7.51
N GLU A 18 4.67 -12.20 -8.72
CA GLU A 18 4.86 -11.32 -9.87
C GLU A 18 4.54 -9.87 -9.52
N LEU A 19 3.49 -9.68 -8.73
CA LEU A 19 3.09 -8.35 -8.31
C LEU A 19 4.07 -7.76 -7.30
N TYR A 20 4.30 -8.51 -6.22
CA TYR A 20 5.22 -8.07 -5.18
C TYR A 20 6.38 -7.28 -5.77
N ARG A 21 7.19 -7.96 -6.58
CA ARG A 21 8.35 -7.33 -7.21
C ARG A 21 8.13 -7.18 -8.72
N LYS A 22 7.41 -6.14 -9.11
CA LYS A 22 7.13 -5.89 -10.52
C LYS A 22 7.72 -4.55 -10.97
N GLN A 23 8.88 -4.61 -11.61
CA GLN A 23 9.55 -3.41 -12.09
C GLN A 23 9.76 -2.41 -10.95
N LYS A 24 10.08 -2.94 -9.78
CA LYS A 24 10.32 -2.10 -8.60
C LYS A 24 11.21 -2.80 -7.60
N LYS A 25 12.23 -2.09 -7.11
CA LYS A 25 13.15 -2.65 -6.13
C LYS A 25 12.42 -3.50 -5.10
N HIS A 26 13.12 -4.47 -4.52
CA HIS A 26 12.53 -5.34 -3.52
C HIS A 26 12.14 -4.55 -2.27
N LEU A 27 10.91 -4.73 -1.83
CA LEU A 27 10.41 -4.03 -0.64
C LEU A 27 10.92 -4.70 0.63
N ASN A 28 10.91 -3.94 1.73
CA ASN A 28 11.37 -4.45 3.01
C ASN A 28 10.21 -5.05 3.81
N THR A 29 10.51 -5.52 5.01
CA THR A 29 9.49 -6.12 5.87
C THR A 29 8.28 -5.20 6.01
N GLN A 30 8.48 -4.08 6.68
CA GLN A 30 7.40 -3.10 6.88
C GLN A 30 6.68 -2.82 5.58
N GLN A 31 7.40 -2.27 4.60
CA GLN A 31 6.82 -1.95 3.30
C GLN A 31 5.84 -3.03 2.86
N LEU A 32 6.33 -4.26 2.76
CA LEU A 32 5.48 -5.38 2.35
C LEU A 32 4.21 -5.44 3.19
N THR A 33 4.38 -5.48 4.51
CA THR A 33 3.24 -5.54 5.42
C THR A 33 2.16 -4.54 5.03
N ALA A 34 2.58 -3.31 4.77
CA ALA A 34 1.64 -2.25 4.37
C ALA A 34 1.00 -2.56 3.02
N PHE A 35 1.83 -3.01 2.07
CA PHE A 35 1.34 -3.34 0.74
C PHE A 35 0.22 -4.38 0.81
N GLN A 36 0.44 -5.42 1.61
CA GLN A 36 -0.55 -6.48 1.77
C GLN A 36 -1.85 -5.94 2.35
N LEU A 37 -1.73 -5.15 3.43
CA LEU A 37 -2.90 -4.57 4.07
C LEU A 37 -3.75 -3.78 3.07
N LEU A 38 -3.10 -2.83 2.40
CA LEU A 38 -3.79 -2.00 1.42
C LEU A 38 -4.55 -2.86 0.41
N PHE A 39 -3.87 -3.86 -0.14
CA PHE A 39 -4.48 -4.75 -1.12
C PHE A 39 -5.80 -5.32 -0.59
N ALA A 40 -5.72 -6.01 0.54
CA ALA A 40 -6.91 -6.60 1.16
C ALA A 40 -8.04 -5.58 1.25
N TRP A 41 -7.75 -4.43 1.83
CA TRP A 41 -8.74 -3.37 1.98
C TRP A 41 -9.33 -2.99 0.64
N ARG A 42 -8.48 -2.86 -0.38
CA ARG A 42 -8.93 -2.50 -1.71
C ARG A 42 -10.05 -3.42 -2.18
N ASP A 43 -9.85 -4.72 -2.02
CA ASP A 43 -10.84 -5.70 -2.42
C ASP A 43 -12.14 -5.52 -1.64
N LYS A 44 -12.01 -5.32 -0.33
CA LYS A 44 -13.17 -5.14 0.53
C LYS A 44 -14.03 -3.98 0.04
N THR A 45 -13.46 -2.78 0.06
CA THR A 45 -14.17 -1.58 -0.39
C THR A 45 -14.74 -1.77 -1.79
N ALA A 46 -14.03 -2.51 -2.62
CA ALA A 46 -14.46 -2.78 -3.98
C ALA A 46 -15.65 -3.73 -4.01
N ARG A 47 -15.68 -4.65 -3.05
CA ARG A 47 -16.77 -5.63 -2.96
C ARG A 47 -18.06 -4.96 -2.50
N ARG A 48 -17.95 -4.04 -1.55
CA ARG A 48 -19.11 -3.33 -1.03
C ARG A 48 -19.54 -2.22 -1.99
N GLU A 49 -18.56 -1.52 -2.55
CA GLU A 49 -18.84 -0.43 -3.48
C GLU A 49 -19.37 -0.97 -4.81
N ASP A 50 -18.89 -2.14 -5.20
CA ASP A 50 -19.32 -2.77 -6.45
C ASP A 50 -18.80 -1.98 -7.65
N GLU A 51 -17.58 -1.48 -7.54
CA GLU A 51 -16.97 -0.71 -8.62
C GLU A 51 -15.69 -1.38 -9.13
N SER A 52 -15.10 -0.80 -10.16
CA SER A 52 -13.88 -1.35 -10.74
C SER A 52 -12.75 -1.34 -9.72
N TYR A 53 -12.04 -2.46 -9.64
CA TYR A 53 -10.92 -2.59 -8.69
C TYR A 53 -9.94 -1.43 -8.85
N GLY A 54 -9.38 -1.29 -10.05
CA GLY A 54 -8.44 -0.22 -10.30
C GLY A 54 -8.97 1.13 -9.87
N TYR A 55 -10.21 1.43 -10.24
CA TYR A 55 -10.83 2.70 -9.89
C TYR A 55 -10.58 3.04 -8.43
N VAL A 56 -10.73 2.04 -7.56
CA VAL A 56 -10.52 2.24 -6.13
C VAL A 56 -9.12 2.76 -5.84
N LEU A 57 -8.12 1.94 -6.12
CA LEU A 57 -6.73 2.32 -5.89
C LEU A 57 -5.80 1.58 -6.85
N PRO A 58 -5.11 2.35 -7.71
CA PRO A 58 -4.17 1.78 -8.69
C PRO A 58 -2.92 1.22 -8.02
N ASN A 59 -2.05 0.60 -8.84
CA ASN A 59 -0.82 0.01 -8.33
C ASN A 59 0.19 1.10 -7.97
N HIS A 60 0.54 1.93 -8.94
CA HIS A 60 1.49 3.01 -8.73
C HIS A 60 1.20 3.74 -7.41
N MET A 61 -0.07 4.03 -7.17
CA MET A 61 -0.48 4.73 -5.96
C MET A 61 -0.31 3.81 -4.73
N MET A 62 -0.90 2.63 -4.81
CA MET A 62 -0.82 1.67 -3.71
C MET A 62 0.62 1.52 -3.23
N LEU A 63 1.55 1.40 -4.17
CA LEU A 63 2.96 1.25 -3.84
C LEU A 63 3.49 2.49 -3.14
N LYS A 64 3.32 3.64 -3.78
CA LYS A 64 3.78 4.91 -3.23
C LYS A 64 3.49 4.98 -1.73
N ILE A 65 2.25 4.71 -1.36
CA ILE A 65 1.86 4.73 0.05
C ILE A 65 2.53 3.62 0.84
N ALA A 66 2.38 2.38 0.36
CA ALA A 66 2.98 1.23 1.02
C ALA A 66 4.44 1.50 1.36
N GLU A 67 5.15 2.18 0.46
CA GLU A 67 6.55 2.50 0.67
C GLU A 67 6.71 3.69 1.61
N GLU A 68 5.85 4.69 1.44
CA GLU A 68 5.88 5.89 2.27
C GLU A 68 5.71 5.53 3.74
N LEU A 69 4.67 4.76 4.04
CA LEU A 69 4.39 4.33 5.40
C LEU A 69 4.18 5.55 6.31
N PRO A 70 3.26 6.44 5.87
CA PRO A 70 2.93 7.66 6.63
C PRO A 70 2.17 7.35 7.92
N LYS A 71 2.67 7.89 9.03
CA LYS A 71 2.04 7.68 10.33
C LYS A 71 0.67 8.36 10.38
N GLU A 72 0.62 9.61 9.93
CA GLU A 72 -0.62 10.38 9.93
C GLU A 72 -1.45 10.08 8.69
N PRO A 73 -2.74 10.38 8.75
CA PRO A 73 -3.67 10.15 7.64
C PRO A 73 -3.41 11.09 6.46
N GLN A 74 -2.60 12.13 6.71
CA GLN A 74 -2.27 13.11 5.68
C GLN A 74 -1.38 12.49 4.61
N GLY A 75 -0.35 11.76 5.05
CA GLY A 75 0.57 11.12 4.13
C GLY A 75 -0.15 10.26 3.11
N ILE A 76 -1.37 9.86 3.43
CA ILE A 76 -2.16 9.01 2.54
C ILE A 76 -2.97 9.86 1.56
N ILE A 77 -3.24 11.10 1.95
CA ILE A 77 -4.00 12.01 1.10
C ILE A 77 -3.10 12.73 0.11
N ALA A 78 -1.89 13.07 0.55
CA ALA A 78 -0.92 13.76 -0.30
C ALA A 78 -0.48 12.87 -1.46
N CYS A 79 -0.22 11.61 -1.16
CA CYS A 79 0.21 10.65 -2.17
C CYS A 79 -0.63 10.80 -3.44
N CYS A 80 -1.92 11.04 -3.26
CA CYS A 80 -2.83 11.20 -4.39
C CYS A 80 -3.15 12.66 -4.63
N ASN A 81 -3.22 13.05 -5.91
CA ASN A 81 -3.52 14.43 -6.28
C ASN A 81 -3.94 14.52 -7.74
N PRO A 82 -5.24 14.81 -7.97
CA PRO A 82 -6.20 15.01 -6.88
C PRO A 82 -6.51 13.72 -6.13
N VAL A 83 -7.25 13.84 -5.04
CA VAL A 83 -7.62 12.69 -4.23
C VAL A 83 -9.01 12.16 -4.62
N PRO A 84 -9.12 10.83 -4.73
CA PRO A 84 -10.39 10.18 -5.10
C PRO A 84 -11.43 10.27 -3.99
N PRO A 85 -12.69 10.03 -4.34
CA PRO A 85 -13.81 10.08 -3.40
C PRO A 85 -13.77 8.93 -2.40
N LEU A 86 -12.82 8.02 -2.58
CA LEU A 86 -12.66 6.87 -1.69
C LEU A 86 -11.56 7.11 -0.68
N VAL A 87 -10.32 7.15 -1.15
CA VAL A 87 -9.18 7.38 -0.27
C VAL A 87 -9.50 8.42 0.79
N ARG A 88 -10.27 9.43 0.41
CA ARG A 88 -10.66 10.49 1.33
C ARG A 88 -11.76 10.03 2.27
N GLN A 89 -12.72 9.30 1.73
CA GLN A 89 -13.83 8.80 2.53
C GLN A 89 -13.35 7.78 3.55
N GLN A 90 -12.65 6.76 3.08
CA GLN A 90 -12.13 5.71 3.96
C GLN A 90 -10.70 6.03 4.39
N ILE A 91 -10.34 7.30 4.33
CA ILE A 91 -9.00 7.74 4.71
C ILE A 91 -8.63 7.18 6.09
N ASN A 92 -9.58 7.20 7.01
CA ASN A 92 -9.35 6.69 8.36
C ASN A 92 -8.82 5.27 8.33
N GLU A 93 -9.54 4.40 7.61
CA GLU A 93 -9.14 3.00 7.50
C GLU A 93 -7.72 2.87 6.98
N MET A 94 -7.43 3.55 5.87
CA MET A 94 -6.11 3.52 5.27
C MET A 94 -5.03 3.83 6.31
N HIS A 95 -5.23 4.93 7.03
CA HIS A 95 -4.28 5.35 8.06
C HIS A 95 -4.01 4.22 9.05
N LEU A 96 -5.08 3.59 9.52
CA LEU A 96 -4.96 2.50 10.47
C LEU A 96 -4.02 1.41 9.95
N LEU A 97 -4.21 1.03 8.69
CA LEU A 97 -3.38 0.01 8.06
C LEU A 97 -1.90 0.38 8.15
N ILE A 98 -1.56 1.58 7.69
CA ILE A 98 -0.19 2.05 7.73
C ILE A 98 0.41 1.89 9.12
N GLN A 99 -0.37 2.19 10.15
CA GLN A 99 0.09 2.08 11.53
C GLN A 99 0.29 0.61 11.90
N GLN A 100 -0.53 -0.26 11.32
CA GLN A 100 -0.44 -1.69 11.61
C GLN A 100 0.83 -2.29 11.01
N ALA A 101 1.32 -1.68 9.93
CA ALA A 101 2.53 -2.15 9.26
C ALA A 101 3.77 -1.55 9.91
N ARG A 102 3.61 -0.36 10.50
CA ARG A 102 4.73 0.32 11.15
C ARG A 102 4.89 -0.16 12.59
N GLU A 103 3.77 -0.30 13.30
CA GLU A 103 3.79 -0.74 14.68
C GLU A 103 4.75 -1.92 14.86
N MET A 104 4.77 -2.81 13.88
CA MET A 104 5.64 -3.98 13.93
C MET A 104 7.06 -3.62 13.49
N PRO A 105 8.06 -4.22 14.16
CA PRO A 105 9.47 -3.97 13.85
C PRO A 105 9.89 -4.56 12.50
N LEU A 106 11.18 -4.50 12.21
CA LEU A 106 11.70 -5.03 10.96
C LEU A 106 12.34 -6.41 11.16
N LEU A 107 11.69 -7.44 10.65
CA LEU A 107 12.19 -8.81 10.77
C LEU A 107 13.23 -9.11 9.70
N LYS A 108 14.48 -8.77 9.98
CA LYS A 108 15.56 -9.01 9.04
C LYS A 108 16.66 -9.87 9.66
N SER A 109 17.49 -10.47 8.82
CA SER A 109 18.58 -11.33 9.30
C SER A 109 19.45 -10.59 10.31
N GLU A 110 19.34 -9.27 10.31
CA GLU A 110 20.12 -8.45 11.23
C GLU A 110 19.30 -7.28 11.77
N VAL A 111 18.96 -7.34 13.05
CA VAL A 111 18.15 -6.29 13.68
C VAL A 111 18.39 -6.26 15.19
N ALA A 112 18.23 -5.08 15.78
CA ALA A 112 18.42 -4.92 17.22
C ALA A 112 17.23 -4.20 17.84
N ALA A 113 17.02 -4.42 19.14
CA ALA A 113 15.92 -3.78 19.86
C ALA A 113 16.35 -3.40 21.26
N GLY A 114 16.03 -2.16 21.66
CA GLY A 114 16.38 -1.69 22.98
C GLY A 114 17.84 -1.94 23.32
N VAL A 115 18.65 -0.89 23.21
CA VAL A 115 20.08 -0.99 23.49
C VAL A 115 20.39 -0.54 24.92
N LYS A 116 19.90 0.65 25.27
CA LYS A 116 20.12 1.19 26.60
C LYS A 116 18.96 2.10 27.02
N LYS A 117 18.46 1.88 28.23
CA LYS A 117 17.34 2.67 28.75
C LYS A 117 17.82 3.63 29.83
N SER A 118 17.96 4.90 29.47
CA SER A 118 18.41 5.92 30.41
C SER A 118 17.36 6.19 31.47
N SER A 119 17.63 5.77 32.70
CA SER A 119 16.71 5.96 33.81
C SER A 119 17.44 5.94 35.14
N GLY A 120 17.09 6.90 36.01
CA GLY A 120 17.74 6.97 37.32
C GLY A 120 17.01 7.91 38.25
N PRO A 121 15.97 7.41 38.93
CA PRO A 121 15.18 8.20 39.88
C PRO A 121 15.95 8.55 41.14
N SER A 122 15.36 9.39 41.98
CA SER A 122 16.01 9.82 43.22
C SER A 122 15.45 9.04 44.41
N SER A 123 16.02 9.28 45.58
CA SER A 123 15.59 8.60 46.80
C SER A 123 16.15 9.29 48.03
N GLY A 124 15.38 9.26 49.12
CA GLY A 124 15.81 9.89 50.36
C GLY A 124 16.68 8.98 51.20
N GLY A 1 -14.84 -10.58 -27.09
CA GLY A 1 -14.49 -11.99 -27.00
C GLY A 1 -15.23 -12.70 -25.88
N SER A 2 -16.13 -13.60 -26.25
CA SER A 2 -16.90 -14.35 -25.27
C SER A 2 -16.40 -15.79 -25.17
N SER A 3 -15.09 -15.95 -25.16
CA SER A 3 -14.48 -17.27 -25.07
C SER A 3 -14.05 -17.58 -23.64
N GLY A 4 -15.00 -18.04 -22.83
CA GLY A 4 -14.71 -18.37 -21.45
C GLY A 4 -14.74 -17.15 -20.55
N SER A 5 -15.94 -16.64 -20.28
CA SER A 5 -16.11 -15.47 -19.44
C SER A 5 -16.46 -15.87 -18.01
N SER A 6 -15.82 -16.92 -17.52
CA SER A 6 -16.08 -17.41 -16.17
C SER A 6 -14.77 -17.55 -15.39
N GLY A 7 -14.58 -16.67 -14.42
CA GLY A 7 -13.38 -16.71 -13.61
C GLY A 7 -13.61 -17.36 -12.25
N LYS A 8 -13.18 -16.68 -11.19
CA LYS A 8 -13.35 -17.18 -9.83
C LYS A 8 -13.01 -16.12 -8.80
N PRO A 9 -13.83 -16.02 -7.76
CA PRO A 9 -13.64 -15.04 -6.69
C PRO A 9 -12.44 -15.37 -5.82
N ILE A 10 -11.31 -14.70 -6.10
CA ILE A 10 -10.09 -14.92 -5.35
C ILE A 10 -9.91 -13.85 -4.27
N PHE A 11 -10.48 -14.11 -3.10
CA PHE A 11 -10.38 -13.18 -1.98
C PHE A 11 -9.86 -13.87 -0.73
N THR A 12 -8.65 -14.43 -0.83
CA THR A 12 -8.04 -15.13 0.29
C THR A 12 -6.75 -14.45 0.73
N ASP A 13 -6.79 -13.12 0.80
CA ASP A 13 -5.62 -12.34 1.21
C ASP A 13 -4.36 -12.84 0.49
N GLU A 14 -4.49 -13.12 -0.80
CA GLU A 14 -3.37 -13.60 -1.59
C GLU A 14 -2.83 -12.50 -2.50
N SER A 15 -1.52 -12.26 -2.43
CA SER A 15 -0.89 -11.23 -3.24
C SER A 15 0.13 -11.85 -4.20
N TYR A 16 -0.18 -11.78 -5.49
CA TYR A 16 0.70 -12.33 -6.51
C TYR A 16 2.04 -11.60 -6.54
N LEU A 17 3.05 -12.26 -7.08
CA LEU A 17 4.38 -11.68 -7.17
C LEU A 17 4.52 -10.80 -8.41
N GLU A 18 4.25 -11.40 -9.57
CA GLU A 18 4.34 -10.67 -10.84
C GLU A 18 3.89 -9.22 -10.67
N LEU A 19 2.96 -9.00 -9.75
CA LEU A 19 2.45 -7.66 -9.49
C LEU A 19 3.29 -6.96 -8.42
N TYR A 20 3.69 -7.71 -7.40
CA TYR A 20 4.49 -7.15 -6.32
C TYR A 20 5.86 -6.70 -6.83
N ARG A 21 6.60 -7.63 -7.42
CA ARG A 21 7.92 -7.34 -7.95
C ARG A 21 7.86 -7.07 -9.45
N LYS A 22 6.88 -6.26 -9.86
CA LYS A 22 6.70 -5.92 -11.26
C LYS A 22 7.72 -4.87 -11.71
N GLN A 23 8.93 -5.31 -12.03
CA GLN A 23 9.99 -4.40 -12.46
C GLN A 23 10.11 -3.23 -11.50
N LYS A 24 10.01 -3.51 -10.21
CA LYS A 24 10.13 -2.48 -9.19
C LYS A 24 10.97 -2.96 -8.01
N LYS A 25 11.82 -2.08 -7.50
CA LYS A 25 12.69 -2.42 -6.38
C LYS A 25 11.92 -3.23 -5.33
N HIS A 26 12.57 -4.26 -4.80
CA HIS A 26 11.95 -5.11 -3.79
C HIS A 26 11.52 -4.29 -2.58
N LEU A 27 10.42 -4.70 -1.94
CA LEU A 27 9.91 -4.01 -0.77
C LEU A 27 10.57 -4.53 0.50
N ASN A 28 10.60 -3.68 1.53
CA ASN A 28 11.19 -4.06 2.81
C ASN A 28 10.18 -4.76 3.70
N THR A 29 10.62 -5.18 4.88
CA THR A 29 9.75 -5.86 5.83
C THR A 29 8.48 -5.06 6.10
N GLN A 30 8.64 -3.88 6.67
CA GLN A 30 7.51 -3.01 6.97
C GLN A 30 6.72 -2.69 5.72
N GLN A 31 7.42 -2.25 4.68
CA GLN A 31 6.79 -1.90 3.41
C GLN A 31 5.85 -3.02 2.95
N LEU A 32 6.36 -4.24 2.91
CA LEU A 32 5.56 -5.39 2.49
C LEU A 32 4.29 -5.52 3.33
N THR A 33 4.46 -5.47 4.66
CA THR A 33 3.33 -5.58 5.57
C THR A 33 2.22 -4.62 5.18
N ALA A 34 2.59 -3.40 4.82
CA ALA A 34 1.62 -2.39 4.42
C ALA A 34 0.86 -2.82 3.17
N PHE A 35 1.60 -3.25 2.15
CA PHE A 35 0.99 -3.69 0.90
C PHE A 35 -0.12 -4.71 1.16
N GLN A 36 0.15 -5.66 2.06
CA GLN A 36 -0.82 -6.69 2.40
C GLN A 36 -2.06 -6.07 3.02
N LEU A 37 -1.87 -5.20 4.01
CA LEU A 37 -2.98 -4.56 4.68
C LEU A 37 -3.86 -3.80 3.69
N LEU A 38 -3.24 -2.95 2.88
CA LEU A 38 -3.95 -2.18 1.88
C LEU A 38 -4.66 -3.08 0.88
N PHE A 39 -3.86 -3.91 0.19
CA PHE A 39 -4.40 -4.83 -0.80
C PHE A 39 -5.72 -5.44 -0.32
N ALA A 40 -5.72 -5.95 0.91
CA ALA A 40 -6.91 -6.55 1.49
C ALA A 40 -8.06 -5.54 1.56
N TRP A 41 -7.77 -4.37 2.09
CA TRP A 41 -8.78 -3.32 2.23
C TRP A 41 -9.35 -2.96 0.87
N ARG A 42 -8.50 -2.49 -0.04
CA ARG A 42 -8.92 -2.11 -1.37
C ARG A 42 -9.87 -3.15 -1.96
N ASP A 43 -9.46 -4.41 -1.91
CA ASP A 43 -10.28 -5.51 -2.44
C ASP A 43 -11.62 -5.57 -1.72
N LYS A 44 -11.59 -5.34 -0.41
CA LYS A 44 -12.81 -5.37 0.40
C LYS A 44 -13.80 -4.32 -0.07
N THR A 45 -13.38 -3.06 -0.06
CA THR A 45 -14.24 -1.96 -0.48
C THR A 45 -14.70 -2.14 -1.93
N ALA A 46 -13.85 -2.78 -2.74
CA ALA A 46 -14.17 -3.01 -4.15
C ALA A 46 -15.60 -3.52 -4.29
N ARG A 47 -15.97 -4.51 -3.49
CA ARG A 47 -17.31 -5.09 -3.55
C ARG A 47 -18.36 -4.05 -3.15
N ARG A 48 -18.28 -3.58 -1.90
CA ARG A 48 -19.22 -2.59 -1.40
C ARG A 48 -19.52 -1.54 -2.46
N GLU A 49 -18.46 -1.06 -3.12
CA GLU A 49 -18.60 -0.04 -4.15
C GLU A 49 -19.08 -0.65 -5.46
N ASP A 50 -18.65 -1.88 -5.72
CA ASP A 50 -19.05 -2.58 -6.94
C ASP A 50 -18.40 -1.95 -8.17
N GLU A 51 -17.11 -1.62 -8.05
CA GLU A 51 -16.38 -1.00 -9.15
C GLU A 51 -15.09 -1.76 -9.44
N SER A 52 -14.45 -1.44 -10.56
CA SER A 52 -13.22 -2.09 -10.95
C SER A 52 -12.10 -1.79 -9.96
N TYR A 53 -11.29 -2.80 -9.65
CA TYR A 53 -10.20 -2.65 -8.70
C TYR A 53 -9.45 -1.34 -8.95
N GLY A 54 -9.16 -1.06 -10.22
CA GLY A 54 -8.45 0.16 -10.56
C GLY A 54 -9.08 1.39 -9.96
N TYR A 55 -10.26 1.76 -10.44
CA TYR A 55 -10.96 2.93 -9.94
C TYR A 55 -10.72 3.11 -8.45
N VAL A 56 -11.09 2.09 -7.68
CA VAL A 56 -10.92 2.13 -6.22
C VAL A 56 -9.54 2.67 -5.86
N LEU A 57 -8.50 1.96 -6.28
CA LEU A 57 -7.13 2.36 -6.00
C LEU A 57 -6.15 1.70 -6.95
N PRO A 58 -5.42 2.51 -7.72
CA PRO A 58 -4.44 2.02 -8.69
C PRO A 58 -3.22 1.41 -8.02
N ASN A 59 -2.41 0.71 -8.81
CA ASN A 59 -1.20 0.07 -8.29
C ASN A 59 -0.15 1.12 -7.91
N HIS A 60 0.27 1.91 -8.89
CA HIS A 60 1.27 2.96 -8.66
C HIS A 60 1.00 3.68 -7.35
N MET A 61 -0.26 4.07 -7.13
CA MET A 61 -0.64 4.77 -5.92
C MET A 61 -0.44 3.89 -4.69
N MET A 62 -1.03 2.70 -4.72
CA MET A 62 -0.92 1.76 -3.60
C MET A 62 0.54 1.61 -3.18
N LEU A 63 1.39 1.19 -4.11
CA LEU A 63 2.80 1.00 -3.83
C LEU A 63 3.39 2.24 -3.15
N LYS A 64 3.28 3.38 -3.81
CA LYS A 64 3.79 4.64 -3.27
C LYS A 64 3.47 4.77 -1.79
N ILE A 65 2.22 4.47 -1.43
CA ILE A 65 1.79 4.55 -0.04
C ILE A 65 2.43 3.46 0.80
N ALA A 66 2.29 2.22 0.36
CA ALA A 66 2.87 1.09 1.07
C ALA A 66 4.34 1.33 1.38
N GLU A 67 5.04 1.98 0.45
CA GLU A 67 6.46 2.27 0.62
C GLU A 67 6.66 3.48 1.52
N GLU A 68 5.87 4.52 1.27
CA GLU A 68 5.97 5.76 2.05
C GLU A 68 5.80 5.47 3.54
N LEU A 69 4.76 4.71 3.87
CA LEU A 69 4.48 4.36 5.26
C LEU A 69 4.17 5.61 6.08
N PRO A 70 3.22 6.41 5.60
CA PRO A 70 2.80 7.64 6.27
C PRO A 70 2.05 7.38 7.57
N LYS A 71 2.74 7.52 8.69
CA LYS A 71 2.14 7.29 10.00
C LYS A 71 0.87 8.11 10.17
N GLU A 72 0.82 9.25 9.49
CA GLU A 72 -0.35 10.13 9.57
C GLU A 72 -1.28 9.90 8.38
N PRO A 73 -2.55 10.27 8.54
CA PRO A 73 -3.57 10.11 7.49
C PRO A 73 -3.33 11.07 6.33
N GLN A 74 -2.59 12.14 6.57
CA GLN A 74 -2.30 13.13 5.54
C GLN A 74 -1.46 12.51 4.42
N GLY A 75 -0.41 11.80 4.80
CA GLY A 75 0.46 11.18 3.82
C GLY A 75 -0.32 10.36 2.80
N ILE A 76 -1.40 9.76 3.24
CA ILE A 76 -2.24 8.95 2.37
C ILE A 76 -3.09 9.82 1.44
N ILE A 77 -3.29 11.07 1.86
CA ILE A 77 -4.07 12.00 1.06
C ILE A 77 -3.19 12.77 0.08
N ALA A 78 -1.99 13.11 0.52
CA ALA A 78 -1.05 13.85 -0.33
C ALA A 78 -0.61 13.01 -1.51
N CYS A 79 -0.27 11.74 -1.24
CA CYS A 79 0.18 10.83 -2.29
C CYS A 79 -0.72 10.94 -3.52
N CYS A 80 -2.01 11.14 -3.29
CA CYS A 80 -2.97 11.25 -4.38
C CYS A 80 -3.35 12.71 -4.62
N ASN A 81 -3.34 13.12 -5.89
CA ASN A 81 -3.68 14.49 -6.26
C ASN A 81 -4.14 14.57 -7.71
N PRO A 82 -5.43 14.85 -7.91
CA PRO A 82 -6.37 15.06 -6.80
C PRO A 82 -6.66 13.77 -6.03
N VAL A 83 -7.38 13.91 -4.92
CA VAL A 83 -7.74 12.76 -4.10
C VAL A 83 -9.12 12.23 -4.45
N PRO A 84 -9.24 10.90 -4.57
CA PRO A 84 -10.50 10.24 -4.90
C PRO A 84 -11.52 10.32 -3.76
N PRO A 85 -12.79 10.13 -4.09
CA PRO A 85 -13.89 10.18 -3.11
C PRO A 85 -13.84 8.99 -2.15
N LEU A 86 -12.92 8.07 -2.38
CA LEU A 86 -12.77 6.89 -1.54
C LEU A 86 -11.71 7.10 -0.47
N VAL A 87 -10.45 7.06 -0.90
CA VAL A 87 -9.33 7.25 0.02
C VAL A 87 -9.66 8.31 1.07
N ARG A 88 -10.35 9.36 0.65
CA ARG A 88 -10.73 10.43 1.55
C ARG A 88 -11.83 9.99 2.51
N GLN A 89 -12.81 9.27 1.97
CA GLN A 89 -13.93 8.79 2.77
C GLN A 89 -13.45 7.76 3.81
N GLN A 90 -12.67 6.79 3.35
CA GLN A 90 -12.15 5.76 4.23
C GLN A 90 -10.72 6.06 4.64
N ILE A 91 -10.34 7.33 4.59
CA ILE A 91 -9.00 7.75 4.95
C ILE A 91 -8.61 7.24 6.33
N ASN A 92 -9.59 7.17 7.23
CA ASN A 92 -9.36 6.70 8.59
C ASN A 92 -8.85 5.26 8.57
N GLU A 93 -9.54 4.40 7.83
CA GLU A 93 -9.16 3.00 7.74
C GLU A 93 -7.76 2.85 7.17
N MET A 94 -7.52 3.49 6.03
CA MET A 94 -6.21 3.43 5.38
C MET A 94 -5.10 3.79 6.37
N HIS A 95 -5.23 4.94 7.01
CA HIS A 95 -4.24 5.40 7.97
C HIS A 95 -3.94 4.31 9.00
N LEU A 96 -4.99 3.73 9.56
CA LEU A 96 -4.83 2.66 10.56
C LEU A 96 -3.93 1.56 10.04
N LEU A 97 -4.15 1.15 8.80
CA LEU A 97 -3.35 0.09 8.18
C LEU A 97 -1.86 0.47 8.18
N ILE A 98 -1.57 1.69 7.75
CA ILE A 98 -0.19 2.17 7.71
C ILE A 98 0.48 2.04 9.07
N GLN A 99 -0.27 2.36 10.12
CA GLN A 99 0.25 2.28 11.48
C GLN A 99 0.51 0.83 11.88
N GLN A 100 -0.37 -0.07 11.44
CA GLN A 100 -0.22 -1.48 11.76
C GLN A 100 1.06 -2.05 11.16
N ALA A 101 1.38 -1.63 9.94
CA ALA A 101 2.58 -2.09 9.26
C ALA A 101 3.83 -1.57 9.95
N ARG A 102 3.80 -0.30 10.34
CA ARG A 102 4.93 0.33 11.00
C ARG A 102 5.10 -0.21 12.42
N GLU A 103 3.99 -0.41 13.11
CA GLU A 103 4.01 -0.92 14.47
C GLU A 103 5.06 -2.01 14.62
N MET A 104 5.02 -2.99 13.73
CA MET A 104 5.98 -4.10 13.76
C MET A 104 7.37 -3.63 13.35
N PRO A 105 8.40 -4.25 13.94
CA PRO A 105 9.80 -3.91 13.65
C PRO A 105 10.22 -4.34 12.25
N LEU A 106 11.48 -4.11 11.92
CA LEU A 106 12.02 -4.46 10.61
C LEU A 106 12.83 -5.75 10.68
N LEU A 107 12.37 -6.79 10.00
CA LEU A 107 13.05 -8.07 9.99
C LEU A 107 14.21 -8.06 9.00
N LYS A 108 15.00 -9.14 8.99
CA LYS A 108 16.13 -9.25 8.09
C LYS A 108 15.74 -8.88 6.66
N SER A 109 16.72 -8.49 5.86
CA SER A 109 16.48 -8.10 4.47
C SER A 109 17.78 -8.03 3.69
N GLU A 110 17.67 -7.89 2.37
CA GLU A 110 18.84 -7.82 1.51
C GLU A 110 19.06 -6.38 1.03
N VAL A 111 19.79 -5.60 1.82
CA VAL A 111 20.07 -4.21 1.47
C VAL A 111 21.14 -3.62 2.39
N ALA A 112 22.14 -2.98 1.79
CA ALA A 112 23.23 -2.37 2.54
C ALA A 112 23.20 -0.86 2.40
N ALA A 113 22.70 -0.18 3.42
CA ALA A 113 22.64 1.28 3.41
C ALA A 113 23.86 1.90 4.06
N GLY A 114 24.11 3.18 3.77
CA GLY A 114 25.25 3.85 4.33
C GLY A 114 25.36 5.29 3.87
N VAL A 115 24.29 6.06 4.06
CA VAL A 115 24.28 7.46 3.65
C VAL A 115 23.32 8.27 4.53
N LYS A 116 23.81 9.39 5.04
CA LYS A 116 23.00 10.26 5.89
C LYS A 116 23.73 11.57 6.18
N LYS A 117 23.10 12.69 5.83
CA LYS A 117 23.68 13.99 6.05
C LYS A 117 23.16 14.62 7.34
N SER A 118 23.90 15.59 7.87
CA SER A 118 23.50 16.26 9.11
C SER A 118 22.86 17.61 8.81
N SER A 119 23.55 18.44 8.03
CA SER A 119 23.06 19.76 7.67
C SER A 119 23.96 20.42 6.64
N GLY A 120 23.42 21.43 5.97
CA GLY A 120 24.20 22.14 4.96
C GLY A 120 24.64 23.51 5.41
N PRO A 121 25.87 23.88 5.05
CA PRO A 121 26.45 25.17 5.42
C PRO A 121 25.78 26.34 4.70
N SER A 122 25.02 27.14 5.44
CA SER A 122 24.32 28.28 4.87
C SER A 122 25.13 29.56 5.04
N SER A 123 24.68 30.63 4.40
CA SER A 123 25.37 31.91 4.47
C SER A 123 24.38 33.07 4.32
N GLY A 124 24.45 34.02 5.26
CA GLY A 124 23.55 35.16 5.21
C GLY A 124 24.23 36.44 5.66
N GLY A 1 -9.02 -11.55 -29.49
CA GLY A 1 -10.32 -11.20 -28.97
C GLY A 1 -10.28 -10.01 -28.03
N SER A 2 -10.75 -8.86 -28.52
CA SER A 2 -10.75 -7.65 -27.72
C SER A 2 -11.68 -7.79 -26.52
N SER A 3 -12.90 -8.24 -26.77
CA SER A 3 -13.88 -8.42 -25.70
C SER A 3 -13.70 -9.77 -25.01
N GLY A 4 -13.18 -9.72 -23.78
CA GLY A 4 -12.96 -10.95 -23.04
C GLY A 4 -13.93 -11.11 -21.88
N SER A 5 -13.58 -11.97 -20.93
CA SER A 5 -14.43 -12.21 -19.77
C SER A 5 -13.64 -12.08 -18.48
N SER A 6 -14.35 -11.84 -17.38
CA SER A 6 -13.71 -11.68 -16.08
C SER A 6 -13.55 -13.04 -15.39
N GLY A 7 -14.63 -13.82 -15.36
CA GLY A 7 -14.58 -15.12 -14.74
C GLY A 7 -15.16 -15.11 -13.33
N LYS A 8 -14.29 -14.93 -12.33
CA LYS A 8 -14.72 -14.90 -10.95
C LYS A 8 -13.84 -13.96 -10.12
N PRO A 9 -14.45 -13.29 -9.14
CA PRO A 9 -13.74 -12.35 -8.26
C PRO A 9 -12.78 -13.05 -7.32
N ILE A 10 -11.49 -12.98 -7.63
CA ILE A 10 -10.46 -13.61 -6.80
C ILE A 10 -10.16 -12.77 -5.56
N PHE A 11 -10.59 -13.25 -4.41
CA PHE A 11 -10.36 -12.55 -3.15
C PHE A 11 -9.48 -13.37 -2.21
N THR A 12 -8.17 -13.30 -2.43
CA THR A 12 -7.21 -14.04 -1.61
C THR A 12 -6.36 -13.09 -0.78
N ASP A 13 -5.84 -13.61 0.34
CA ASP A 13 -4.99 -12.80 1.22
C ASP A 13 -3.56 -12.77 0.72
N GLU A 14 -3.04 -13.93 0.33
CA GLU A 14 -1.68 -14.03 -0.16
C GLU A 14 -1.53 -13.33 -1.51
N SER A 15 -0.54 -12.44 -1.60
CA SER A 15 -0.30 -11.70 -2.83
C SER A 15 0.46 -12.55 -3.85
N TYR A 16 0.40 -12.13 -5.11
CA TYR A 16 1.07 -12.87 -6.18
C TYR A 16 2.51 -12.41 -6.33
N LEU A 17 3.33 -13.24 -6.96
CA LEU A 17 4.74 -12.92 -7.17
C LEU A 17 4.90 -11.84 -8.23
N GLU A 18 4.44 -12.13 -9.44
CA GLU A 18 4.53 -11.19 -10.54
C GLU A 18 4.26 -9.76 -10.06
N LEU A 19 3.31 -9.62 -9.14
CA LEU A 19 2.96 -8.32 -8.61
C LEU A 19 4.10 -7.74 -7.77
N TYR A 20 4.76 -8.60 -7.01
CA TYR A 20 5.87 -8.19 -6.16
C TYR A 20 7.05 -7.73 -7.02
N ARG A 21 7.36 -8.50 -8.05
CA ARG A 21 8.47 -8.19 -8.94
C ARG A 21 7.97 -7.59 -10.24
N LYS A 22 7.12 -6.57 -10.14
CA LYS A 22 6.56 -5.91 -11.31
C LYS A 22 7.45 -4.75 -11.75
N GLN A 23 8.76 -4.99 -11.79
CA GLN A 23 9.71 -3.96 -12.19
C GLN A 23 9.80 -2.87 -11.14
N LYS A 24 9.87 -3.26 -9.87
CA LYS A 24 9.95 -2.31 -8.78
C LYS A 24 10.98 -2.77 -7.75
N LYS A 25 11.87 -1.86 -7.35
CA LYS A 25 12.90 -2.17 -6.36
C LYS A 25 12.31 -2.93 -5.18
N HIS A 26 13.05 -3.94 -4.71
CA HIS A 26 12.60 -4.75 -3.58
C HIS A 26 12.16 -3.86 -2.42
N LEU A 27 11.02 -4.21 -1.82
CA LEU A 27 10.49 -3.45 -0.70
C LEU A 27 11.06 -3.95 0.63
N ASN A 28 10.89 -3.16 1.67
CA ASN A 28 11.39 -3.52 2.99
C ASN A 28 10.33 -4.29 3.78
N THR A 29 10.76 -4.90 4.88
CA THR A 29 9.84 -5.67 5.72
C THR A 29 8.55 -4.89 5.99
N GLN A 30 8.70 -3.71 6.57
CA GLN A 30 7.54 -2.87 6.88
C GLN A 30 6.72 -2.59 5.64
N GLN A 31 7.36 -2.01 4.63
CA GLN A 31 6.68 -1.69 3.38
C GLN A 31 5.78 -2.83 2.93
N LEU A 32 6.33 -4.04 2.94
CA LEU A 32 5.59 -5.23 2.54
C LEU A 32 4.32 -5.39 3.38
N THR A 33 4.48 -5.26 4.69
CA THR A 33 3.36 -5.39 5.61
C THR A 33 2.21 -4.48 5.20
N ALA A 34 2.52 -3.21 4.95
CA ALA A 34 1.51 -2.24 4.55
C ALA A 34 0.92 -2.59 3.19
N PHE A 35 1.77 -3.01 2.27
CA PHE A 35 1.32 -3.39 0.93
C PHE A 35 0.22 -4.44 0.99
N GLN A 36 0.44 -5.46 1.81
CA GLN A 36 -0.53 -6.54 1.97
C GLN A 36 -1.83 -6.01 2.57
N LEU A 37 -1.72 -5.29 3.67
CA LEU A 37 -2.89 -4.72 4.34
C LEU A 37 -3.77 -3.97 3.36
N LEU A 38 -3.15 -3.06 2.61
CA LEU A 38 -3.88 -2.26 1.62
C LEU A 38 -4.60 -3.16 0.63
N PHE A 39 -3.86 -4.06 0.00
CA PHE A 39 -4.42 -4.98 -0.99
C PHE A 39 -5.76 -5.52 -0.51
N ALA A 40 -5.74 -6.22 0.63
CA ALA A 40 -6.95 -6.79 1.19
C ALA A 40 -8.05 -5.75 1.32
N TRP A 41 -7.70 -4.59 1.88
CA TRP A 41 -8.66 -3.51 2.07
C TRP A 41 -9.31 -3.14 0.73
N ARG A 42 -8.49 -2.83 -0.26
CA ARG A 42 -8.99 -2.46 -1.58
C ARG A 42 -10.01 -3.48 -2.08
N ASP A 43 -9.64 -4.75 -2.03
CA ASP A 43 -10.52 -5.82 -2.48
C ASP A 43 -11.83 -5.81 -1.71
N LYS A 44 -11.74 -5.61 -0.40
CA LYS A 44 -12.92 -5.58 0.45
C LYS A 44 -13.88 -4.48 0.00
N THR A 45 -13.43 -3.24 0.10
CA THR A 45 -14.24 -2.10 -0.30
C THR A 45 -14.72 -2.23 -1.75
N ALA A 46 -13.79 -2.58 -2.64
CA ALA A 46 -14.11 -2.74 -4.05
C ALA A 46 -15.52 -3.30 -4.23
N ARG A 47 -15.80 -4.43 -3.57
CA ARG A 47 -17.10 -5.05 -3.67
C ARG A 47 -18.20 -4.10 -3.20
N ARG A 48 -18.12 -3.67 -1.95
CA ARG A 48 -19.10 -2.76 -1.38
C ARG A 48 -19.39 -1.61 -2.35
N GLU A 49 -18.34 -1.03 -2.91
CA GLU A 49 -18.48 0.07 -3.85
C GLU A 49 -19.00 -0.42 -5.19
N ASP A 50 -18.70 -1.66 -5.53
CA ASP A 50 -19.14 -2.26 -6.78
C ASP A 50 -18.51 -1.53 -7.97
N GLU A 51 -17.22 -1.21 -7.85
CA GLU A 51 -16.51 -0.51 -8.90
C GLU A 51 -15.22 -1.24 -9.26
N SER A 52 -14.66 -0.93 -10.43
CA SER A 52 -13.42 -1.55 -10.88
C SER A 52 -12.26 -1.21 -9.94
N TYR A 53 -11.41 -2.19 -9.70
CA TYR A 53 -10.27 -2.00 -8.81
C TYR A 53 -9.50 -0.73 -9.20
N GLY A 54 -9.04 -0.67 -10.44
CA GLY A 54 -8.29 0.48 -10.90
C GLY A 54 -8.86 1.78 -10.38
N TYR A 55 -10.19 1.90 -10.39
CA TYR A 55 -10.86 3.10 -9.91
C TYR A 55 -10.65 3.28 -8.42
N VAL A 56 -10.91 2.22 -7.65
CA VAL A 56 -10.74 2.26 -6.21
C VAL A 56 -9.32 2.63 -5.82
N LEU A 57 -8.37 1.76 -6.16
CA LEU A 57 -6.97 2.00 -5.85
C LEU A 57 -6.07 1.18 -6.76
N PRO A 58 -5.43 1.85 -7.74
CA PRO A 58 -4.54 1.20 -8.69
C PRO A 58 -3.23 0.74 -8.04
N ASN A 59 -2.41 0.02 -8.80
CA ASN A 59 -1.14 -0.46 -8.30
C ASN A 59 -0.21 0.69 -7.92
N HIS A 60 0.23 1.44 -8.92
CA HIS A 60 1.11 2.58 -8.69
C HIS A 60 0.75 3.29 -7.40
N MET A 61 -0.50 3.68 -7.27
CA MET A 61 -0.98 4.38 -6.08
C MET A 61 -0.72 3.54 -4.82
N MET A 62 -1.33 2.36 -4.77
CA MET A 62 -1.16 1.46 -3.63
C MET A 62 0.30 1.41 -3.19
N LEU A 63 1.19 1.16 -4.15
CA LEU A 63 2.62 1.08 -3.85
C LEU A 63 3.12 2.38 -3.25
N LYS A 64 2.92 3.48 -3.96
CA LYS A 64 3.35 4.79 -3.48
C LYS A 64 3.11 4.94 -1.98
N ILE A 65 1.85 4.77 -1.58
CA ILE A 65 1.48 4.89 -0.17
C ILE A 65 2.16 3.81 0.66
N ALA A 66 1.92 2.55 0.30
CA ALA A 66 2.51 1.42 1.01
C ALA A 66 3.97 1.69 1.34
N GLU A 67 4.68 2.29 0.40
CA GLU A 67 6.10 2.59 0.59
C GLU A 67 6.27 3.81 1.51
N GLU A 68 5.42 4.82 1.32
CA GLU A 68 5.48 6.02 2.13
C GLU A 68 5.35 5.69 3.61
N LEU A 69 4.36 4.86 3.94
CA LEU A 69 4.13 4.47 5.32
C LEU A 69 3.88 5.69 6.21
N PRO A 70 2.94 6.55 5.78
CA PRO A 70 2.58 7.77 6.51
C PRO A 70 1.85 7.46 7.81
N LYS A 71 2.47 7.79 8.93
CA LYS A 71 1.88 7.56 10.24
C LYS A 71 0.50 8.22 10.34
N GLU A 72 0.40 9.44 9.81
CA GLU A 72 -0.85 10.18 9.85
C GLU A 72 -1.66 9.94 8.57
N PRO A 73 -2.97 10.23 8.63
CA PRO A 73 -3.87 10.06 7.49
C PRO A 73 -3.60 11.06 6.38
N GLN A 74 -2.97 12.18 6.73
CA GLN A 74 -2.65 13.22 5.76
C GLN A 74 -1.61 12.72 4.76
N GLY A 75 -0.66 11.93 5.24
CA GLY A 75 0.38 11.40 4.37
C GLY A 75 -0.18 10.55 3.25
N ILE A 76 -1.29 9.87 3.53
CA ILE A 76 -1.92 9.02 2.53
C ILE A 76 -2.64 9.84 1.47
N ILE A 77 -3.19 10.98 1.88
CA ILE A 77 -3.90 11.86 0.96
C ILE A 77 -2.92 12.63 0.08
N ALA A 78 -1.78 13.01 0.64
CA ALA A 78 -0.76 13.74 -0.10
C ALA A 78 -0.35 12.98 -1.35
N CYS A 79 -0.37 11.65 -1.27
CA CYS A 79 0.01 10.81 -2.39
C CYS A 79 -0.95 10.99 -3.56
N CYS A 80 -2.22 10.70 -3.33
CA CYS A 80 -3.23 10.83 -4.37
C CYS A 80 -3.37 12.28 -4.81
N ASN A 81 -3.27 12.51 -6.13
CA ASN A 81 -3.38 13.86 -6.68
C ASN A 81 -3.87 13.81 -8.12
N PRO A 82 -5.14 14.16 -8.34
CA PRO A 82 -6.05 14.57 -7.25
C PRO A 82 -6.41 13.41 -6.33
N VAL A 83 -7.07 13.72 -5.23
CA VAL A 83 -7.49 12.70 -4.27
C VAL A 83 -8.93 12.27 -4.51
N PRO A 84 -9.14 10.95 -4.68
CA PRO A 84 -10.47 10.38 -4.92
C PRO A 84 -11.37 10.46 -3.69
N PRO A 85 -12.68 10.29 -3.91
CA PRO A 85 -13.66 10.33 -2.84
C PRO A 85 -13.56 9.15 -1.89
N LEU A 86 -12.73 8.17 -2.27
CA LEU A 86 -12.53 6.98 -1.45
C LEU A 86 -11.43 7.19 -0.42
N VAL A 87 -10.19 7.19 -0.89
CA VAL A 87 -9.04 7.39 -0.02
C VAL A 87 -9.33 8.43 1.04
N ARG A 88 -10.03 9.49 0.65
CA ARG A 88 -10.38 10.57 1.57
C ARG A 88 -11.46 10.12 2.55
N GLN A 89 -12.47 9.41 2.02
CA GLN A 89 -13.56 8.92 2.86
C GLN A 89 -13.09 7.83 3.81
N GLN A 90 -12.57 6.75 3.24
CA GLN A 90 -12.09 5.63 4.04
C GLN A 90 -10.65 5.88 4.50
N ILE A 91 -10.26 7.14 4.56
CA ILE A 91 -8.92 7.51 4.99
C ILE A 91 -8.59 6.92 6.36
N ASN A 92 -9.50 7.08 7.30
CA ASN A 92 -9.31 6.55 8.65
C ASN A 92 -8.79 5.11 8.60
N GLU A 93 -9.44 4.29 7.79
CA GLU A 93 -9.05 2.89 7.65
C GLU A 93 -7.62 2.77 7.11
N MET A 94 -7.37 3.44 5.99
CA MET A 94 -6.05 3.41 5.36
C MET A 94 -4.96 3.76 6.37
N HIS A 95 -5.16 4.87 7.09
CA HIS A 95 -4.19 5.31 8.08
C HIS A 95 -3.88 4.19 9.08
N LEU A 96 -4.93 3.58 9.61
CA LEU A 96 -4.77 2.49 10.57
C LEU A 96 -3.82 1.42 10.03
N LEU A 97 -4.04 1.01 8.79
CA LEU A 97 -3.20 0.00 8.16
C LEU A 97 -1.73 0.42 8.18
N ILE A 98 -1.46 1.66 7.82
CA ILE A 98 -0.11 2.18 7.81
C ILE A 98 0.54 2.06 9.18
N GLN A 99 -0.23 2.35 10.22
CA GLN A 99 0.27 2.28 11.59
C GLN A 99 0.57 0.83 11.98
N GLN A 100 -0.23 -0.09 11.46
CA GLN A 100 -0.05 -1.51 11.75
C GLN A 100 1.26 -2.02 11.17
N ALA A 101 1.56 -1.60 9.94
CA ALA A 101 2.79 -2.02 9.28
C ALA A 101 4.02 -1.51 10.01
N ARG A 102 3.99 -0.24 10.41
CA ARG A 102 5.10 0.36 11.13
C ARG A 102 5.20 -0.18 12.55
N GLU A 103 4.05 -0.32 13.21
CA GLU A 103 4.01 -0.84 14.57
C GLU A 103 5.03 -1.96 14.75
N MET A 104 5.00 -2.93 13.84
CA MET A 104 5.92 -4.06 13.90
C MET A 104 7.32 -3.65 13.47
N PRO A 105 8.34 -4.29 14.07
CA PRO A 105 9.74 -4.01 13.76
C PRO A 105 10.14 -4.48 12.37
N LEU A 106 11.36 -4.14 11.96
CA LEU A 106 11.86 -4.53 10.65
C LEU A 106 12.55 -5.89 10.70
N LEU A 107 12.31 -6.62 11.78
CA LEU A 107 12.90 -7.95 11.96
C LEU A 107 14.33 -7.97 11.44
N LYS A 108 15.07 -6.89 11.71
CA LYS A 108 16.46 -6.80 11.27
C LYS A 108 17.24 -8.05 11.65
N SER A 109 18.42 -8.21 11.06
CA SER A 109 19.26 -9.36 11.34
C SER A 109 19.24 -9.72 12.81
N GLU A 110 19.45 -8.71 13.66
CA GLU A 110 19.46 -8.92 15.10
C GLU A 110 18.09 -9.40 15.59
N VAL A 111 17.86 -10.70 15.49
CA VAL A 111 16.59 -11.29 15.92
C VAL A 111 16.79 -12.73 16.39
N ALA A 112 16.02 -13.12 17.40
CA ALA A 112 16.10 -14.48 17.94
C ALA A 112 16.14 -15.52 16.82
N ALA A 113 16.39 -16.77 17.19
CA ALA A 113 16.44 -17.85 16.22
C ALA A 113 15.44 -17.64 15.10
N GLY A 114 15.84 -17.94 13.87
CA GLY A 114 14.96 -17.78 12.74
C GLY A 114 15.72 -17.50 11.44
N VAL A 115 16.12 -18.57 10.75
CA VAL A 115 16.85 -18.43 9.50
C VAL A 115 15.99 -17.76 8.43
N LYS A 116 16.63 -16.96 7.60
CA LYS A 116 15.93 -16.25 6.52
C LYS A 116 15.06 -17.21 5.73
N LYS A 117 13.95 -16.70 5.20
CA LYS A 117 13.02 -17.52 4.42
C LYS A 117 13.69 -18.03 3.15
N SER A 118 14.08 -19.30 3.17
CA SER A 118 14.74 -19.91 2.01
C SER A 118 13.93 -19.69 0.74
N SER A 119 14.60 -19.76 -0.40
CA SER A 119 13.94 -19.56 -1.69
C SER A 119 14.67 -20.31 -2.80
N GLY A 120 13.94 -21.19 -3.48
CA GLY A 120 14.54 -21.96 -4.55
C GLY A 120 13.85 -21.74 -5.88
N PRO A 121 14.31 -20.72 -6.63
CA PRO A 121 13.74 -20.38 -7.94
C PRO A 121 14.06 -21.43 -9.00
N SER A 122 13.50 -21.25 -10.19
CA SER A 122 13.71 -22.17 -11.29
C SER A 122 13.16 -21.62 -12.59
N SER A 123 13.53 -22.23 -13.70
CA SER A 123 13.08 -21.80 -15.02
C SER A 123 12.30 -22.90 -15.73
N GLY A 124 11.39 -22.51 -16.60
CA GLY A 124 10.59 -23.48 -17.33
C GLY A 124 11.24 -23.93 -18.63
N GLY A 1 -21.44 -19.23 -18.04
CA GLY A 1 -20.32 -18.92 -17.17
C GLY A 1 -20.64 -19.13 -15.71
N SER A 2 -20.54 -20.38 -15.26
CA SER A 2 -20.82 -20.72 -13.87
C SER A 2 -19.53 -20.95 -13.10
N SER A 3 -19.52 -20.52 -11.84
CA SER A 3 -18.34 -20.68 -10.99
C SER A 3 -18.69 -20.42 -9.53
N GLY A 4 -18.65 -21.48 -8.72
CA GLY A 4 -18.96 -21.35 -7.31
C GLY A 4 -17.72 -21.40 -6.42
N SER A 5 -17.56 -20.40 -5.56
CA SER A 5 -16.41 -20.33 -4.67
C SER A 5 -16.69 -19.39 -3.51
N SER A 6 -16.41 -19.85 -2.29
CA SER A 6 -16.63 -19.05 -1.10
C SER A 6 -15.99 -19.70 0.12
N GLY A 7 -16.00 -18.99 1.24
CA GLY A 7 -15.42 -19.51 2.46
C GLY A 7 -13.95 -19.13 2.62
N LYS A 8 -13.19 -19.23 1.53
CA LYS A 8 -11.78 -18.89 1.54
C LYS A 8 -11.56 -17.46 1.07
N PRO A 9 -10.50 -16.82 1.58
CA PRO A 9 -10.14 -15.44 1.23
C PRO A 9 -9.64 -15.32 -0.20
N ILE A 10 -10.56 -15.02 -1.12
CA ILE A 10 -10.22 -14.88 -2.53
C ILE A 10 -10.21 -13.41 -2.94
N PHE A 11 -9.04 -12.78 -2.89
CA PHE A 11 -8.90 -11.38 -3.25
C PHE A 11 -8.05 -11.23 -4.51
N THR A 12 -6.99 -12.04 -4.59
CA THR A 12 -6.09 -12.00 -5.74
C THR A 12 -6.86 -12.11 -7.05
N ASP A 13 -7.11 -10.97 -7.69
CA ASP A 13 -7.83 -10.94 -8.95
C ASP A 13 -7.01 -10.27 -10.04
N GLU A 14 -6.72 -8.98 -9.83
CA GLU A 14 -5.93 -8.22 -10.81
C GLU A 14 -4.52 -7.97 -10.28
N SER A 15 -3.92 -9.01 -9.70
CA SER A 15 -2.57 -8.90 -9.16
C SER A 15 -1.66 -9.97 -9.76
N TYR A 16 -0.36 -9.87 -9.46
CA TYR A 16 0.61 -10.83 -9.97
C TYR A 16 1.99 -10.57 -9.36
N LEU A 17 2.56 -11.61 -8.77
CA LEU A 17 3.89 -11.50 -8.15
C LEU A 17 4.77 -10.54 -8.93
N GLU A 18 4.60 -10.51 -10.25
CA GLU A 18 5.38 -9.63 -11.11
C GLU A 18 5.54 -8.25 -10.46
N LEU A 19 4.42 -7.65 -10.11
CA LEU A 19 4.43 -6.32 -9.49
C LEU A 19 5.43 -6.26 -8.34
N TYR A 20 5.58 -7.39 -7.63
CA TYR A 20 6.50 -7.46 -6.51
C TYR A 20 7.94 -7.57 -7.00
N ARG A 21 8.13 -8.18 -8.16
CA ARG A 21 9.45 -8.34 -8.74
C ARG A 21 9.60 -7.51 -10.01
N LYS A 22 9.39 -6.21 -9.88
CA LYS A 22 9.51 -5.29 -11.01
C LYS A 22 10.63 -4.30 -10.80
N GLN A 23 10.75 -3.33 -11.71
CA GLN A 23 11.78 -2.31 -11.62
C GLN A 23 12.08 -1.97 -10.16
N LYS A 24 11.07 -1.52 -9.44
CA LYS A 24 11.22 -1.16 -8.04
C LYS A 24 12.23 -2.06 -7.35
N LYS A 25 13.33 -1.47 -6.89
CA LYS A 25 14.38 -2.23 -6.20
C LYS A 25 13.78 -3.35 -5.37
N HIS A 26 13.20 -2.99 -4.23
CA HIS A 26 12.59 -3.97 -3.34
C HIS A 26 11.82 -3.29 -2.22
N LEU A 27 11.12 -4.08 -1.41
CA LEU A 27 10.34 -3.54 -0.30
C LEU A 27 10.94 -3.95 1.04
N ASN A 28 10.77 -3.11 2.04
CA ASN A 28 11.29 -3.38 3.38
C ASN A 28 10.26 -4.13 4.22
N THR A 29 10.75 -4.86 5.22
CA THR A 29 9.88 -5.62 6.11
C THR A 29 8.56 -4.88 6.35
N GLN A 30 8.65 -3.69 6.93
CA GLN A 30 7.47 -2.89 7.20
C GLN A 30 6.67 -2.63 5.93
N GLN A 31 7.36 -2.19 4.88
CA GLN A 31 6.71 -1.91 3.60
C GLN A 31 5.87 -3.09 3.15
N LEU A 32 6.38 -4.29 3.34
CA LEU A 32 5.68 -5.50 2.95
C LEU A 32 4.38 -5.66 3.74
N THR A 33 4.48 -5.57 5.06
CA THR A 33 3.31 -5.70 5.92
C THR A 33 2.18 -4.79 5.46
N ALA A 34 2.53 -3.54 5.15
CA ALA A 34 1.54 -2.56 4.70
C ALA A 34 1.02 -2.92 3.31
N PHE A 35 1.93 -3.27 2.41
CA PHE A 35 1.57 -3.63 1.04
C PHE A 35 0.43 -4.65 1.04
N GLN A 36 0.51 -5.60 1.97
CA GLN A 36 -0.52 -6.64 2.07
C GLN A 36 -1.81 -6.08 2.67
N LEU A 37 -1.67 -5.34 3.76
CA LEU A 37 -2.82 -4.74 4.42
C LEU A 37 -3.63 -3.89 3.46
N LEU A 38 -2.93 -3.08 2.67
CA LEU A 38 -3.58 -2.20 1.70
C LEU A 38 -4.25 -3.02 0.60
N PHE A 39 -3.47 -3.89 -0.03
CA PHE A 39 -3.99 -4.74 -1.11
C PHE A 39 -5.34 -5.34 -0.73
N ALA A 40 -5.39 -5.94 0.47
CA ALA A 40 -6.63 -6.55 0.94
C ALA A 40 -7.75 -5.52 1.03
N TRP A 41 -7.54 -4.48 1.81
CA TRP A 41 -8.54 -3.42 1.97
C TRP A 41 -9.06 -2.95 0.63
N ARG A 42 -8.14 -2.52 -0.24
CA ARG A 42 -8.50 -2.04 -1.57
C ARG A 42 -9.53 -2.96 -2.22
N ASP A 43 -9.18 -4.25 -2.29
CA ASP A 43 -10.07 -5.24 -2.91
C ASP A 43 -11.29 -5.48 -2.01
N LYS A 44 -11.12 -5.26 -0.72
CA LYS A 44 -12.21 -5.47 0.24
C LYS A 44 -13.33 -4.47 0.01
N THR A 45 -12.97 -3.19 -0.10
CA THR A 45 -13.95 -2.13 -0.32
C THR A 45 -14.58 -2.25 -1.70
N ALA A 46 -13.79 -2.68 -2.68
CA ALA A 46 -14.27 -2.84 -4.04
C ALA A 46 -15.68 -3.41 -4.06
N ARG A 47 -15.94 -4.38 -3.18
CA ARG A 47 -17.26 -5.00 -3.09
C ARG A 47 -18.35 -3.96 -2.90
N ARG A 48 -18.29 -3.26 -1.76
CA ARG A 48 -19.27 -2.24 -1.45
C ARG A 48 -19.34 -1.19 -2.56
N GLU A 49 -18.18 -0.86 -3.13
CA GLU A 49 -18.10 0.13 -4.20
C GLU A 49 -18.70 -0.42 -5.49
N ASP A 50 -18.65 -1.74 -5.64
CA ASP A 50 -19.18 -2.40 -6.83
C ASP A 50 -18.72 -1.70 -8.10
N GLU A 51 -17.40 -1.49 -8.19
CA GLU A 51 -16.82 -0.83 -9.36
C GLU A 51 -15.43 -1.39 -9.67
N SER A 52 -14.86 -0.98 -10.80
CA SER A 52 -13.54 -1.44 -11.20
C SER A 52 -12.49 -1.11 -10.15
N TYR A 53 -11.60 -2.05 -9.89
CA TYR A 53 -10.55 -1.86 -8.90
C TYR A 53 -9.85 -0.52 -9.11
N GLY A 54 -9.30 -0.32 -10.30
CA GLY A 54 -8.61 0.91 -10.61
C GLY A 54 -9.28 2.12 -10.00
N TYR A 55 -10.57 2.29 -10.28
CA TYR A 55 -11.32 3.43 -9.74
C TYR A 55 -11.05 3.60 -8.26
N VAL A 56 -11.07 2.50 -7.52
CA VAL A 56 -10.83 2.53 -6.08
C VAL A 56 -9.41 3.01 -5.77
N LEU A 57 -8.42 2.22 -6.20
CA LEU A 57 -7.03 2.57 -5.97
C LEU A 57 -6.12 1.82 -6.95
N PRO A 58 -5.33 2.59 -7.72
CA PRO A 58 -4.40 2.03 -8.70
C PRO A 58 -3.23 1.30 -8.05
N ASN A 59 -2.47 0.56 -8.85
CA ASN A 59 -1.32 -0.19 -8.35
C ASN A 59 -0.20 0.76 -7.93
N HIS A 60 0.32 1.51 -8.89
CA HIS A 60 1.40 2.46 -8.63
C HIS A 60 1.17 3.18 -7.31
N MET A 61 -0.01 3.75 -7.14
CA MET A 61 -0.35 4.47 -5.92
C MET A 61 -0.28 3.55 -4.71
N MET A 62 -1.14 2.54 -4.70
CA MET A 62 -1.17 1.58 -3.60
C MET A 62 0.23 1.35 -3.03
N LEU A 63 1.17 1.07 -3.91
CA LEU A 63 2.55 0.82 -3.50
C LEU A 63 3.16 2.08 -2.88
N LYS A 64 3.06 3.19 -3.60
CA LYS A 64 3.59 4.46 -3.13
C LYS A 64 3.33 4.65 -1.63
N ILE A 65 2.11 4.32 -1.22
CA ILE A 65 1.73 4.44 0.18
C ILE A 65 2.38 3.35 1.03
N ALA A 66 2.32 2.11 0.55
CA ALA A 66 2.90 1.00 1.27
C ALA A 66 4.39 1.23 1.54
N GLU A 67 5.04 1.93 0.62
CA GLU A 67 6.47 2.22 0.75
C GLU A 67 6.69 3.45 1.62
N GLU A 68 5.92 4.51 1.36
CA GLU A 68 6.04 5.75 2.11
C GLU A 68 5.83 5.49 3.61
N LEU A 69 4.83 4.69 3.94
CA LEU A 69 4.52 4.37 5.33
C LEU A 69 4.27 5.64 6.14
N PRO A 70 3.35 6.48 5.65
CA PRO A 70 3.01 7.74 6.32
C PRO A 70 2.26 7.52 7.63
N LYS A 71 2.90 7.85 8.74
CA LYS A 71 2.29 7.69 10.05
C LYS A 71 0.91 8.34 10.11
N GLU A 72 0.87 9.61 9.71
CA GLU A 72 -0.38 10.36 9.72
C GLU A 72 -1.24 10.00 8.50
N PRO A 73 -2.55 10.28 8.59
CA PRO A 73 -3.50 9.99 7.51
C PRO A 73 -3.29 10.89 6.30
N GLN A 74 -2.62 12.02 6.52
CA GLN A 74 -2.35 12.97 5.44
C GLN A 74 -1.51 12.34 4.35
N GLY A 75 -0.44 11.66 4.76
CA GLY A 75 0.44 11.00 3.80
C GLY A 75 -0.30 10.07 2.88
N ILE A 76 -1.48 9.63 3.30
CA ILE A 76 -2.29 8.72 2.50
C ILE A 76 -3.15 9.49 1.49
N ILE A 77 -3.42 10.74 1.81
CA ILE A 77 -4.23 11.59 0.94
C ILE A 77 -3.37 12.25 -0.14
N ALA A 78 -2.28 12.89 0.28
CA ALA A 78 -1.39 13.57 -0.63
C ALA A 78 -0.86 12.60 -1.70
N CYS A 79 -0.81 11.32 -1.35
CA CYS A 79 -0.33 10.30 -2.27
C CYS A 79 -1.07 10.39 -3.61
N CYS A 80 -2.33 10.78 -3.55
CA CYS A 80 -3.15 10.91 -4.75
C CYS A 80 -3.38 12.37 -5.11
N ASN A 81 -3.60 12.64 -6.39
CA ASN A 81 -3.83 14.01 -6.85
C ASN A 81 -4.32 14.01 -8.30
N PRO A 82 -5.62 14.33 -8.48
CA PRO A 82 -6.51 14.66 -7.37
C PRO A 82 -6.84 13.45 -6.50
N VAL A 83 -7.55 13.69 -5.40
CA VAL A 83 -7.93 12.62 -4.49
C VAL A 83 -9.43 12.33 -4.57
N PRO A 84 -9.77 11.06 -4.80
CA PRO A 84 -11.17 10.62 -4.90
C PRO A 84 -11.90 10.69 -3.56
N PRO A 85 -13.23 10.51 -3.60
CA PRO A 85 -14.07 10.54 -2.40
C PRO A 85 -13.83 9.33 -1.49
N LEU A 86 -13.39 8.23 -2.09
CA LEU A 86 -13.14 7.01 -1.34
C LEU A 86 -11.89 7.16 -0.46
N VAL A 87 -10.73 7.27 -1.11
CA VAL A 87 -9.47 7.43 -0.39
C VAL A 87 -9.62 8.37 0.80
N ARG A 88 -10.48 9.38 0.64
CA ARG A 88 -10.73 10.35 1.70
C ARG A 88 -11.75 9.82 2.70
N GLN A 89 -12.84 9.28 2.18
CA GLN A 89 -13.91 8.74 3.03
C GLN A 89 -13.37 7.65 3.94
N GLN A 90 -12.72 6.65 3.35
CA GLN A 90 -12.16 5.55 4.12
C GLN A 90 -10.73 5.85 4.55
N ILE A 91 -10.34 7.12 4.44
CA ILE A 91 -9.01 7.55 4.83
C ILE A 91 -8.63 7.03 6.20
N ASN A 92 -9.59 7.07 7.13
CA ASN A 92 -9.37 6.60 8.49
C ASN A 92 -8.83 5.16 8.49
N GLU A 93 -9.51 4.29 7.75
CA GLU A 93 -9.11 2.89 7.66
C GLU A 93 -7.69 2.76 7.12
N MET A 94 -7.44 3.38 5.98
CA MET A 94 -6.12 3.34 5.35
C MET A 94 -5.04 3.71 6.36
N HIS A 95 -5.21 4.85 7.02
CA HIS A 95 -4.24 5.32 8.01
C HIS A 95 -3.93 4.22 9.03
N LEU A 96 -4.98 3.61 9.58
CA LEU A 96 -4.82 2.55 10.56
C LEU A 96 -3.88 1.47 10.05
N LEU A 97 -4.13 1.01 8.82
CA LEU A 97 -3.29 -0.02 8.21
C LEU A 97 -1.82 0.37 8.27
N ILE A 98 -1.50 1.53 7.71
CA ILE A 98 -0.13 2.01 7.69
C ILE A 98 0.50 1.93 9.08
N GLN A 99 -0.26 2.29 10.10
CA GLN A 99 0.23 2.25 11.47
C GLN A 99 0.42 0.82 11.94
N GLN A 100 -0.38 -0.10 11.40
CA GLN A 100 -0.29 -1.50 11.76
C GLN A 100 0.97 -2.14 11.17
N ALA A 101 1.44 -1.58 10.05
CA ALA A 101 2.63 -2.08 9.39
C ALA A 101 3.90 -1.53 10.03
N ARG A 102 3.81 -0.31 10.56
CA ARG A 102 4.95 0.33 11.21
C ARG A 102 5.07 -0.12 12.66
N GLU A 103 3.92 -0.26 13.33
CA GLU A 103 3.90 -0.69 14.73
C GLU A 103 5.00 -1.71 15.01
N MET A 104 5.20 -2.63 14.05
CA MET A 104 6.20 -3.66 14.20
C MET A 104 7.58 -3.15 13.77
N PRO A 105 8.63 -3.59 14.48
CA PRO A 105 10.00 -3.19 14.18
C PRO A 105 10.51 -3.78 12.87
N LEU A 106 11.78 -3.50 12.55
CA LEU A 106 12.38 -4.01 11.33
C LEU A 106 13.40 -5.10 11.64
N LEU A 107 13.00 -6.34 11.41
CA LEU A 107 13.88 -7.49 11.66
C LEU A 107 15.28 -7.22 11.13
N LYS A 108 16.24 -7.12 12.05
CA LYS A 108 17.63 -6.87 11.68
C LYS A 108 18.55 -7.07 12.89
N SER A 109 19.74 -7.60 12.63
CA SER A 109 20.72 -7.85 13.69
C SER A 109 20.72 -6.70 14.69
N GLU A 110 20.89 -5.49 14.20
CA GLU A 110 20.92 -4.31 15.06
C GLU A 110 19.62 -4.19 15.86
N VAL A 111 19.72 -4.44 17.16
CA VAL A 111 18.55 -4.36 18.04
C VAL A 111 18.10 -2.92 18.21
N ALA A 112 16.78 -2.71 18.19
CA ALA A 112 16.22 -1.37 18.34
C ALA A 112 15.34 -1.30 19.59
N ALA A 113 15.94 -0.95 20.72
CA ALA A 113 15.20 -0.84 21.97
C ALA A 113 14.14 0.24 21.89
N GLY A 114 13.26 0.28 22.89
CA GLY A 114 12.21 1.28 22.92
C GLY A 114 12.67 2.59 23.49
N VAL A 115 12.26 3.69 22.85
CA VAL A 115 12.64 5.02 23.31
C VAL A 115 12.38 5.19 24.80
N LYS A 116 13.22 5.99 25.46
CA LYS A 116 13.08 6.22 26.90
C LYS A 116 13.18 7.72 27.20
N LYS A 117 12.14 8.25 27.84
CA LYS A 117 12.10 9.67 28.20
C LYS A 117 11.95 9.85 29.70
N SER A 118 12.30 11.03 30.19
CA SER A 118 12.21 11.32 31.61
C SER A 118 10.84 10.91 32.16
N SER A 119 10.85 9.92 33.05
CA SER A 119 9.61 9.43 33.65
C SER A 119 9.91 8.56 34.86
N GLY A 120 9.18 8.78 35.96
CA GLY A 120 9.39 8.01 37.16
C GLY A 120 8.28 8.21 38.17
N PRO A 121 7.17 7.47 38.00
CA PRO A 121 6.01 7.55 38.89
C PRO A 121 6.30 6.98 40.28
N SER A 122 6.89 5.78 40.30
CA SER A 122 7.21 5.11 41.56
C SER A 122 6.16 5.41 42.62
N SER A 123 4.90 5.35 42.23
CA SER A 123 3.80 5.62 43.15
C SER A 123 2.85 4.42 43.23
N GLY A 124 2.09 4.35 44.31
CA GLY A 124 1.15 3.26 44.49
C GLY A 124 1.48 2.42 45.72
N GLY A 1 -8.21 -2.91 -30.35
CA GLY A 1 -9.34 -2.87 -29.45
C GLY A 1 -10.02 -4.22 -29.31
N SER A 2 -10.17 -4.68 -28.07
CA SER A 2 -10.80 -5.97 -27.81
C SER A 2 -12.31 -5.83 -27.78
N SER A 3 -12.85 -5.08 -28.74
CA SER A 3 -14.29 -4.88 -28.82
C SER A 3 -15.05 -6.16 -28.52
N GLY A 4 -15.83 -6.13 -27.45
CA GLY A 4 -16.60 -7.30 -27.06
C GLY A 4 -15.76 -8.33 -26.32
N SER A 5 -15.99 -8.46 -25.03
CA SER A 5 -15.24 -9.41 -24.21
C SER A 5 -15.81 -9.47 -22.79
N SER A 6 -16.09 -10.69 -22.33
CA SER A 6 -16.63 -10.89 -20.99
C SER A 6 -15.57 -11.42 -20.04
N GLY A 7 -15.55 -10.89 -18.82
CA GLY A 7 -14.58 -11.33 -17.84
C GLY A 7 -15.11 -11.22 -16.42
N LYS A 8 -15.16 -12.35 -15.73
CA LYS A 8 -15.64 -12.39 -14.35
C LYS A 8 -14.87 -11.42 -13.47
N PRO A 9 -15.47 -11.04 -12.33
CA PRO A 9 -14.85 -10.11 -11.38
C PRO A 9 -13.66 -10.72 -10.67
N ILE A 10 -12.47 -10.49 -11.21
CA ILE A 10 -11.24 -11.01 -10.62
C ILE A 10 -10.38 -9.89 -10.07
N PHE A 11 -9.84 -10.10 -8.86
CA PHE A 11 -9.00 -9.11 -8.22
C PHE A 11 -7.55 -9.59 -8.14
N THR A 12 -7.38 -10.90 -8.00
CA THR A 12 -6.06 -11.49 -7.91
C THR A 12 -6.09 -12.98 -8.23
N ASP A 13 -5.01 -13.48 -8.83
CA ASP A 13 -4.93 -14.89 -9.20
C ASP A 13 -3.84 -15.59 -8.37
N GLU A 14 -3.93 -15.47 -7.06
CA GLU A 14 -2.95 -16.09 -6.17
C GLU A 14 -1.54 -15.60 -6.47
N SER A 15 -1.43 -14.32 -6.82
CA SER A 15 -0.15 -13.72 -7.14
C SER A 15 0.09 -12.46 -6.32
N TYR A 16 1.07 -12.49 -5.44
CA TYR A 16 1.40 -11.36 -4.59
C TYR A 16 2.80 -10.83 -4.90
N LEU A 17 3.72 -11.74 -5.21
CA LEU A 17 5.09 -11.37 -5.54
C LEU A 17 5.26 -11.15 -7.04
N GLU A 18 4.31 -11.68 -7.81
CA GLU A 18 4.36 -11.54 -9.26
C GLU A 18 4.44 -10.08 -9.67
N LEU A 19 3.75 -9.22 -8.94
CA LEU A 19 3.74 -7.79 -9.22
C LEU A 19 4.88 -7.08 -8.50
N TYR A 20 5.23 -7.59 -7.32
CA TYR A 20 6.30 -7.01 -6.53
C TYR A 20 7.59 -6.91 -7.33
N ARG A 21 8.07 -8.05 -7.83
CA ARG A 21 9.29 -8.10 -8.62
C ARG A 21 9.26 -7.04 -9.73
N LYS A 22 8.20 -7.09 -10.54
CA LYS A 22 8.05 -6.15 -11.64
C LYS A 22 8.61 -4.78 -11.26
N GLN A 23 8.12 -4.23 -10.15
CA GLN A 23 8.56 -2.92 -9.69
C GLN A 23 10.09 -2.84 -9.68
N LYS A 24 10.62 -1.87 -10.41
CA LYS A 24 12.07 -1.68 -10.49
C LYS A 24 12.70 -1.74 -9.10
N LYS A 25 12.25 -0.88 -8.21
CA LYS A 25 12.77 -0.84 -6.84
C LYS A 25 12.18 -1.97 -6.00
N HIS A 26 12.86 -2.29 -4.90
CA HIS A 26 12.39 -3.36 -4.01
C HIS A 26 11.70 -2.78 -2.79
N LEU A 27 11.03 -3.64 -2.02
CA LEU A 27 10.33 -3.21 -0.83
C LEU A 27 10.98 -3.79 0.43
N ASN A 28 10.91 -3.05 1.52
CA ASN A 28 11.49 -3.50 2.79
C ASN A 28 10.45 -4.25 3.62
N THR A 29 10.92 -4.86 4.71
CA THR A 29 10.04 -5.62 5.59
C THR A 29 8.74 -4.87 5.86
N GLN A 30 8.86 -3.71 6.50
CA GLN A 30 7.69 -2.90 6.81
C GLN A 30 6.84 -2.65 5.57
N GLN A 31 7.45 -2.05 4.55
CA GLN A 31 6.74 -1.77 3.31
C GLN A 31 5.89 -2.96 2.88
N LEU A 32 6.51 -4.14 2.86
CA LEU A 32 5.81 -5.36 2.46
C LEU A 32 4.53 -5.54 3.27
N THR A 33 4.65 -5.43 4.59
CA THR A 33 3.50 -5.57 5.48
C THR A 33 2.38 -4.62 5.10
N ALA A 34 2.71 -3.33 5.01
CA ALA A 34 1.73 -2.32 4.65
C ALA A 34 1.06 -2.65 3.33
N PHE A 35 1.86 -3.08 2.35
CA PHE A 35 1.33 -3.42 1.03
C PHE A 35 0.19 -4.43 1.14
N GLN A 36 0.44 -5.53 1.85
CA GLN A 36 -0.57 -6.56 2.04
C GLN A 36 -1.86 -5.98 2.62
N LEU A 37 -1.72 -5.26 3.73
CA LEU A 37 -2.86 -4.64 4.39
C LEU A 37 -3.72 -3.87 3.39
N LEU A 38 -3.07 -3.05 2.57
CA LEU A 38 -3.77 -2.26 1.56
C LEU A 38 -4.52 -3.16 0.58
N PHE A 39 -3.77 -3.98 -0.15
CA PHE A 39 -4.36 -4.89 -1.13
C PHE A 39 -5.71 -5.40 -0.62
N ALA A 40 -5.69 -6.11 0.50
CA ALA A 40 -6.91 -6.65 1.09
C ALA A 40 -7.99 -5.58 1.20
N TRP A 41 -7.64 -4.45 1.80
CA TRP A 41 -8.58 -3.35 1.97
C TRP A 41 -9.21 -2.96 0.64
N ARG A 42 -8.37 -2.72 -0.36
CA ARG A 42 -8.84 -2.33 -1.68
C ARG A 42 -9.97 -3.24 -2.14
N ASP A 43 -9.73 -4.55 -2.08
CA ASP A 43 -10.73 -5.53 -2.49
C ASP A 43 -12.00 -5.41 -1.64
N LYS A 44 -11.81 -5.31 -0.32
CA LYS A 44 -12.93 -5.19 0.60
C LYS A 44 -13.89 -4.08 0.16
N THR A 45 -13.40 -2.84 0.20
CA THR A 45 -14.20 -1.70 -0.20
C THR A 45 -14.67 -1.82 -1.64
N ALA A 46 -13.78 -2.30 -2.51
CA ALA A 46 -14.11 -2.47 -3.92
C ALA A 46 -15.49 -3.10 -4.09
N ARG A 47 -15.78 -4.11 -3.28
CA ARG A 47 -17.06 -4.80 -3.35
C ARG A 47 -18.19 -3.89 -2.85
N ARG A 48 -18.03 -3.37 -1.65
CA ARG A 48 -19.04 -2.49 -1.07
C ARG A 48 -19.43 -1.38 -2.04
N GLU A 49 -18.43 -0.79 -2.70
CA GLU A 49 -18.67 0.27 -3.66
C GLU A 49 -19.21 -0.28 -4.97
N ASP A 50 -18.75 -1.48 -5.34
CA ASP A 50 -19.18 -2.13 -6.57
C ASP A 50 -18.62 -1.42 -7.79
N GLU A 51 -17.34 -1.03 -7.71
CA GLU A 51 -16.68 -0.34 -8.81
C GLU A 51 -15.39 -1.05 -9.20
N SER A 52 -14.81 -0.63 -10.32
CA SER A 52 -13.57 -1.23 -10.81
C SER A 52 -12.46 -1.10 -9.77
N TYR A 53 -11.74 -2.19 -9.54
CA TYR A 53 -10.65 -2.21 -8.57
C TYR A 53 -9.66 -1.08 -8.85
N GLY A 54 -9.34 -0.89 -10.13
CA GLY A 54 -8.41 0.15 -10.51
C GLY A 54 -8.82 1.52 -9.99
N TYR A 55 -10.07 1.89 -10.26
CA TYR A 55 -10.58 3.19 -9.82
C TYR A 55 -10.27 3.43 -8.35
N VAL A 56 -10.73 2.52 -7.49
CA VAL A 56 -10.49 2.64 -6.06
C VAL A 56 -9.05 3.05 -5.77
N LEU A 57 -8.11 2.20 -6.17
CA LEU A 57 -6.69 2.47 -5.94
C LEU A 57 -5.82 1.65 -6.89
N PRO A 58 -5.06 2.34 -7.74
CA PRO A 58 -4.17 1.69 -8.72
C PRO A 58 -2.98 1.00 -8.05
N ASN A 59 -2.20 0.28 -8.84
CA ASN A 59 -1.03 -0.43 -8.33
C ASN A 59 0.08 0.56 -7.94
N HIS A 60 0.59 1.28 -8.93
CA HIS A 60 1.65 2.25 -8.70
C HIS A 60 1.40 3.03 -7.41
N MET A 61 0.22 3.63 -7.30
CA MET A 61 -0.13 4.40 -6.12
C MET A 61 -0.06 3.53 -4.86
N MET A 62 -0.83 2.45 -4.85
CA MET A 62 -0.84 1.54 -3.71
C MET A 62 0.55 1.41 -3.10
N LEU A 63 1.54 1.10 -3.94
CA LEU A 63 2.91 0.95 -3.48
C LEU A 63 3.43 2.24 -2.88
N LYS A 64 3.41 3.31 -3.68
CA LYS A 64 3.88 4.61 -3.22
C LYS A 64 3.49 4.85 -1.76
N ILE A 65 2.28 4.48 -1.41
CA ILE A 65 1.79 4.65 -0.04
C ILE A 65 2.48 3.68 0.91
N ALA A 66 2.38 2.39 0.61
CA ALA A 66 2.99 1.35 1.43
C ALA A 66 4.45 1.68 1.72
N GLU A 67 5.13 2.25 0.73
CA GLU A 67 6.54 2.61 0.87
C GLU A 67 6.69 3.85 1.75
N GLU A 68 5.78 4.81 1.59
CA GLU A 68 5.82 6.04 2.36
C GLU A 68 5.60 5.77 3.85
N LEU A 69 4.60 4.93 4.14
CA LEU A 69 4.28 4.59 5.51
C LEU A 69 4.03 5.84 6.35
N PRO A 70 3.12 6.70 5.86
CA PRO A 70 2.76 7.94 6.56
C PRO A 70 1.99 7.69 7.84
N LYS A 71 2.66 7.84 8.98
CA LYS A 71 2.03 7.63 10.28
C LYS A 71 0.69 8.36 10.35
N GLU A 72 0.60 9.48 9.65
CA GLU A 72 -0.63 10.28 9.65
C GLU A 72 -1.49 9.94 8.43
N PRO A 73 -2.79 10.22 8.54
CA PRO A 73 -3.75 9.96 7.45
C PRO A 73 -3.54 10.88 6.26
N GLN A 74 -2.99 12.06 6.51
CA GLN A 74 -2.74 13.02 5.45
C GLN A 74 -1.79 12.44 4.39
N GLY A 75 -0.74 11.77 4.85
CA GLY A 75 0.22 11.18 3.93
C GLY A 75 -0.44 10.25 2.93
N ILE A 76 -1.61 9.73 3.28
CA ILE A 76 -2.34 8.83 2.41
C ILE A 76 -3.14 9.60 1.37
N ILE A 77 -3.43 10.86 1.66
CA ILE A 77 -4.19 11.70 0.75
C ILE A 77 -3.27 12.41 -0.23
N ALA A 78 -2.20 13.00 0.28
CA ALA A 78 -1.23 13.71 -0.55
C ALA A 78 -0.73 12.83 -1.69
N CYS A 79 -0.62 11.53 -1.42
CA CYS A 79 -0.16 10.58 -2.43
C CYS A 79 -0.95 10.73 -3.72
N CYS A 80 -2.27 10.90 -3.59
CA CYS A 80 -3.13 11.05 -4.75
C CYS A 80 -3.35 12.52 -5.09
N ASN A 81 -3.51 12.81 -6.37
CA ASN A 81 -3.72 14.18 -6.82
C ASN A 81 -4.20 14.22 -8.27
N PRO A 82 -5.51 14.49 -8.45
CA PRO A 82 -6.42 14.74 -7.34
C PRO A 82 -6.71 13.49 -6.53
N VAL A 83 -7.49 13.65 -5.45
CA VAL A 83 -7.83 12.54 -4.58
C VAL A 83 -9.31 12.20 -4.69
N PRO A 84 -9.61 10.91 -4.92
CA PRO A 84 -10.99 10.42 -5.04
C PRO A 84 -11.74 10.46 -3.71
N PRO A 85 -13.07 10.26 -3.77
CA PRO A 85 -13.91 10.27 -2.59
C PRO A 85 -13.69 9.05 -1.70
N LEU A 86 -13.17 7.98 -2.29
CA LEU A 86 -12.90 6.75 -1.56
C LEU A 86 -11.72 6.93 -0.62
N VAL A 87 -10.55 7.18 -1.19
CA VAL A 87 -9.34 7.37 -0.40
C VAL A 87 -9.59 8.30 0.78
N ARG A 88 -10.42 9.32 0.56
CA ARG A 88 -10.75 10.27 1.62
C ARG A 88 -11.84 9.71 2.52
N GLN A 89 -12.85 9.08 1.92
CA GLN A 89 -13.95 8.50 2.67
C GLN A 89 -13.46 7.47 3.68
N GLN A 90 -12.76 6.47 3.17
CA GLN A 90 -12.22 5.41 4.03
C GLN A 90 -10.80 5.72 4.47
N ILE A 91 -10.46 7.01 4.46
CA ILE A 91 -9.12 7.45 4.86
C ILE A 91 -8.75 6.91 6.23
N ASN A 92 -9.72 6.93 7.15
CA ASN A 92 -9.49 6.44 8.50
C ASN A 92 -8.95 5.02 8.49
N GLU A 93 -9.62 4.14 7.75
CA GLU A 93 -9.20 2.75 7.64
C GLU A 93 -7.77 2.64 7.11
N MET A 94 -7.53 3.28 5.96
CA MET A 94 -6.21 3.26 5.34
C MET A 94 -5.14 3.64 6.35
N HIS A 95 -5.33 4.78 7.01
CA HIS A 95 -4.37 5.26 8.01
C HIS A 95 -4.02 4.16 9.00
N LEU A 96 -5.05 3.53 9.57
CA LEU A 96 -4.85 2.46 10.54
C LEU A 96 -3.91 1.39 9.98
N LEU A 97 -4.13 1.01 8.73
CA LEU A 97 -3.31 -0.01 8.08
C LEU A 97 -1.84 0.40 8.11
N ILE A 98 -1.56 1.64 7.73
CA ILE A 98 -0.20 2.15 7.72
C ILE A 98 0.47 1.99 9.08
N GLN A 99 -0.25 2.35 10.12
CA GLN A 99 0.27 2.25 11.49
C GLN A 99 0.60 0.80 11.83
N GLN A 100 -0.29 -0.11 11.43
CA GLN A 100 -0.10 -1.53 11.70
C GLN A 100 1.23 -2.02 11.14
N ALA A 101 1.52 -1.64 9.90
CA ALA A 101 2.77 -2.03 9.25
C ALA A 101 3.98 -1.51 10.01
N ARG A 102 3.81 -0.36 10.66
CA ARG A 102 4.89 0.25 11.43
C ARG A 102 4.99 -0.39 12.82
N GLU A 103 3.86 -0.83 13.34
CA GLU A 103 3.82 -1.45 14.66
C GLU A 103 4.94 -2.47 14.81
N MET A 104 5.11 -3.32 13.80
CA MET A 104 6.14 -4.34 13.83
C MET A 104 7.51 -3.74 13.53
N PRO A 105 8.54 -4.25 14.22
CA PRO A 105 9.92 -3.78 14.05
C PRO A 105 10.50 -4.16 12.70
N LEU A 106 11.74 -3.73 12.45
CA LEU A 106 12.41 -4.03 11.19
C LEU A 106 13.54 -5.03 11.39
N LEU A 107 13.35 -6.24 10.87
CA LEU A 107 14.36 -7.29 11.00
C LEU A 107 15.35 -7.24 9.84
N LYS A 108 16.59 -7.59 10.13
CA LYS A 108 17.64 -7.59 9.12
C LYS A 108 18.51 -8.83 9.22
N SER A 109 19.44 -8.99 8.28
CA SER A 109 20.33 -10.14 8.27
C SER A 109 21.78 -9.71 8.09
N GLU A 110 22.03 -8.95 7.02
CA GLU A 110 23.37 -8.46 6.73
C GLU A 110 23.40 -6.94 6.62
N VAL A 111 24.56 -6.36 6.85
CA VAL A 111 24.72 -4.90 6.78
C VAL A 111 25.33 -4.48 5.46
N ALA A 112 24.85 -3.37 4.91
CA ALA A 112 25.35 -2.86 3.64
C ALA A 112 25.54 -1.35 3.70
N ALA A 113 26.63 -0.87 3.12
CA ALA A 113 26.93 0.57 3.10
C ALA A 113 28.00 0.90 2.08
N GLY A 114 28.24 2.19 1.88
CA GLY A 114 29.25 2.62 0.92
C GLY A 114 30.12 3.74 1.46
N VAL A 115 30.31 4.76 0.64
CA VAL A 115 31.13 5.91 1.03
C VAL A 115 30.26 7.03 1.59
N LYS A 116 30.91 8.05 2.16
CA LYS A 116 30.20 9.17 2.75
C LYS A 116 30.92 10.49 2.42
N LYS A 117 30.31 11.29 1.56
CA LYS A 117 30.88 12.57 1.17
C LYS A 117 29.87 13.40 0.38
N SER A 118 30.11 14.70 0.30
CA SER A 118 29.22 15.61 -0.42
C SER A 118 27.88 15.74 0.30
N SER A 119 27.92 16.09 1.58
CA SER A 119 26.71 16.25 2.38
C SER A 119 26.36 17.72 2.55
N GLY A 120 27.39 18.56 2.57
CA GLY A 120 27.16 19.99 2.73
C GLY A 120 28.20 20.82 2.01
N PRO A 121 28.36 22.09 2.44
CA PRO A 121 29.33 23.01 1.84
C PRO A 121 30.77 22.62 2.15
N SER A 122 31.57 22.47 1.09
CA SER A 122 32.97 22.09 1.25
C SER A 122 33.87 23.04 0.47
N SER A 123 35.14 23.07 0.83
CA SER A 123 36.12 23.93 0.17
C SER A 123 36.90 23.16 -0.89
N GLY A 124 37.19 23.83 -2.00
CA GLY A 124 37.93 23.19 -3.08
C GLY A 124 37.02 22.49 -4.07
N GLY A 1 -28.46 -16.80 -17.62
CA GLY A 1 -27.42 -17.65 -18.17
C GLY A 1 -26.11 -16.93 -18.33
N SER A 2 -25.22 -17.49 -19.14
CA SER A 2 -23.90 -16.90 -19.38
C SER A 2 -23.19 -17.59 -20.54
N SER A 3 -22.59 -16.80 -21.41
CA SER A 3 -21.88 -17.33 -22.57
C SER A 3 -21.01 -18.52 -22.17
N GLY A 4 -20.09 -18.29 -21.24
CA GLY A 4 -19.21 -19.36 -20.79
C GLY A 4 -17.80 -18.86 -20.51
N SER A 5 -17.27 -18.04 -21.42
CA SER A 5 -15.93 -17.51 -21.26
C SER A 5 -15.97 -16.08 -20.73
N SER A 6 -17.03 -15.36 -21.07
CA SER A 6 -17.20 -13.98 -20.63
C SER A 6 -17.05 -13.87 -19.11
N GLY A 7 -16.76 -12.67 -18.64
CA GLY A 7 -16.60 -12.45 -17.21
C GLY A 7 -15.25 -11.87 -16.86
N LYS A 8 -15.24 -10.95 -15.89
CA LYS A 8 -14.00 -10.32 -15.46
C LYS A 8 -13.18 -11.27 -14.56
N PRO A 9 -11.88 -10.97 -14.43
CA PRO A 9 -10.97 -11.77 -13.61
C PRO A 9 -11.26 -11.63 -12.12
N ILE A 10 -11.08 -12.73 -11.38
CA ILE A 10 -11.33 -12.74 -9.95
C ILE A 10 -10.19 -12.06 -9.19
N PHE A 11 -10.47 -11.63 -7.97
CA PHE A 11 -9.47 -10.97 -7.15
C PHE A 11 -8.81 -11.95 -6.19
N THR A 12 -9.62 -12.81 -5.58
CA THR A 12 -9.12 -13.80 -4.63
C THR A 12 -8.40 -14.93 -5.37
N ASP A 13 -8.76 -15.14 -6.62
CA ASP A 13 -8.14 -16.19 -7.44
C ASP A 13 -6.72 -15.80 -7.84
N GLU A 14 -6.60 -14.63 -8.45
CA GLU A 14 -5.29 -14.14 -8.89
C GLU A 14 -4.37 -13.88 -7.70
N SER A 15 -3.12 -14.29 -7.84
CA SER A 15 -2.14 -14.11 -6.77
C SER A 15 -1.38 -12.80 -6.93
N TYR A 16 -1.30 -12.04 -5.84
CA TYR A 16 -0.61 -10.76 -5.86
C TYR A 16 0.90 -10.93 -5.70
N LEU A 17 1.43 -11.99 -6.31
CA LEU A 17 2.85 -12.28 -6.24
C LEU A 17 3.59 -11.67 -7.43
N GLU A 18 2.98 -11.74 -8.61
CA GLU A 18 3.58 -11.20 -9.82
C GLU A 18 3.65 -9.67 -9.75
N LEU A 19 2.51 -9.04 -9.51
CA LEU A 19 2.44 -7.59 -9.42
C LEU A 19 3.49 -7.05 -8.45
N TYR A 20 3.69 -7.76 -7.34
CA TYR A 20 4.68 -7.35 -6.35
C TYR A 20 6.09 -7.43 -6.91
N ARG A 21 6.47 -8.60 -7.39
CA ARG A 21 7.80 -8.80 -7.96
C ARG A 21 7.83 -8.42 -9.44
N LYS A 22 7.25 -7.26 -9.74
CA LYS A 22 7.20 -6.77 -11.12
C LYS A 22 8.58 -6.26 -11.55
N GLN A 23 9.43 -7.19 -11.98
CA GLN A 23 10.78 -6.84 -12.43
C GLN A 23 11.32 -5.66 -11.63
N LYS A 24 11.09 -5.68 -10.32
CA LYS A 24 11.56 -4.62 -9.44
C LYS A 24 12.17 -5.21 -8.18
N LYS A 25 12.88 -4.37 -7.42
CA LYS A 25 13.51 -4.80 -6.18
C LYS A 25 12.47 -5.27 -5.17
N HIS A 26 12.92 -6.00 -4.16
CA HIS A 26 12.02 -6.49 -3.12
C HIS A 26 11.78 -5.44 -2.05
N LEU A 27 10.58 -5.45 -1.47
CA LEU A 27 10.23 -4.49 -0.44
C LEU A 27 10.77 -4.92 0.92
N ASN A 28 10.64 -4.05 1.91
CA ASN A 28 11.11 -4.34 3.26
C ASN A 28 10.01 -4.96 4.10
N THR A 29 10.39 -5.53 5.25
CA THR A 29 9.42 -6.16 6.14
C THR A 29 8.18 -5.29 6.30
N GLN A 30 8.37 -4.07 6.77
CA GLN A 30 7.26 -3.15 6.98
C GLN A 30 6.50 -2.92 5.67
N GLN A 31 7.19 -2.40 4.68
CA GLN A 31 6.58 -2.13 3.37
C GLN A 31 5.66 -3.27 2.96
N LEU A 32 6.15 -4.49 3.09
CA LEU A 32 5.38 -5.67 2.73
C LEU A 32 4.08 -5.74 3.52
N THR A 33 4.21 -5.78 4.84
CA THR A 33 3.04 -5.84 5.72
C THR A 33 1.98 -4.83 5.29
N ALA A 34 2.38 -3.58 5.15
CA ALA A 34 1.47 -2.51 4.74
C ALA A 34 0.83 -2.83 3.39
N PHE A 35 1.65 -3.27 2.44
CA PHE A 35 1.16 -3.61 1.11
C PHE A 35 0.05 -4.64 1.18
N GLN A 36 0.28 -5.71 1.96
CA GLN A 36 -0.71 -6.77 2.10
C GLN A 36 -2.04 -6.21 2.62
N LEU A 37 -1.94 -5.33 3.63
CA LEU A 37 -3.13 -4.73 4.22
C LEU A 37 -3.92 -3.93 3.17
N LEU A 38 -3.22 -3.06 2.46
CA LEU A 38 -3.85 -2.25 1.43
C LEU A 38 -4.52 -3.12 0.37
N PHE A 39 -3.81 -4.15 -0.08
CA PHE A 39 -4.34 -5.06 -1.09
C PHE A 39 -5.72 -5.57 -0.68
N ALA A 40 -5.79 -6.26 0.45
CA ALA A 40 -7.04 -6.80 0.95
C ALA A 40 -8.10 -5.72 1.04
N TRP A 41 -7.79 -4.65 1.77
CA TRP A 41 -8.72 -3.54 1.95
C TRP A 41 -9.28 -3.09 0.60
N ARG A 42 -8.40 -2.85 -0.36
CA ARG A 42 -8.82 -2.42 -1.69
C ARG A 42 -9.92 -3.32 -2.24
N ASP A 43 -9.67 -4.63 -2.22
CA ASP A 43 -10.65 -5.59 -2.71
C ASP A 43 -11.94 -5.52 -1.92
N LYS A 44 -11.83 -5.51 -0.60
CA LYS A 44 -12.99 -5.43 0.28
C LYS A 44 -13.92 -4.30 -0.15
N THR A 45 -13.39 -3.07 -0.13
CA THR A 45 -14.17 -1.91 -0.52
C THR A 45 -14.73 -2.06 -1.93
N ALA A 46 -13.84 -2.28 -2.89
CA ALA A 46 -14.25 -2.44 -4.29
C ALA A 46 -15.37 -3.46 -4.41
N ARG A 47 -15.41 -4.42 -3.49
CA ARG A 47 -16.43 -5.45 -3.50
C ARG A 47 -17.77 -4.90 -3.00
N ARG A 48 -17.69 -3.97 -2.05
CA ARG A 48 -18.89 -3.36 -1.48
C ARG A 48 -19.44 -2.26 -2.39
N GLU A 49 -18.54 -1.40 -2.87
CA GLU A 49 -18.92 -0.31 -3.75
C GLU A 49 -19.33 -0.82 -5.13
N ASP A 50 -18.75 -1.97 -5.50
CA ASP A 50 -19.04 -2.57 -6.80
C ASP A 50 -18.56 -1.68 -7.94
N GLU A 51 -17.33 -1.17 -7.80
CA GLU A 51 -16.75 -0.30 -8.82
C GLU A 51 -15.42 -0.86 -9.31
N SER A 52 -14.82 -0.15 -10.26
CA SER A 52 -13.53 -0.58 -10.82
C SER A 52 -12.47 -0.66 -9.74
N TYR A 53 -11.67 -1.72 -9.78
CA TYR A 53 -10.61 -1.92 -8.80
C TYR A 53 -9.61 -0.76 -8.83
N GLY A 54 -9.01 -0.53 -9.98
CA GLY A 54 -8.05 0.54 -10.12
C GLY A 54 -8.59 1.87 -9.63
N TYR A 55 -9.85 2.15 -9.96
CA TYR A 55 -10.48 3.40 -9.56
C TYR A 55 -10.23 3.68 -8.08
N VAL A 56 -10.41 2.66 -7.25
CA VAL A 56 -10.20 2.78 -5.81
C VAL A 56 -8.76 3.14 -5.49
N LEU A 57 -7.85 2.23 -5.81
CA LEU A 57 -6.43 2.44 -5.55
C LEU A 57 -5.58 1.59 -6.49
N PRO A 58 -4.97 2.24 -7.49
CA PRO A 58 -4.12 1.56 -8.48
C PRO A 58 -2.80 1.09 -7.87
N ASN A 59 -2.18 0.10 -8.51
CA ASN A 59 -0.91 -0.44 -8.03
C ASN A 59 0.10 0.68 -7.79
N HIS A 60 0.32 1.50 -8.80
CA HIS A 60 1.26 2.61 -8.70
C HIS A 60 1.09 3.34 -7.37
N MET A 61 -0.14 3.76 -7.08
CA MET A 61 -0.43 4.48 -5.84
C MET A 61 -0.19 3.57 -4.63
N MET A 62 -0.91 2.46 -4.58
CA MET A 62 -0.77 1.51 -3.47
C MET A 62 0.69 1.38 -3.05
N LEU A 63 1.56 1.18 -4.03
CA LEU A 63 2.99 1.03 -3.75
C LEU A 63 3.55 2.29 -3.09
N LYS A 64 3.32 3.44 -3.72
CA LYS A 64 3.80 4.70 -3.18
C LYS A 64 3.41 4.86 -1.71
N ILE A 65 2.17 4.50 -1.39
CA ILE A 65 1.68 4.60 -0.03
C ILE A 65 2.34 3.55 0.87
N ALA A 66 2.18 2.28 0.50
CA ALA A 66 2.76 1.19 1.27
C ALA A 66 4.23 1.46 1.60
N GLU A 67 4.97 1.93 0.60
CA GLU A 67 6.39 2.22 0.78
C GLU A 67 6.57 3.44 1.68
N GLU A 68 5.78 4.48 1.43
CA GLU A 68 5.86 5.71 2.22
C GLU A 68 5.65 5.41 3.70
N LEU A 69 4.54 4.75 4.01
CA LEU A 69 4.22 4.41 5.39
C LEU A 69 4.02 5.67 6.23
N PRO A 70 3.13 6.55 5.76
CA PRO A 70 2.82 7.80 6.45
C PRO A 70 2.06 7.58 7.76
N LYS A 71 2.71 7.90 8.87
CA LYS A 71 2.09 7.73 10.19
C LYS A 71 0.75 8.46 10.26
N GLU A 72 0.66 9.59 9.57
CA GLU A 72 -0.57 10.37 9.56
C GLU A 72 -1.41 10.04 8.32
N PRO A 73 -2.70 10.38 8.38
CA PRO A 73 -3.64 10.13 7.28
C PRO A 73 -3.36 11.01 6.06
N GLN A 74 -2.78 12.19 6.32
CA GLN A 74 -2.47 13.12 5.25
C GLN A 74 -1.57 12.47 4.20
N GLY A 75 -0.55 11.75 4.66
CA GLY A 75 0.36 11.09 3.75
C GLY A 75 -0.36 10.24 2.73
N ILE A 76 -1.45 9.60 3.16
CA ILE A 76 -2.23 8.74 2.27
C ILE A 76 -3.08 9.57 1.32
N ILE A 77 -3.37 10.81 1.71
CA ILE A 77 -4.17 11.70 0.89
C ILE A 77 -3.31 12.40 -0.16
N ALA A 78 -2.13 12.84 0.26
CA ALA A 78 -1.22 13.53 -0.64
C ALA A 78 -0.92 12.69 -1.88
N CYS A 79 -0.54 11.43 -1.66
CA CYS A 79 -0.22 10.52 -2.75
C CYS A 79 -1.22 10.68 -3.89
N CYS A 80 -2.48 10.94 -3.54
CA CYS A 80 -3.53 11.11 -4.53
C CYS A 80 -3.69 12.58 -4.91
N ASN A 81 -3.81 12.84 -6.20
CA ASN A 81 -3.96 14.21 -6.69
C ASN A 81 -4.48 14.22 -8.12
N PRO A 82 -5.78 14.55 -8.28
CA PRO A 82 -6.65 14.89 -7.16
C PRO A 82 -6.97 13.66 -6.29
N VAL A 83 -7.62 13.91 -5.16
CA VAL A 83 -7.98 12.84 -4.24
C VAL A 83 -9.43 12.41 -4.45
N PRO A 84 -9.64 11.10 -4.66
CA PRO A 84 -10.97 10.52 -4.87
C PRO A 84 -11.82 10.54 -3.61
N PRO A 85 -13.13 10.32 -3.78
CA PRO A 85 -14.07 10.31 -2.66
C PRO A 85 -13.88 9.10 -1.74
N LEU A 86 -12.97 8.21 -2.12
CA LEU A 86 -12.69 7.03 -1.34
C LEU A 86 -11.53 7.26 -0.38
N VAL A 87 -10.32 7.30 -0.91
CA VAL A 87 -9.13 7.52 -0.09
C VAL A 87 -9.40 8.52 1.02
N ARG A 88 -10.20 9.54 0.71
CA ARG A 88 -10.56 10.56 1.68
C ARG A 88 -11.60 10.04 2.68
N GLN A 89 -12.57 9.31 2.16
CA GLN A 89 -13.64 8.76 2.99
C GLN A 89 -13.10 7.67 3.91
N GLN A 90 -12.44 6.68 3.33
CA GLN A 90 -11.87 5.58 4.10
C GLN A 90 -10.47 5.94 4.62
N ILE A 91 -10.17 7.23 4.62
CA ILE A 91 -8.87 7.70 5.08
C ILE A 91 -8.53 7.11 6.45
N ASN A 92 -9.54 7.01 7.31
CA ASN A 92 -9.34 6.46 8.65
C ASN A 92 -8.79 5.04 8.59
N GLU A 93 -9.44 4.21 7.78
CA GLU A 93 -9.02 2.82 7.62
C GLU A 93 -7.59 2.74 7.08
N MET A 94 -7.36 3.42 5.97
CA MET A 94 -6.03 3.44 5.35
C MET A 94 -4.96 3.77 6.37
N HIS A 95 -5.09 4.92 7.02
CA HIS A 95 -4.12 5.37 8.02
C HIS A 95 -3.83 4.24 9.01
N LEU A 96 -4.89 3.60 9.49
CA LEU A 96 -4.75 2.52 10.46
C LEU A 96 -3.81 1.44 9.93
N LEU A 97 -4.05 1.00 8.70
CA LEU A 97 -3.22 -0.02 8.07
C LEU A 97 -1.75 0.35 8.14
N ILE A 98 -1.45 1.59 7.74
CA ILE A 98 -0.07 2.07 7.76
C ILE A 98 0.55 1.94 9.15
N GLN A 99 -0.23 2.26 10.17
CA GLN A 99 0.24 2.17 11.55
C GLN A 99 0.48 0.72 11.95
N GLN A 100 -0.27 -0.19 11.33
CA GLN A 100 -0.13 -1.61 11.63
C GLN A 100 1.18 -2.16 11.07
N ALA A 101 1.56 -1.67 9.91
CA ALA A 101 2.80 -2.12 9.27
C ALA A 101 4.00 -1.31 9.77
N ARG A 102 3.72 -0.13 10.30
CA ARG A 102 4.78 0.74 10.82
C ARG A 102 5.07 0.41 12.28
N GLU A 103 4.02 0.19 13.06
CA GLU A 103 4.18 -0.13 14.47
C GLU A 103 5.10 -1.32 14.67
N MET A 104 4.92 -2.34 13.83
CA MET A 104 5.75 -3.54 13.91
C MET A 104 7.17 -3.27 13.44
N PRO A 105 8.14 -3.88 14.13
CA PRO A 105 9.57 -3.71 13.79
C PRO A 105 9.93 -4.37 12.48
N LEU A 106 11.22 -4.29 12.12
CA LEU A 106 11.70 -4.89 10.88
C LEU A 106 12.37 -6.23 11.15
N LEU A 107 11.65 -7.31 10.90
CA LEU A 107 12.18 -8.66 11.11
C LEU A 107 13.12 -9.06 9.97
N LYS A 108 12.55 -9.21 8.78
CA LYS A 108 13.32 -9.59 7.60
C LYS A 108 14.06 -8.39 7.02
N SER A 109 15.25 -8.12 7.55
CA SER A 109 16.05 -6.99 7.09
C SER A 109 17.53 -7.37 7.03
N GLU A 110 18.15 -7.09 5.88
CA GLU A 110 19.57 -7.40 5.70
C GLU A 110 20.36 -6.15 5.35
N VAL A 111 20.70 -5.37 6.36
CA VAL A 111 21.46 -4.13 6.15
C VAL A 111 21.88 -3.52 7.49
N ALA A 112 23.09 -3.00 7.53
CA ALA A 112 23.62 -2.37 8.75
C ALA A 112 23.99 -3.43 9.78
N ALA A 113 24.61 -4.50 9.32
CA ALA A 113 25.04 -5.58 10.21
C ALA A 113 25.50 -5.03 11.56
N GLY A 114 24.90 -5.52 12.63
CA GLY A 114 25.28 -5.07 13.97
C GLY A 114 25.06 -3.58 14.15
N VAL A 115 23.88 -3.21 14.60
CA VAL A 115 23.55 -1.80 14.83
C VAL A 115 23.16 -1.55 16.28
N LYS A 116 23.50 -0.36 16.77
CA LYS A 116 23.19 0.01 18.15
C LYS A 116 22.30 1.24 18.19
N LYS A 117 21.42 1.37 17.21
CA LYS A 117 20.51 2.50 17.13
C LYS A 117 19.46 2.44 18.26
N SER A 118 18.75 3.54 18.44
CA SER A 118 17.72 3.61 19.48
C SER A 118 16.37 3.97 18.88
N SER A 119 15.48 2.99 18.80
CA SER A 119 14.14 3.20 18.25
C SER A 119 13.08 2.52 19.10
N GLY A 120 11.85 2.96 18.95
CA GLY A 120 10.75 2.39 19.72
C GLY A 120 9.43 2.42 18.97
N PRO A 121 8.90 1.24 18.64
CA PRO A 121 7.63 1.10 17.93
C PRO A 121 6.43 1.53 18.78
N SER A 122 5.35 1.89 18.11
CA SER A 122 4.14 2.32 18.80
C SER A 122 3.55 1.18 19.64
N SER A 123 3.52 -0.01 19.05
CA SER A 123 2.99 -1.19 19.74
C SER A 123 1.69 -0.85 20.47
N GLY A 124 0.83 -0.08 19.81
CA GLY A 124 -0.43 0.31 20.40
C GLY A 124 -1.44 0.76 19.37
N GLY A 1 -17.61 -7.57 -18.16
CA GLY A 1 -16.85 -6.43 -17.68
C GLY A 1 -17.50 -5.77 -16.49
N SER A 2 -16.71 -4.96 -15.76
CA SER A 2 -17.21 -4.26 -14.59
C SER A 2 -18.21 -5.13 -13.82
N SER A 3 -17.89 -6.41 -13.69
CA SER A 3 -18.77 -7.35 -12.98
C SER A 3 -17.98 -8.57 -12.51
N GLY A 4 -17.95 -8.78 -11.20
CA GLY A 4 -17.23 -9.91 -10.65
C GLY A 4 -17.99 -11.22 -10.82
N SER A 5 -18.16 -11.94 -9.72
CA SER A 5 -18.87 -13.22 -9.75
C SER A 5 -20.30 -13.06 -9.25
N SER A 6 -21.23 -13.78 -9.87
CA SER A 6 -22.63 -13.72 -9.48
C SER A 6 -22.80 -13.96 -7.99
N GLY A 7 -22.33 -15.12 -7.52
CA GLY A 7 -22.44 -15.44 -6.12
C GLY A 7 -21.36 -14.79 -5.29
N LYS A 8 -21.19 -15.28 -4.06
CA LYS A 8 -20.18 -14.72 -3.15
C LYS A 8 -18.91 -14.35 -3.91
N PRO A 9 -18.19 -13.34 -3.41
CA PRO A 9 -16.95 -12.87 -4.03
C PRO A 9 -15.81 -13.88 -3.88
N ILE A 10 -15.06 -14.08 -4.96
CA ILE A 10 -13.94 -15.01 -4.95
C ILE A 10 -12.76 -14.45 -4.17
N PHE A 11 -12.46 -13.18 -4.41
CA PHE A 11 -11.35 -12.51 -3.73
C PHE A 11 -10.01 -13.09 -4.18
N THR A 12 -9.92 -13.41 -5.47
CA THR A 12 -8.69 -13.97 -6.03
C THR A 12 -7.46 -13.40 -5.35
N ASP A 13 -6.44 -14.23 -5.19
CA ASP A 13 -5.20 -13.82 -4.55
C ASP A 13 -4.41 -12.88 -5.46
N GLU A 14 -3.28 -12.38 -4.96
CA GLU A 14 -2.42 -11.49 -5.72
C GLU A 14 -2.08 -12.09 -7.08
N SER A 15 -2.75 -11.62 -8.13
CA SER A 15 -2.51 -12.12 -9.47
C SER A 15 -1.60 -11.16 -10.26
N TYR A 16 -1.76 -9.87 -10.01
CA TYR A 16 -0.97 -8.86 -10.69
C TYR A 16 0.33 -8.58 -9.93
N LEU A 17 0.81 -9.60 -9.22
CA LEU A 17 2.05 -9.47 -8.45
C LEU A 17 3.08 -8.63 -9.20
N GLU A 18 2.96 -8.61 -10.53
CA GLU A 18 3.88 -7.84 -11.35
C GLU A 18 4.25 -6.52 -10.68
N LEU A 19 3.23 -5.75 -10.31
CA LEU A 19 3.45 -4.46 -9.65
C LEU A 19 4.52 -4.57 -8.57
N TYR A 20 4.49 -5.68 -7.82
CA TYR A 20 5.46 -5.90 -6.75
C TYR A 20 6.88 -5.67 -7.24
N ARG A 21 7.16 -6.14 -8.46
CA ARG A 21 8.49 -5.99 -9.05
C ARG A 21 8.44 -5.06 -10.26
N LYS A 22 7.36 -4.29 -10.37
CA LYS A 22 7.19 -3.36 -11.48
C LYS A 22 7.73 -1.98 -11.12
N GLN A 23 7.41 -1.51 -9.92
CA GLN A 23 7.87 -0.21 -9.46
C GLN A 23 9.37 -0.21 -9.22
N LYS A 24 9.81 -0.91 -8.18
CA LYS A 24 11.22 -1.00 -7.85
C LYS A 24 11.55 -2.37 -7.26
N LYS A 25 12.81 -2.52 -6.83
CA LYS A 25 13.26 -3.77 -6.23
C LYS A 25 12.25 -4.29 -5.20
N HIS A 26 12.47 -5.50 -4.72
CA HIS A 26 11.57 -6.11 -3.73
C HIS A 26 11.27 -5.12 -2.61
N LEU A 27 10.36 -5.51 -1.72
CA LEU A 27 9.98 -4.66 -0.60
C LEU A 27 10.54 -5.21 0.71
N ASN A 28 10.65 -4.33 1.71
CA ASN A 28 11.18 -4.72 3.02
C ASN A 28 10.06 -5.27 3.90
N THR A 29 10.43 -5.62 5.13
CA THR A 29 9.46 -6.15 6.09
C THR A 29 8.28 -5.21 6.27
N GLN A 30 8.56 -4.01 6.78
CA GLN A 30 7.52 -3.01 6.99
C GLN A 30 6.71 -2.78 5.72
N GLN A 31 7.39 -2.39 4.65
CA GLN A 31 6.72 -2.14 3.38
C GLN A 31 5.66 -3.19 3.10
N LEU A 32 6.07 -4.45 3.08
CA LEU A 32 5.16 -5.56 2.82
C LEU A 32 3.92 -5.45 3.70
N THR A 33 4.11 -5.55 5.01
CA THR A 33 3.01 -5.46 5.96
C THR A 33 1.97 -4.45 5.50
N ALA A 34 2.44 -3.29 5.06
CA ALA A 34 1.54 -2.23 4.59
C ALA A 34 0.90 -2.60 3.26
N PHE A 35 1.72 -3.14 2.35
CA PHE A 35 1.24 -3.53 1.04
C PHE A 35 0.12 -4.57 1.15
N GLN A 36 0.37 -5.60 1.95
CA GLN A 36 -0.61 -6.66 2.16
C GLN A 36 -1.89 -6.11 2.76
N LEU A 37 -1.75 -5.25 3.77
CA LEU A 37 -2.90 -4.65 4.44
C LEU A 37 -3.77 -3.90 3.44
N LEU A 38 -3.14 -3.10 2.59
CA LEU A 38 -3.87 -2.33 1.59
C LEU A 38 -4.48 -3.24 0.53
N PHE A 39 -3.66 -4.13 -0.01
CA PHE A 39 -4.11 -5.06 -1.03
C PHE A 39 -5.46 -5.67 -0.64
N ALA A 40 -5.53 -6.22 0.57
CA ALA A 40 -6.76 -6.83 1.06
C ALA A 40 -7.88 -5.79 1.18
N TRP A 41 -7.57 -4.67 1.81
CA TRP A 41 -8.55 -3.60 2.00
C TRP A 41 -9.20 -3.22 0.67
N ARG A 42 -8.37 -2.89 -0.32
CA ARG A 42 -8.86 -2.51 -1.63
C ARG A 42 -9.83 -3.56 -2.18
N ASP A 43 -9.35 -4.80 -2.27
CA ASP A 43 -10.17 -5.90 -2.77
C ASP A 43 -11.46 -6.02 -1.98
N LYS A 44 -11.41 -5.69 -0.69
CA LYS A 44 -12.57 -5.76 0.18
C LYS A 44 -13.58 -4.68 -0.18
N THR A 45 -13.16 -3.41 -0.07
CA THR A 45 -14.03 -2.29 -0.38
C THR A 45 -14.58 -2.39 -1.80
N ALA A 46 -13.76 -2.94 -2.70
CA ALA A 46 -14.18 -3.10 -4.09
C ALA A 46 -15.62 -3.55 -4.19
N ARG A 47 -15.99 -4.51 -3.34
CA ARG A 47 -17.36 -5.03 -3.34
C ARG A 47 -18.34 -3.99 -2.81
N ARG A 48 -18.05 -3.46 -1.63
CA ARG A 48 -18.92 -2.45 -1.03
C ARG A 48 -19.27 -1.36 -2.03
N GLU A 49 -18.25 -0.79 -2.66
CA GLU A 49 -18.45 0.27 -3.63
C GLU A 49 -18.99 -0.29 -4.95
N ASP A 50 -18.64 -1.54 -5.22
CA ASP A 50 -19.09 -2.20 -6.45
C ASP A 50 -18.56 -1.48 -7.68
N GLU A 51 -17.27 -1.15 -7.66
CA GLU A 51 -16.63 -0.46 -8.77
C GLU A 51 -15.40 -1.22 -9.25
N SER A 52 -14.89 -0.83 -10.42
CA SER A 52 -13.72 -1.48 -11.00
C SER A 52 -12.52 -1.33 -10.07
N TYR A 53 -11.78 -2.42 -9.89
CA TYR A 53 -10.61 -2.43 -9.03
C TYR A 53 -9.80 -1.14 -9.21
N GLY A 54 -9.32 -0.92 -10.44
CA GLY A 54 -8.54 0.27 -10.72
C GLY A 54 -9.18 1.53 -10.17
N TYR A 55 -10.43 1.78 -10.58
CA TYR A 55 -11.16 2.96 -10.12
C TYR A 55 -10.97 3.17 -8.62
N VAL A 56 -11.09 2.08 -7.86
CA VAL A 56 -10.94 2.15 -6.41
C VAL A 56 -9.57 2.69 -6.02
N LEU A 57 -8.52 1.96 -6.40
CA LEU A 57 -7.15 2.36 -6.09
C LEU A 57 -6.16 1.71 -7.05
N PRO A 58 -5.44 2.54 -7.82
CA PRO A 58 -4.45 2.07 -8.78
C PRO A 58 -3.22 1.47 -8.11
N ASN A 59 -2.32 0.92 -8.92
CA ASN A 59 -1.10 0.30 -8.40
C ASN A 59 -0.12 1.38 -7.92
N HIS A 60 0.36 2.18 -8.86
CA HIS A 60 1.30 3.25 -8.54
C HIS A 60 0.95 3.91 -7.20
N MET A 61 -0.34 4.17 -7.01
CA MET A 61 -0.81 4.80 -5.78
C MET A 61 -0.64 3.86 -4.59
N MET A 62 -1.25 2.68 -4.68
CA MET A 62 -1.17 1.69 -3.61
C MET A 62 0.28 1.48 -3.18
N LEU A 63 1.14 1.15 -4.12
CA LEU A 63 2.55 0.92 -3.83
C LEU A 63 3.17 2.15 -3.18
N LYS A 64 3.02 3.30 -3.82
CA LYS A 64 3.57 4.55 -3.29
C LYS A 64 3.31 4.66 -1.79
N ILE A 65 2.07 4.44 -1.39
CA ILE A 65 1.69 4.52 0.01
C ILE A 65 2.33 3.39 0.82
N ALA A 66 2.05 2.16 0.43
CA ALA A 66 2.60 1.00 1.12
C ALA A 66 4.09 1.18 1.39
N GLU A 67 4.78 1.83 0.45
CA GLU A 67 6.21 2.07 0.59
C GLU A 67 6.48 3.33 1.41
N GLU A 68 5.62 4.32 1.25
CA GLU A 68 5.76 5.58 1.98
C GLU A 68 5.65 5.35 3.49
N LEU A 69 4.62 4.62 3.90
CA LEU A 69 4.39 4.33 5.31
C LEU A 69 4.12 5.61 6.09
N PRO A 70 3.16 6.40 5.60
CA PRO A 70 2.78 7.66 6.24
C PRO A 70 2.06 7.45 7.58
N LYS A 71 2.83 7.40 8.66
CA LYS A 71 2.27 7.20 9.99
C LYS A 71 0.99 8.02 10.18
N GLU A 72 0.92 9.15 9.47
CA GLU A 72 -0.24 10.03 9.57
C GLU A 72 -1.21 9.77 8.40
N PRO A 73 -2.49 10.08 8.63
CA PRO A 73 -3.53 9.89 7.61
C PRO A 73 -3.39 10.88 6.44
N GLN A 74 -2.65 11.95 6.68
CA GLN A 74 -2.45 12.97 5.65
C GLN A 74 -1.59 12.42 4.51
N GLY A 75 -0.51 11.73 4.87
CA GLY A 75 0.38 11.16 3.86
C GLY A 75 -0.37 10.31 2.86
N ILE A 76 -1.49 9.75 3.29
CA ILE A 76 -2.30 8.89 2.41
C ILE A 76 -3.19 9.74 1.49
N ILE A 77 -3.43 10.97 1.89
CA ILE A 77 -4.25 11.88 1.09
C ILE A 77 -3.40 12.72 0.15
N ALA A 78 -2.20 13.09 0.60
CA ALA A 78 -1.30 13.89 -0.20
C ALA A 78 -0.70 13.07 -1.34
N CYS A 79 -0.43 11.79 -1.07
CA CYS A 79 0.14 10.90 -2.06
C CYS A 79 -0.65 10.96 -3.37
N CYS A 80 -1.95 11.24 -3.25
CA CYS A 80 -2.83 11.33 -4.41
C CYS A 80 -3.11 12.78 -4.77
N ASN A 81 -3.13 13.09 -6.06
CA ASN A 81 -3.39 14.44 -6.53
C ASN A 81 -3.89 14.43 -7.97
N PRO A 82 -5.19 14.71 -8.14
CA PRO A 82 -6.09 15.01 -7.03
C PRO A 82 -6.37 13.79 -6.16
N VAL A 83 -7.20 13.98 -5.14
CA VAL A 83 -7.55 12.88 -4.23
C VAL A 83 -8.90 12.28 -4.59
N PRO A 84 -8.96 10.95 -4.64
CA PRO A 84 -10.19 10.22 -4.97
C PRO A 84 -11.24 10.33 -3.87
N PRO A 85 -12.52 10.13 -4.24
CA PRO A 85 -13.64 10.20 -3.31
C PRO A 85 -13.65 9.03 -2.34
N LEU A 86 -12.71 8.11 -2.51
CA LEU A 86 -12.61 6.95 -1.65
C LEU A 86 -11.54 7.15 -0.57
N VAL A 87 -10.29 7.13 -0.98
CA VAL A 87 -9.17 7.32 -0.06
C VAL A 87 -9.51 8.35 1.00
N ARG A 88 -10.25 9.38 0.60
CA ARG A 88 -10.65 10.44 1.53
C ARG A 88 -11.75 9.95 2.48
N GLN A 89 -12.69 9.20 1.94
CA GLN A 89 -13.80 8.68 2.73
C GLN A 89 -13.31 7.60 3.70
N GLN A 90 -12.63 6.60 3.16
CA GLN A 90 -12.11 5.51 3.98
C GLN A 90 -10.69 5.80 4.46
N ILE A 91 -10.34 7.09 4.47
CA ILE A 91 -9.01 7.50 4.90
C ILE A 91 -8.69 6.95 6.29
N ASN A 92 -9.69 6.95 7.18
CA ASN A 92 -9.51 6.45 8.53
C ASN A 92 -8.96 5.02 8.51
N GLU A 93 -9.58 4.17 7.71
CA GLU A 93 -9.16 2.78 7.61
C GLU A 93 -7.72 2.68 7.09
N MET A 94 -7.48 3.28 5.93
CA MET A 94 -6.15 3.27 5.33
C MET A 94 -5.08 3.66 6.34
N HIS A 95 -5.28 4.81 6.98
CA HIS A 95 -4.34 5.29 7.99
C HIS A 95 -4.04 4.21 9.01
N LEU A 96 -5.08 3.61 9.56
CA LEU A 96 -4.93 2.56 10.55
C LEU A 96 -3.96 1.48 10.08
N LEU A 97 -4.11 1.08 8.82
CA LEU A 97 -3.25 0.06 8.23
C LEU A 97 -1.78 0.48 8.30
N ILE A 98 -1.49 1.68 7.78
CA ILE A 98 -0.13 2.20 7.79
C ILE A 98 0.49 2.12 9.18
N GLN A 99 -0.33 2.39 10.21
CA GLN A 99 0.14 2.35 11.58
C GLN A 99 0.43 0.91 12.02
N GLN A 100 -0.36 -0.03 11.48
CA GLN A 100 -0.19 -1.44 11.81
C GLN A 100 1.07 -2.00 11.18
N ALA A 101 1.52 -1.38 10.09
CA ALA A 101 2.72 -1.81 9.40
C ALA A 101 3.97 -1.18 10.00
N ARG A 102 3.80 0.01 10.58
CA ARG A 102 4.91 0.72 11.20
C ARG A 102 5.11 0.27 12.64
N GLU A 103 4.01 0.11 13.37
CA GLU A 103 4.07 -0.31 14.76
C GLU A 103 5.19 -1.33 14.98
N MET A 104 5.31 -2.26 14.04
CA MET A 104 6.35 -3.30 14.13
C MET A 104 7.68 -2.77 13.61
N PRO A 105 8.78 -3.18 14.26
CA PRO A 105 10.13 -2.77 13.88
C PRO A 105 10.57 -3.38 12.55
N LEU A 106 11.83 -3.16 12.20
CA LEU A 106 12.38 -3.69 10.95
C LEU A 106 13.47 -4.73 11.23
N LEU A 107 13.29 -5.93 10.70
CA LEU A 107 14.25 -7.00 10.90
C LEU A 107 15.23 -7.08 9.73
N LYS A 108 16.36 -6.40 9.87
CA LYS A 108 17.37 -6.40 8.82
C LYS A 108 18.78 -6.40 9.42
N SER A 109 19.77 -6.67 8.60
CA SER A 109 21.16 -6.71 9.05
C SER A 109 21.45 -5.55 9.99
N GLU A 110 22.27 -5.81 11.02
CA GLU A 110 22.63 -4.79 11.99
C GLU A 110 23.10 -3.51 11.30
N VAL A 111 23.01 -2.40 12.01
CA VAL A 111 23.42 -1.11 11.47
C VAL A 111 23.48 -0.04 12.56
N ALA A 112 24.46 0.85 12.46
CA ALA A 112 24.62 1.92 13.44
C ALA A 112 23.34 2.75 13.56
N ALA A 113 22.54 2.45 14.58
CA ALA A 113 21.29 3.17 14.80
C ALA A 113 20.75 2.89 16.20
N GLY A 114 20.32 3.95 16.89
CA GLY A 114 19.78 3.79 18.23
C GLY A 114 18.34 3.32 18.22
N VAL A 115 18.14 2.02 18.36
CA VAL A 115 16.79 1.45 18.38
C VAL A 115 16.50 0.77 19.70
N LYS A 116 15.32 1.01 20.25
CA LYS A 116 14.91 0.41 21.50
C LYS A 116 13.40 0.26 21.57
N LYS A 117 12.92 -0.43 22.60
CA LYS A 117 11.48 -0.65 22.79
C LYS A 117 11.04 -0.18 24.16
N SER A 118 9.72 -0.17 24.38
CA SER A 118 9.17 0.26 25.65
C SER A 118 8.55 -0.92 26.41
N SER A 119 8.24 -0.70 27.68
CA SER A 119 7.66 -1.75 28.51
C SER A 119 6.51 -1.20 29.35
N GLY A 120 5.53 -2.05 29.64
CA GLY A 120 4.39 -1.63 30.44
C GLY A 120 4.41 -2.21 31.83
N PRO A 121 4.35 -1.34 32.85
CA PRO A 121 4.36 -1.75 34.25
C PRO A 121 3.07 -2.45 34.66
N SER A 122 2.94 -2.74 35.95
CA SER A 122 1.75 -3.41 36.47
C SER A 122 1.29 -2.78 37.77
N SER A 123 0.11 -3.18 38.24
CA SER A 123 -0.45 -2.65 39.47
C SER A 123 0.38 -3.07 40.68
N GLY A 124 0.45 -4.39 40.90
CA GLY A 124 1.21 -4.90 42.02
C GLY A 124 0.44 -5.95 42.81
N GLY A 1 -20.16 -5.93 -35.64
CA GLY A 1 -19.53 -5.05 -34.68
C GLY A 1 -19.78 -5.48 -33.25
N SER A 2 -19.37 -6.69 -32.91
CA SER A 2 -19.56 -7.21 -31.55
C SER A 2 -18.24 -7.25 -30.79
N SER A 3 -17.90 -6.12 -30.17
CA SER A 3 -16.66 -6.02 -29.40
C SER A 3 -16.72 -4.83 -28.45
N GLY A 4 -15.90 -4.89 -27.40
CA GLY A 4 -15.86 -3.81 -26.42
C GLY A 4 -15.61 -4.31 -25.02
N SER A 5 -14.74 -3.60 -24.30
CA SER A 5 -14.40 -3.99 -22.93
C SER A 5 -14.19 -2.75 -22.06
N SER A 6 -14.48 -2.88 -20.77
CA SER A 6 -14.32 -1.79 -19.83
C SER A 6 -12.90 -1.73 -19.29
N GLY A 7 -12.45 -2.81 -18.68
CA GLY A 7 -11.11 -2.86 -18.13
C GLY A 7 -10.70 -4.27 -17.74
N LYS A 8 -9.59 -4.38 -17.01
CA LYS A 8 -9.09 -5.67 -16.56
C LYS A 8 -8.99 -5.72 -15.05
N PRO A 9 -9.39 -6.88 -14.46
CA PRO A 9 -9.36 -7.08 -13.01
C PRO A 9 -7.94 -7.18 -12.47
N ILE A 10 -7.79 -7.04 -11.16
CA ILE A 10 -6.49 -7.11 -10.52
C ILE A 10 -6.44 -8.25 -9.51
N PHE A 11 -7.56 -8.48 -8.83
CA PHE A 11 -7.64 -9.55 -7.83
C PHE A 11 -7.97 -10.89 -8.49
N THR A 12 -8.73 -10.83 -9.57
CA THR A 12 -9.12 -12.03 -10.30
C THR A 12 -7.91 -12.89 -10.64
N ASP A 13 -6.88 -12.26 -11.18
CA ASP A 13 -5.66 -12.96 -11.55
C ASP A 13 -5.33 -14.06 -10.53
N GLU A 14 -5.04 -15.25 -11.03
CA GLU A 14 -4.72 -16.39 -10.17
C GLU A 14 -3.28 -16.29 -9.66
N SER A 15 -2.50 -15.42 -10.29
CA SER A 15 -1.10 -15.24 -9.91
C SER A 15 -0.92 -13.97 -9.07
N TYR A 16 -0.20 -14.10 -7.96
CA TYR A 16 0.04 -12.98 -7.07
C TYR A 16 1.52 -12.57 -7.09
N LEU A 17 2.39 -13.54 -6.86
CA LEU A 17 3.83 -13.29 -6.85
C LEU A 17 4.21 -12.29 -7.95
N GLU A 18 3.72 -12.54 -9.15
CA GLU A 18 4.02 -11.67 -10.29
C GLU A 18 3.87 -10.20 -9.90
N LEU A 19 2.71 -9.85 -9.36
CA LEU A 19 2.44 -8.49 -8.94
C LEU A 19 3.55 -7.95 -8.05
N TYR A 20 3.93 -8.73 -7.04
CA TYR A 20 4.99 -8.34 -6.12
C TYR A 20 6.30 -8.12 -6.86
N ARG A 21 6.83 -9.19 -7.44
CA ARG A 21 8.08 -9.12 -8.18
C ARG A 21 7.83 -8.67 -9.62
N LYS A 22 7.08 -7.59 -9.78
CA LYS A 22 6.78 -7.05 -11.10
C LYS A 22 7.89 -6.12 -11.59
N GLN A 23 8.16 -5.08 -10.80
CA GLN A 23 9.20 -4.12 -11.14
C GLN A 23 10.45 -4.34 -10.30
N LYS A 24 11.62 -4.15 -10.91
CA LYS A 24 12.89 -4.33 -10.22
C LYS A 24 12.79 -3.84 -8.79
N LYS A 25 11.92 -2.86 -8.55
CA LYS A 25 11.74 -2.31 -7.21
C LYS A 25 11.18 -3.36 -6.26
N HIS A 26 11.96 -3.69 -5.23
CA HIS A 26 11.53 -4.68 -4.25
C HIS A 26 11.10 -4.00 -2.96
N LEU A 27 10.05 -4.55 -2.33
CA LEU A 27 9.53 -4.00 -1.09
C LEU A 27 10.27 -4.57 0.11
N ASN A 28 10.30 -3.81 1.20
CA ASN A 28 10.98 -4.25 2.41
C ASN A 28 10.00 -4.91 3.38
N THR A 29 10.48 -5.30 4.55
CA THR A 29 9.65 -5.93 5.56
C THR A 29 8.40 -5.10 5.85
N GLN A 30 8.61 -3.92 6.41
CA GLN A 30 7.50 -3.02 6.73
C GLN A 30 6.64 -2.75 5.50
N GLN A 31 7.26 -2.18 4.47
CA GLN A 31 6.56 -1.85 3.24
C GLN A 31 5.62 -3.00 2.83
N LEU A 32 6.20 -4.18 2.64
CA LEU A 32 5.41 -5.35 2.25
C LEU A 32 4.19 -5.51 3.14
N THR A 33 4.38 -5.35 4.45
CA THR A 33 3.30 -5.47 5.40
C THR A 33 2.13 -4.56 5.05
N ALA A 34 2.45 -3.31 4.75
CA ALA A 34 1.42 -2.33 4.39
C ALA A 34 0.75 -2.71 3.07
N PHE A 35 1.54 -3.12 2.09
CA PHE A 35 1.02 -3.51 0.79
C PHE A 35 -0.07 -4.56 0.93
N GLN A 36 0.18 -5.55 1.78
CA GLN A 36 -0.78 -6.63 2.02
C GLN A 36 -2.05 -6.09 2.65
N LEU A 37 -1.90 -5.32 3.73
CA LEU A 37 -3.04 -4.74 4.43
C LEU A 37 -3.91 -3.94 3.47
N LEU A 38 -3.29 -3.11 2.65
CA LEU A 38 -4.01 -2.29 1.69
C LEU A 38 -4.77 -3.17 0.70
N PHE A 39 -4.09 -4.16 0.14
CA PHE A 39 -4.70 -5.07 -0.82
C PHE A 39 -6.04 -5.57 -0.31
N ALA A 40 -6.02 -6.25 0.84
CA ALA A 40 -7.24 -6.79 1.43
C ALA A 40 -8.31 -5.71 1.53
N TRP A 41 -7.94 -4.55 2.06
CA TRP A 41 -8.87 -3.44 2.21
C TRP A 41 -9.46 -3.04 0.87
N ARG A 42 -8.62 -2.99 -0.15
CA ARG A 42 -9.06 -2.61 -1.50
C ARG A 42 -10.24 -3.49 -1.95
N ASP A 43 -10.05 -4.80 -1.90
CA ASP A 43 -11.08 -5.74 -2.30
C ASP A 43 -12.35 -5.52 -1.49
N LYS A 44 -12.18 -5.23 -0.20
CA LYS A 44 -13.32 -5.01 0.69
C LYS A 44 -14.19 -3.86 0.18
N THR A 45 -13.56 -2.73 -0.09
CA THR A 45 -14.28 -1.56 -0.59
C THR A 45 -14.67 -1.73 -2.05
N ALA A 46 -13.97 -2.62 -2.74
CA ALA A 46 -14.25 -2.88 -4.15
C ALA A 46 -15.49 -3.75 -4.31
N ARG A 47 -15.61 -4.77 -3.46
CA ARG A 47 -16.76 -5.67 -3.52
C ARG A 47 -18.02 -4.97 -3.03
N ARG A 48 -17.87 -4.08 -2.07
CA ARG A 48 -18.99 -3.34 -1.52
C ARG A 48 -19.45 -2.24 -2.47
N GLU A 49 -18.49 -1.47 -2.98
CA GLU A 49 -18.79 -0.39 -3.91
C GLU A 49 -19.02 -0.93 -5.32
N ASP A 50 -18.76 -2.22 -5.51
CA ASP A 50 -18.95 -2.86 -6.81
C ASP A 50 -18.44 -1.95 -7.93
N GLU A 51 -17.21 -1.48 -7.80
CA GLU A 51 -16.61 -0.61 -8.81
C GLU A 51 -15.29 -1.18 -9.31
N SER A 52 -14.74 -0.57 -10.36
CA SER A 52 -13.49 -1.02 -10.94
C SER A 52 -12.36 -0.97 -9.92
N TYR A 53 -11.61 -2.06 -9.82
CA TYR A 53 -10.50 -2.14 -8.88
C TYR A 53 -9.55 -0.97 -9.06
N GLY A 54 -9.00 -0.84 -10.26
CA GLY A 54 -8.08 0.26 -10.54
C GLY A 54 -8.65 1.60 -10.16
N TYR A 55 -9.93 1.80 -10.40
CA TYR A 55 -10.60 3.05 -10.09
C TYR A 55 -10.44 3.39 -8.61
N VAL A 56 -10.61 2.39 -7.76
CA VAL A 56 -10.48 2.57 -6.32
C VAL A 56 -9.09 3.05 -5.94
N LEU A 57 -8.13 2.13 -5.98
CA LEU A 57 -6.75 2.45 -5.64
C LEU A 57 -5.77 1.72 -6.56
N PRO A 58 -5.13 2.48 -7.46
CA PRO A 58 -4.16 1.93 -8.41
C PRO A 58 -2.87 1.46 -7.74
N ASN A 59 -2.28 0.40 -8.28
CA ASN A 59 -1.04 -0.14 -7.73
C ASN A 59 -0.03 0.96 -7.46
N HIS A 60 0.38 1.66 -8.51
CA HIS A 60 1.35 2.75 -8.39
C HIS A 60 1.11 3.54 -7.11
N MET A 61 -0.13 3.98 -6.91
CA MET A 61 -0.48 4.75 -5.72
C MET A 61 -0.35 3.89 -4.46
N MET A 62 -0.99 2.73 -4.47
CA MET A 62 -0.95 1.82 -3.33
C MET A 62 0.48 1.62 -2.86
N LEU A 63 1.31 1.06 -3.74
CA LEU A 63 2.72 0.81 -3.40
C LEU A 63 3.36 2.06 -2.79
N LYS A 64 3.31 3.16 -3.51
CA LYS A 64 3.89 4.41 -3.03
C LYS A 64 3.53 4.66 -1.57
N ILE A 65 2.28 4.40 -1.22
CA ILE A 65 1.82 4.59 0.14
C ILE A 65 2.39 3.53 1.07
N ALA A 66 2.11 2.27 0.76
CA ALA A 66 2.61 1.15 1.56
C ALA A 66 4.10 1.29 1.84
N GLU A 67 4.81 1.92 0.91
CA GLU A 67 6.25 2.12 1.05
C GLU A 67 6.54 3.35 1.91
N GLU A 68 5.69 4.37 1.78
CA GLU A 68 5.86 5.60 2.53
C GLU A 68 5.61 5.37 4.02
N LEU A 69 4.47 4.79 4.34
CA LEU A 69 4.11 4.50 5.73
C LEU A 69 4.02 5.80 6.53
N PRO A 70 3.22 6.76 6.04
CA PRO A 70 3.02 8.04 6.70
C PRO A 70 2.22 7.91 7.99
N LYS A 71 2.90 8.06 9.11
CA LYS A 71 2.24 7.97 10.41
C LYS A 71 0.86 8.61 10.38
N GLU A 72 0.80 9.87 9.95
CA GLU A 72 -0.46 10.59 9.88
C GLU A 72 -1.22 10.22 8.60
N PRO A 73 -2.55 10.40 8.63
CA PRO A 73 -3.41 10.09 7.49
C PRO A 73 -3.21 11.07 6.32
N GLN A 74 -2.49 12.15 6.60
CA GLN A 74 -2.22 13.16 5.57
C GLN A 74 -1.36 12.59 4.46
N GLY A 75 -0.36 11.81 4.83
CA GLY A 75 0.52 11.21 3.84
C GLY A 75 -0.22 10.35 2.85
N ILE A 76 -1.33 9.76 3.29
CA ILE A 76 -2.13 8.90 2.43
C ILE A 76 -2.99 9.73 1.48
N ILE A 77 -3.24 10.97 1.84
CA ILE A 77 -4.05 11.87 1.02
C ILE A 77 -3.19 12.58 -0.02
N ALA A 78 -2.00 12.99 0.40
CA ALA A 78 -1.08 13.69 -0.50
C ALA A 78 -0.64 12.77 -1.64
N CYS A 79 -0.35 11.52 -1.31
CA CYS A 79 0.09 10.55 -2.31
C CYS A 79 -0.77 10.65 -3.57
N CYS A 80 -2.03 11.02 -3.40
CA CYS A 80 -2.94 11.15 -4.53
C CYS A 80 -3.20 12.62 -4.86
N ASN A 81 -3.37 12.92 -6.14
CA ASN A 81 -3.62 14.28 -6.58
C ASN A 81 -4.12 14.30 -8.02
N PRO A 82 -5.42 14.61 -8.20
CA PRO A 82 -6.32 14.90 -7.07
C PRO A 82 -6.61 13.67 -6.23
N VAL A 83 -7.35 13.87 -5.14
CA VAL A 83 -7.70 12.77 -4.24
C VAL A 83 -9.10 12.25 -4.55
N PRO A 84 -9.23 10.92 -4.64
CA PRO A 84 -10.50 10.25 -4.93
C PRO A 84 -11.50 10.37 -3.77
N PRO A 85 -12.78 10.22 -4.08
CA PRO A 85 -13.86 10.30 -3.09
C PRO A 85 -13.85 9.12 -2.12
N LEU A 86 -12.96 8.16 -2.37
CA LEU A 86 -12.84 6.99 -1.51
C LEU A 86 -11.72 7.16 -0.50
N VAL A 87 -10.49 7.06 -0.97
CA VAL A 87 -9.33 7.21 -0.10
C VAL A 87 -9.56 8.29 0.95
N ARG A 88 -10.28 9.34 0.56
CA ARG A 88 -10.57 10.44 1.46
C ARG A 88 -11.62 10.03 2.50
N GLN A 89 -12.65 9.33 2.03
CA GLN A 89 -13.73 8.88 2.92
C GLN A 89 -13.24 7.79 3.85
N GLN A 90 -12.67 6.73 3.26
CA GLN A 90 -12.17 5.61 4.04
C GLN A 90 -10.72 5.85 4.48
N ILE A 91 -10.33 7.11 4.50
CA ILE A 91 -8.97 7.48 4.89
C ILE A 91 -8.63 6.92 6.27
N ASN A 92 -9.60 6.98 7.17
CA ASN A 92 -9.40 6.47 8.53
C ASN A 92 -8.90 5.03 8.50
N GLU A 93 -9.54 4.21 7.68
CA GLU A 93 -9.15 2.80 7.56
C GLU A 93 -7.74 2.66 7.02
N MET A 94 -7.49 3.27 5.87
CA MET A 94 -6.17 3.22 5.24
C MET A 94 -5.09 3.59 6.24
N HIS A 95 -5.26 4.73 6.92
CA HIS A 95 -4.30 5.20 7.90
C HIS A 95 -3.97 4.11 8.90
N LEU A 96 -5.01 3.55 9.52
CA LEU A 96 -4.84 2.49 10.51
C LEU A 96 -3.89 1.41 10.00
N LEU A 97 -4.15 0.94 8.79
CA LEU A 97 -3.31 -0.09 8.17
C LEU A 97 -1.85 0.32 8.17
N ILE A 98 -1.56 1.48 7.61
CA ILE A 98 -0.19 2.00 7.55
C ILE A 98 0.50 1.86 8.90
N GLN A 99 -0.20 2.24 9.97
CA GLN A 99 0.36 2.17 11.31
C GLN A 99 0.62 0.72 11.70
N GLN A 100 -0.25 -0.18 11.27
CA GLN A 100 -0.11 -1.60 11.57
C GLN A 100 1.07 -2.20 10.82
N ALA A 101 1.47 -1.55 9.75
CA ALA A 101 2.59 -2.02 8.94
C ALA A 101 3.90 -1.38 9.38
N ARG A 102 3.81 -0.11 9.79
CA ARG A 102 4.99 0.62 10.23
C ARG A 102 5.33 0.29 11.69
N GLU A 103 4.28 0.17 12.51
CA GLU A 103 4.46 -0.14 13.92
C GLU A 103 5.41 -1.31 14.11
N MET A 104 5.20 -2.37 13.33
CA MET A 104 6.04 -3.55 13.40
C MET A 104 7.46 -3.25 12.95
N PRO A 105 8.44 -3.91 13.59
CA PRO A 105 9.86 -3.72 13.26
C PRO A 105 10.23 -4.29 11.89
N LEU A 106 11.49 -4.14 11.52
CA LEU A 106 11.97 -4.63 10.23
C LEU A 106 12.70 -5.96 10.40
N LEU A 107 12.00 -7.05 10.09
CA LEU A 107 12.59 -8.39 10.21
C LEU A 107 13.61 -8.64 9.10
N LYS A 108 14.82 -8.15 9.30
CA LYS A 108 15.90 -8.32 8.33
C LYS A 108 17.25 -8.03 8.95
N SER A 109 18.32 -8.31 8.20
CA SER A 109 19.67 -8.08 8.69
C SER A 109 20.27 -6.83 8.04
N GLU A 110 19.47 -5.79 7.94
CA GLU A 110 19.92 -4.54 7.34
C GLU A 110 19.93 -3.41 8.38
N VAL A 111 20.61 -2.32 8.05
CA VAL A 111 20.68 -1.17 8.95
C VAL A 111 21.40 -0.01 8.28
N ALA A 112 20.97 1.21 8.60
CA ALA A 112 21.57 2.42 8.04
C ALA A 112 21.32 2.50 6.53
N ALA A 113 20.10 2.16 6.12
CA ALA A 113 19.73 2.20 4.72
C ALA A 113 19.01 3.50 4.38
N GLY A 114 19.78 4.53 4.05
CA GLY A 114 19.21 5.82 3.71
C GLY A 114 18.73 6.58 4.93
N VAL A 115 18.11 7.73 4.70
CA VAL A 115 17.60 8.56 5.80
C VAL A 115 16.09 8.66 5.74
N LYS A 116 15.46 8.70 6.91
CA LYS A 116 14.01 8.79 7.01
C LYS A 116 13.57 10.24 7.16
N LYS A 117 14.21 11.13 6.41
CA LYS A 117 13.87 12.56 6.45
C LYS A 117 13.46 13.06 5.08
N SER A 118 12.57 14.06 5.07
CA SER A 118 12.09 14.64 3.82
C SER A 118 12.16 16.16 3.86
N SER A 119 12.65 16.75 2.78
CA SER A 119 12.78 18.20 2.69
C SER A 119 13.13 18.63 1.27
N GLY A 120 13.22 19.95 1.06
CA GLY A 120 13.54 20.46 -0.25
C GLY A 120 14.93 20.06 -0.71
N PRO A 121 15.41 20.68 -1.80
CA PRO A 121 16.73 20.41 -2.36
C PRO A 121 17.86 20.90 -1.46
N SER A 122 18.88 20.07 -1.31
CA SER A 122 20.03 20.42 -0.47
C SER A 122 21.13 19.37 -0.57
N SER A 123 22.25 19.62 0.09
CA SER A 123 23.38 18.70 0.07
C SER A 123 22.91 17.28 0.36
N GLY A 124 23.56 16.30 -0.30
CA GLY A 124 23.20 14.92 -0.10
C GLY A 124 23.84 14.32 1.13
N GLY A 1 -2.60 -8.24 -22.68
CA GLY A 1 -1.63 -7.22 -22.36
C GLY A 1 -1.28 -7.19 -20.89
N SER A 2 -2.17 -6.61 -20.08
CA SER A 2 -1.94 -6.52 -18.64
C SER A 2 -3.25 -6.25 -17.91
N SER A 3 -3.44 -6.96 -16.80
CA SER A 3 -4.65 -6.79 -15.99
C SER A 3 -5.91 -7.04 -16.84
N GLY A 4 -5.84 -8.08 -17.68
CA GLY A 4 -6.97 -8.41 -18.54
C GLY A 4 -8.13 -9.00 -17.76
N SER A 5 -8.99 -9.74 -18.46
CA SER A 5 -10.14 -10.37 -17.83
C SER A 5 -10.22 -11.85 -18.18
N SER A 6 -9.99 -12.69 -17.18
CA SER A 6 -10.02 -14.14 -17.37
C SER A 6 -10.39 -14.86 -16.08
N GLY A 7 -11.54 -15.52 -16.08
CA GLY A 7 -11.98 -16.23 -14.90
C GLY A 7 -12.53 -15.31 -13.83
N LYS A 8 -12.22 -15.63 -12.57
CA LYS A 8 -12.68 -14.81 -11.45
C LYS A 8 -11.64 -14.80 -10.33
N PRO A 9 -11.46 -13.64 -9.69
CA PRO A 9 -10.51 -13.47 -8.60
C PRO A 9 -10.95 -14.20 -7.33
N ILE A 10 -9.97 -14.69 -6.57
CA ILE A 10 -10.26 -15.41 -5.33
C ILE A 10 -9.79 -14.62 -4.12
N PHE A 11 -10.66 -13.74 -3.62
CA PHE A 11 -10.34 -12.91 -2.45
C PHE A 11 -9.68 -13.76 -1.36
N THR A 12 -10.35 -14.84 -0.98
CA THR A 12 -9.83 -15.72 0.06
C THR A 12 -8.32 -15.89 -0.06
N ASP A 13 -7.88 -16.36 -1.23
CA ASP A 13 -6.45 -16.56 -1.46
C ASP A 13 -5.62 -15.42 -0.89
N GLU A 14 -4.81 -15.73 0.11
CA GLU A 14 -3.98 -14.72 0.76
C GLU A 14 -2.61 -14.65 0.10
N SER A 15 -2.59 -14.72 -1.23
CA SER A 15 -1.34 -14.68 -1.99
C SER A 15 -1.06 -13.25 -2.46
N TYR A 16 0.07 -12.71 -1.99
CA TYR A 16 0.47 -11.35 -2.35
C TYR A 16 1.93 -11.30 -2.76
N LEU A 17 2.37 -12.32 -3.51
CA LEU A 17 3.75 -12.39 -3.97
C LEU A 17 3.91 -11.77 -5.34
N GLU A 18 3.05 -12.18 -6.28
CA GLU A 18 3.10 -11.67 -7.64
C GLU A 18 3.49 -10.19 -7.64
N LEU A 19 2.75 -9.39 -6.89
CA LEU A 19 3.01 -7.95 -6.80
C LEU A 19 4.48 -7.68 -6.48
N TYR A 20 4.95 -8.25 -5.38
CA TYR A 20 6.32 -8.08 -4.95
C TYR A 20 7.28 -8.20 -6.14
N ARG A 21 7.26 -9.36 -6.79
CA ARG A 21 8.13 -9.60 -7.94
C ARG A 21 7.43 -9.18 -9.23
N LYS A 22 6.76 -8.05 -9.19
CA LYS A 22 6.06 -7.52 -10.35
C LYS A 22 6.91 -6.47 -11.06
N GLN A 23 7.41 -5.51 -10.30
CA GLN A 23 8.24 -4.44 -10.87
C GLN A 23 9.70 -4.65 -10.51
N LYS A 24 10.04 -4.43 -9.25
CA LYS A 24 11.41 -4.59 -8.78
C LYS A 24 11.44 -4.85 -7.28
N LYS A 25 12.54 -5.45 -6.81
CA LYS A 25 12.70 -5.76 -5.40
C LYS A 25 13.16 -4.53 -4.61
N HIS A 26 12.20 -3.69 -4.23
CA HIS A 26 12.51 -2.47 -3.48
C HIS A 26 12.07 -2.60 -2.03
N LEU A 27 10.98 -3.34 -1.82
CA LEU A 27 10.43 -3.53 -0.48
C LEU A 27 11.32 -4.50 0.32
N ASN A 28 11.29 -4.36 1.64
CA ASN A 28 12.08 -5.22 2.52
C ASN A 28 11.19 -6.01 3.46
N THR A 29 10.61 -5.33 4.44
CA THR A 29 9.73 -5.97 5.41
C THR A 29 8.46 -5.14 5.63
N GLN A 30 8.62 -4.00 6.30
CA GLN A 30 7.49 -3.12 6.59
C GLN A 30 6.72 -2.79 5.32
N GLN A 31 7.40 -2.11 4.39
CA GLN A 31 6.77 -1.74 3.12
C GLN A 31 5.83 -2.84 2.62
N LEU A 32 6.27 -4.08 2.72
CA LEU A 32 5.48 -5.22 2.29
C LEU A 32 4.24 -5.39 3.17
N THR A 33 4.45 -5.38 4.48
CA THR A 33 3.36 -5.52 5.43
C THR A 33 2.22 -4.56 5.12
N ALA A 34 2.57 -3.29 4.90
CA ALA A 34 1.57 -2.27 4.59
C ALA A 34 0.90 -2.56 3.26
N PHE A 35 1.71 -2.82 2.24
CA PHE A 35 1.19 -3.10 0.90
C PHE A 35 0.12 -4.19 0.95
N GLN A 36 0.37 -5.22 1.76
CA GLN A 36 -0.58 -6.31 1.90
C GLN A 36 -1.89 -5.84 2.50
N LEU A 37 -1.81 -5.16 3.64
CA LEU A 37 -2.99 -4.65 4.32
C LEU A 37 -3.83 -3.81 3.38
N LEU A 38 -3.18 -2.93 2.62
CA LEU A 38 -3.87 -2.07 1.67
C LEU A 38 -4.59 -2.89 0.61
N PHE A 39 -3.86 -3.79 -0.04
CA PHE A 39 -4.43 -4.64 -1.07
C PHE A 39 -5.77 -5.22 -0.62
N ALA A 40 -5.77 -5.84 0.56
CA ALA A 40 -6.99 -6.43 1.11
C ALA A 40 -8.09 -5.39 1.26
N TRP A 41 -7.77 -4.27 1.90
CA TRP A 41 -8.73 -3.20 2.10
C TRP A 41 -9.39 -2.80 0.78
N ARG A 42 -8.57 -2.65 -0.25
CA ARG A 42 -9.06 -2.27 -1.57
C ARG A 42 -10.07 -3.29 -2.10
N ASP A 43 -9.68 -4.55 -2.06
CA ASP A 43 -10.54 -5.63 -2.53
C ASP A 43 -11.84 -5.68 -1.73
N LYS A 44 -11.72 -5.53 -0.42
CA LYS A 44 -12.88 -5.55 0.47
C LYS A 44 -13.88 -4.48 0.08
N THR A 45 -13.47 -3.22 0.17
CA THR A 45 -14.35 -2.11 -0.19
C THR A 45 -14.80 -2.19 -1.64
N ALA A 46 -13.87 -2.54 -2.52
CA ALA A 46 -14.18 -2.67 -3.94
C ALA A 46 -15.60 -3.16 -4.15
N ARG A 47 -15.94 -4.29 -3.52
CA ARG A 47 -17.26 -4.86 -3.64
C ARG A 47 -18.34 -3.86 -3.24
N ARG A 48 -18.17 -3.26 -2.06
CA ARG A 48 -19.13 -2.28 -1.56
C ARG A 48 -19.28 -1.12 -2.53
N GLU A 49 -18.16 -0.67 -3.07
CA GLU A 49 -18.16 0.44 -4.03
C GLU A 49 -18.76 0.01 -5.36
N ASP A 50 -18.58 -1.27 -5.71
CA ASP A 50 -19.10 -1.80 -6.95
C ASP A 50 -18.40 -1.17 -8.15
N GLU A 51 -17.09 -0.99 -8.04
CA GLU A 51 -16.30 -0.39 -9.12
C GLU A 51 -15.04 -1.20 -9.39
N SER A 52 -14.39 -0.91 -10.50
CA SER A 52 -13.17 -1.62 -10.88
C SER A 52 -12.09 -1.45 -9.82
N TYR A 53 -11.20 -2.43 -9.72
CA TYR A 53 -10.12 -2.38 -8.75
C TYR A 53 -9.27 -1.13 -8.92
N GLY A 54 -8.68 -0.99 -10.10
CA GLY A 54 -7.85 0.16 -10.39
C GLY A 54 -8.49 1.46 -9.97
N TYR A 55 -9.80 1.57 -10.18
CA TYR A 55 -10.54 2.78 -9.82
C TYR A 55 -10.39 3.08 -8.34
N VAL A 56 -10.62 2.08 -7.51
CA VAL A 56 -10.51 2.24 -6.06
C VAL A 56 -9.08 2.61 -5.65
N LEU A 57 -8.13 1.73 -5.96
CA LEU A 57 -6.74 1.97 -5.63
C LEU A 57 -5.82 1.18 -6.57
N PRO A 58 -5.19 1.90 -7.51
CA PRO A 58 -4.28 1.29 -8.48
C PRO A 58 -2.97 0.83 -7.84
N ASN A 59 -2.10 0.24 -8.65
CA ASN A 59 -0.82 -0.26 -8.16
C ASN A 59 0.10 0.89 -7.77
N HIS A 60 0.30 1.82 -8.70
CA HIS A 60 1.16 2.98 -8.45
C HIS A 60 0.80 3.63 -7.11
N MET A 61 -0.49 3.88 -6.91
CA MET A 61 -0.96 4.51 -5.68
C MET A 61 -0.70 3.60 -4.48
N MET A 62 -1.27 2.41 -4.50
CA MET A 62 -1.10 1.45 -3.41
C MET A 62 0.37 1.37 -2.99
N LEU A 63 1.25 1.26 -3.97
CA LEU A 63 2.69 1.17 -3.69
C LEU A 63 3.19 2.45 -3.03
N LYS A 64 3.17 3.55 -3.77
CA LYS A 64 3.62 4.84 -3.26
C LYS A 64 3.29 4.97 -1.77
N ILE A 65 2.13 4.46 -1.39
CA ILE A 65 1.69 4.53 0.00
C ILE A 65 2.39 3.47 0.84
N ALA A 66 2.28 2.21 0.42
CA ALA A 66 2.90 1.10 1.12
C ALA A 66 4.37 1.39 1.41
N GLU A 67 5.03 2.03 0.46
CA GLU A 67 6.45 2.36 0.60
C GLU A 67 6.64 3.58 1.50
N GLU A 68 5.76 4.56 1.34
CA GLU A 68 5.82 5.78 2.13
C GLU A 68 5.64 5.48 3.61
N LEU A 69 4.55 4.78 3.94
CA LEU A 69 4.25 4.43 5.32
C LEU A 69 4.02 5.67 6.16
N PRO A 70 3.13 6.55 5.70
CA PRO A 70 2.80 7.79 6.39
C PRO A 70 2.03 7.54 7.70
N LYS A 71 2.69 7.79 8.82
CA LYS A 71 2.06 7.59 10.12
C LYS A 71 0.73 8.32 10.21
N GLU A 72 0.71 9.55 9.70
CA GLU A 72 -0.52 10.35 9.71
C GLU A 72 -1.39 10.05 8.50
N PRO A 73 -2.68 10.35 8.61
CA PRO A 73 -3.65 10.12 7.53
C PRO A 73 -3.43 11.05 6.35
N GLN A 74 -2.71 12.15 6.59
CA GLN A 74 -2.44 13.13 5.54
C GLN A 74 -1.58 12.50 4.43
N GLY A 75 -0.51 11.83 4.81
CA GLY A 75 0.36 11.20 3.84
C GLY A 75 -0.40 10.33 2.86
N ILE A 76 -1.52 9.77 3.31
CA ILE A 76 -2.34 8.92 2.47
C ILE A 76 -3.23 9.73 1.54
N ILE A 77 -3.53 10.96 1.95
CA ILE A 77 -4.36 11.86 1.15
C ILE A 77 -3.56 12.51 0.05
N ALA A 78 -2.32 12.87 0.36
CA ALA A 78 -1.44 13.52 -0.62
C ALA A 78 -0.98 12.53 -1.68
N CYS A 79 -0.61 11.33 -1.24
CA CYS A 79 -0.15 10.28 -2.15
C CYS A 79 -1.01 10.25 -3.42
N CYS A 80 -2.24 10.74 -3.30
CA CYS A 80 -3.16 10.76 -4.43
C CYS A 80 -3.49 12.19 -4.83
N ASN A 81 -3.43 12.47 -6.13
CA ASN A 81 -3.72 13.80 -6.64
C ASN A 81 -4.21 13.73 -8.08
N PRO A 82 -5.50 14.06 -8.28
CA PRO A 82 -6.39 14.45 -7.20
C PRO A 82 -6.73 13.29 -6.28
N VAL A 83 -7.44 13.58 -5.18
CA VAL A 83 -7.82 12.56 -4.22
C VAL A 83 -9.22 12.02 -4.52
N PRO A 84 -9.33 10.69 -4.62
CA PRO A 84 -10.60 10.01 -4.91
C PRO A 84 -11.58 10.11 -3.74
N PRO A 85 -12.87 9.88 -4.03
CA PRO A 85 -13.93 9.93 -3.01
C PRO A 85 -13.84 8.78 -2.02
N LEU A 86 -12.87 7.90 -2.23
CA LEU A 86 -12.68 6.74 -1.35
C LEU A 86 -11.57 7.01 -0.34
N VAL A 87 -10.34 7.18 -0.84
CA VAL A 87 -9.19 7.44 0.02
C VAL A 87 -9.54 8.44 1.11
N ARG A 88 -10.29 9.48 0.73
CA ARG A 88 -10.69 10.51 1.69
C ARG A 88 -11.81 10.00 2.61
N GLN A 89 -12.76 9.29 2.02
CA GLN A 89 -13.88 8.74 2.78
C GLN A 89 -13.39 7.76 3.84
N GLN A 90 -12.71 6.72 3.41
CA GLN A 90 -12.18 5.71 4.32
C GLN A 90 -10.73 6.01 4.70
N ILE A 91 -10.40 7.30 4.74
CA ILE A 91 -9.05 7.72 5.09
C ILE A 91 -8.63 7.16 6.45
N ASN A 92 -9.56 7.16 7.39
CA ASN A 92 -9.29 6.65 8.73
C ASN A 92 -8.78 5.21 8.67
N GLU A 93 -9.47 4.37 7.90
CA GLU A 93 -9.08 2.97 7.77
C GLU A 93 -7.66 2.85 7.19
N MET A 94 -7.40 3.57 6.11
CA MET A 94 -6.09 3.55 5.47
C MET A 94 -5.00 3.86 6.47
N HIS A 95 -5.16 4.96 7.21
CA HIS A 95 -4.18 5.36 8.21
C HIS A 95 -3.88 4.21 9.18
N LEU A 96 -4.93 3.57 9.66
CA LEU A 96 -4.78 2.46 10.60
C LEU A 96 -3.85 1.39 10.02
N LEU A 97 -4.06 1.04 8.77
CA LEU A 97 -3.25 0.03 8.10
C LEU A 97 -1.77 0.42 8.14
N ILE A 98 -1.48 1.66 7.78
CA ILE A 98 -0.11 2.16 7.78
C ILE A 98 0.53 2.00 9.15
N GLN A 99 -0.25 2.22 10.20
CA GLN A 99 0.24 2.10 11.57
C GLN A 99 0.47 0.64 11.93
N GLN A 100 -0.31 -0.25 11.34
CA GLN A 100 -0.19 -1.68 11.59
C GLN A 100 1.08 -2.25 10.97
N ALA A 101 1.47 -1.68 9.84
CA ALA A 101 2.68 -2.13 9.14
C ALA A 101 3.93 -1.46 9.73
N ARG A 102 3.74 -0.29 10.31
CA ARG A 102 4.85 0.45 10.90
C ARG A 102 5.11 -0.02 12.33
N GLU A 103 4.04 -0.18 13.10
CA GLU A 103 4.17 -0.63 14.49
C GLU A 103 5.05 -1.86 14.58
N MET A 104 4.89 -2.78 13.64
CA MET A 104 5.68 -4.00 13.61
C MET A 104 7.13 -3.71 13.25
N PRO A 105 8.06 -4.43 13.88
CA PRO A 105 9.49 -4.27 13.64
C PRO A 105 9.91 -4.77 12.26
N LEU A 106 10.99 -4.21 11.73
CA LEU A 106 11.49 -4.61 10.42
C LEU A 106 12.06 -6.03 10.45
N LEU A 107 12.22 -6.63 9.28
CA LEU A 107 12.75 -7.98 9.17
C LEU A 107 12.30 -8.84 10.35
N LYS A 108 11.00 -8.82 10.62
CA LYS A 108 10.43 -9.60 11.71
C LYS A 108 11.21 -10.91 11.91
N SER A 109 11.30 -11.70 10.84
CA SER A 109 12.00 -12.97 10.90
C SER A 109 13.51 -12.75 10.94
N GLU A 110 14.14 -13.24 12.01
CA GLU A 110 15.58 -13.11 12.17
C GLU A 110 16.33 -14.29 11.57
N VAL A 111 16.83 -14.11 10.35
CA VAL A 111 17.55 -15.17 9.66
C VAL A 111 19.03 -14.81 9.49
N ALA A 112 19.33 -13.52 9.63
CA ALA A 112 20.69 -13.04 9.49
C ALA A 112 20.82 -11.59 9.93
N ALA A 113 21.51 -11.36 11.05
CA ALA A 113 21.70 -10.02 11.58
C ALA A 113 22.41 -9.12 10.56
N GLY A 114 21.63 -8.33 9.84
CA GLY A 114 22.20 -7.44 8.84
C GLY A 114 22.93 -6.28 9.47
N VAL A 115 24.01 -5.84 8.82
CA VAL A 115 24.79 -4.72 9.32
C VAL A 115 24.65 -3.50 8.41
N LYS A 116 24.51 -2.32 9.03
CA LYS A 116 24.37 -1.09 8.27
C LYS A 116 25.67 -0.29 8.29
N LYS A 117 25.77 0.70 7.40
CA LYS A 117 26.95 1.54 7.32
C LYS A 117 26.89 2.68 8.33
N SER A 118 28.05 3.09 8.82
CA SER A 118 28.11 4.18 9.80
C SER A 118 29.27 5.12 9.49
N SER A 119 29.11 6.39 9.86
CA SER A 119 30.14 7.39 9.61
C SER A 119 29.79 8.71 10.28
N GLY A 120 30.73 9.65 10.26
CA GLY A 120 30.50 10.94 10.87
C GLY A 120 31.47 11.24 12.00
N PRO A 121 32.60 11.87 11.64
CA PRO A 121 33.65 12.21 12.61
C PRO A 121 33.21 13.33 13.56
N SER A 122 32.86 12.97 14.79
CA SER A 122 32.42 13.93 15.78
C SER A 122 32.35 13.29 17.17
N SER A 123 32.41 14.12 18.20
CA SER A 123 32.35 13.63 19.58
C SER A 123 31.06 12.85 19.82
N GLY A 124 31.20 11.67 20.39
CA GLY A 124 30.04 10.83 20.67
C GLY A 124 29.86 10.58 22.16
N GLY A 1 -9.96 8.07 -21.89
CA GLY A 1 -10.91 6.98 -22.07
C GLY A 1 -10.83 5.96 -20.96
N SER A 2 -10.62 4.69 -21.34
CA SER A 2 -10.54 3.61 -20.36
C SER A 2 -9.88 2.39 -20.97
N SER A 3 -8.76 1.96 -20.38
CA SER A 3 -8.03 0.80 -20.87
C SER A 3 -8.65 -0.49 -20.34
N GLY A 4 -8.25 -1.61 -20.94
CA GLY A 4 -8.78 -2.90 -20.51
C GLY A 4 -7.91 -4.05 -20.96
N SER A 5 -8.25 -5.26 -20.52
CA SER A 5 -7.50 -6.45 -20.87
C SER A 5 -8.41 -7.65 -21.05
N SER A 6 -8.01 -8.58 -21.90
CA SER A 6 -8.80 -9.78 -22.17
C SER A 6 -9.41 -10.32 -20.87
N GLY A 7 -10.61 -10.89 -20.98
CA GLY A 7 -11.29 -11.43 -19.82
C GLY A 7 -11.26 -10.48 -18.64
N LYS A 8 -11.04 -11.02 -17.45
CA LYS A 8 -10.99 -10.22 -16.24
C LYS A 8 -9.90 -10.70 -15.29
N PRO A 9 -9.08 -9.76 -14.80
CA PRO A 9 -7.98 -10.08 -13.88
C PRO A 9 -8.48 -10.49 -12.50
N ILE A 10 -8.53 -11.79 -12.26
CA ILE A 10 -8.99 -12.32 -10.98
C ILE A 10 -8.17 -11.75 -9.83
N PHE A 11 -8.86 -11.34 -8.77
CA PHE A 11 -8.21 -10.77 -7.60
C PHE A 11 -7.60 -11.87 -6.73
N THR A 12 -8.37 -12.94 -6.53
CA THR A 12 -7.92 -14.06 -5.71
C THR A 12 -6.98 -14.97 -6.50
N ASP A 13 -5.70 -14.61 -6.53
CA ASP A 13 -4.71 -15.40 -7.26
C ASP A 13 -4.12 -16.49 -6.35
N GLU A 14 -3.45 -17.46 -6.96
CA GLU A 14 -2.85 -18.55 -6.22
C GLU A 14 -1.46 -18.18 -5.74
N SER A 15 -0.97 -17.02 -6.18
CA SER A 15 0.36 -16.55 -5.80
C SER A 15 0.52 -15.06 -6.11
N TYR A 16 0.49 -14.25 -5.06
CA TYR A 16 0.63 -12.80 -5.22
C TYR A 16 2.07 -12.37 -4.99
N LEU A 17 3.01 -13.28 -5.25
CA LEU A 17 4.42 -12.98 -5.08
C LEU A 17 4.98 -12.21 -6.26
N GLU A 18 4.67 -12.68 -7.46
CA GLU A 18 5.13 -12.04 -8.69
C GLU A 18 4.99 -10.52 -8.58
N LEU A 19 3.85 -10.07 -8.08
CA LEU A 19 3.59 -8.64 -7.92
C LEU A 19 4.64 -8.00 -7.03
N TYR A 20 4.88 -8.60 -5.86
CA TYR A 20 5.86 -8.09 -4.91
C TYR A 20 7.23 -7.95 -5.56
N ARG A 21 7.70 -9.02 -6.18
CA ARG A 21 9.00 -9.02 -6.84
C ARG A 21 8.86 -8.66 -8.32
N LYS A 22 8.26 -7.50 -8.59
CA LYS A 22 8.07 -7.04 -9.95
C LYS A 22 9.32 -6.33 -10.47
N GLN A 23 10.48 -6.74 -9.96
CA GLN A 23 11.74 -6.15 -10.38
C GLN A 23 11.64 -4.63 -10.48
N LYS A 24 11.12 -4.01 -9.42
CA LYS A 24 10.96 -2.57 -9.38
C LYS A 24 10.51 -2.11 -8.00
N LYS A 25 11.26 -1.19 -7.41
CA LYS A 25 10.93 -0.67 -6.09
C LYS A 25 10.81 -1.79 -5.07
N HIS A 26 11.85 -2.62 -4.97
CA HIS A 26 11.85 -3.73 -4.03
C HIS A 26 11.36 -3.29 -2.66
N LEU A 27 10.25 -3.87 -2.21
CA LEU A 27 9.67 -3.55 -0.92
C LEU A 27 10.40 -4.27 0.21
N ASN A 28 10.38 -3.68 1.39
CA ASN A 28 11.04 -4.28 2.55
C ASN A 28 10.02 -4.93 3.48
N THR A 29 10.49 -5.42 4.62
CA THR A 29 9.62 -6.07 5.59
C THR A 29 8.39 -5.23 5.87
N GLN A 30 8.59 -4.05 6.46
CA GLN A 30 7.49 -3.16 6.77
C GLN A 30 6.62 -2.90 5.55
N GLN A 31 7.20 -2.23 4.55
CA GLN A 31 6.48 -1.92 3.33
C GLN A 31 5.61 -3.09 2.90
N LEU A 32 6.19 -4.28 2.84
CA LEU A 32 5.47 -5.48 2.45
C LEU A 32 4.20 -5.65 3.28
N THR A 33 4.35 -5.55 4.60
CA THR A 33 3.23 -5.69 5.51
C THR A 33 2.09 -4.76 5.12
N ALA A 34 2.41 -3.49 4.90
CA ALA A 34 1.42 -2.49 4.51
C ALA A 34 0.79 -2.83 3.16
N PHE A 35 1.63 -3.14 2.18
CA PHE A 35 1.17 -3.48 0.85
C PHE A 35 0.05 -4.51 0.90
N GLN A 36 0.24 -5.54 1.72
CA GLN A 36 -0.75 -6.60 1.86
C GLN A 36 -2.02 -6.06 2.50
N LEU A 37 -1.88 -5.31 3.58
CA LEU A 37 -3.01 -4.73 4.28
C LEU A 37 -3.88 -3.91 3.32
N LEU A 38 -3.24 -3.06 2.54
CA LEU A 38 -3.95 -2.22 1.58
C LEU A 38 -4.65 -3.07 0.52
N PHE A 39 -3.89 -3.90 -0.17
CA PHE A 39 -4.44 -4.78 -1.20
C PHE A 39 -5.80 -5.33 -0.77
N ALA A 40 -5.81 -6.04 0.37
CA ALA A 40 -7.03 -6.63 0.89
C ALA A 40 -8.13 -5.58 1.03
N TRP A 41 -7.80 -4.48 1.70
CA TRP A 41 -8.76 -3.40 1.91
C TRP A 41 -9.36 -2.93 0.58
N ARG A 42 -8.51 -2.82 -0.43
CA ARG A 42 -8.95 -2.38 -1.75
C ARG A 42 -10.06 -3.28 -2.28
N ASP A 43 -9.80 -4.59 -2.29
CA ASP A 43 -10.77 -5.56 -2.77
C ASP A 43 -12.06 -5.48 -1.95
N LYS A 44 -11.91 -5.32 -0.64
CA LYS A 44 -13.06 -5.23 0.25
C LYS A 44 -13.94 -4.03 -0.10
N THR A 45 -13.39 -2.84 0.07
CA THR A 45 -14.12 -1.61 -0.24
C THR A 45 -14.56 -1.57 -1.69
N ALA A 46 -13.71 -2.08 -2.58
CA ALA A 46 -14.02 -2.12 -4.01
C ALA A 46 -15.33 -2.85 -4.26
N ARG A 47 -15.38 -4.12 -3.86
CA ARG A 47 -16.58 -4.93 -4.05
C ARG A 47 -17.79 -4.27 -3.42
N ARG A 48 -17.62 -3.78 -2.20
CA ARG A 48 -18.71 -3.12 -1.48
C ARG A 48 -19.15 -1.85 -2.20
N GLU A 49 -18.23 -1.25 -2.95
CA GLU A 49 -18.52 -0.03 -3.69
C GLU A 49 -18.89 -0.34 -5.14
N ASP A 50 -19.28 -1.60 -5.38
CA ASP A 50 -19.66 -2.03 -6.71
C ASP A 50 -18.79 -1.35 -7.78
N GLU A 51 -17.53 -1.12 -7.44
CA GLU A 51 -16.60 -0.48 -8.36
C GLU A 51 -15.40 -1.39 -8.65
N SER A 52 -14.70 -1.09 -9.73
CA SER A 52 -13.53 -1.87 -10.13
C SER A 52 -12.39 -1.69 -9.14
N TYR A 53 -11.58 -2.73 -8.98
CA TYR A 53 -10.44 -2.69 -8.06
C TYR A 53 -9.53 -1.51 -8.40
N GLY A 54 -8.98 -1.52 -9.61
CA GLY A 54 -8.09 -0.46 -10.03
C GLY A 54 -8.60 0.92 -9.61
N TYR A 55 -9.77 1.29 -10.11
CA TYR A 55 -10.36 2.58 -9.80
C TYR A 55 -10.06 2.98 -8.35
N VAL A 56 -10.54 2.16 -7.41
CA VAL A 56 -10.32 2.42 -5.99
C VAL A 56 -8.90 2.86 -5.72
N LEU A 57 -7.95 1.95 -5.92
CA LEU A 57 -6.54 2.24 -5.69
C LEU A 57 -5.66 1.44 -6.63
N PRO A 58 -5.06 2.12 -7.62
CA PRO A 58 -4.17 1.48 -8.60
C PRO A 58 -2.85 1.02 -7.99
N ASN A 59 -1.95 0.54 -8.82
CA ASN A 59 -0.64 0.07 -8.37
C ASN A 59 0.24 1.25 -7.96
N HIS A 60 0.64 2.04 -8.95
CA HIS A 60 1.49 3.19 -8.69
C HIS A 60 1.14 3.85 -7.36
N MET A 61 -0.14 4.04 -7.12
CA MET A 61 -0.61 4.65 -5.88
C MET A 61 -0.35 3.74 -4.68
N MET A 62 -1.01 2.60 -4.67
CA MET A 62 -0.85 1.64 -3.59
C MET A 62 0.60 1.54 -3.15
N LEU A 63 1.45 1.10 -4.06
CA LEU A 63 2.88 0.96 -3.77
C LEU A 63 3.43 2.23 -3.13
N LYS A 64 3.31 3.34 -3.84
CA LYS A 64 3.79 4.62 -3.34
C LYS A 64 3.47 4.78 -1.86
N ILE A 65 2.21 4.56 -1.50
CA ILE A 65 1.77 4.67 -0.12
C ILE A 65 2.43 3.61 0.76
N ALA A 66 2.25 2.35 0.38
CA ALA A 66 2.84 1.24 1.13
C ALA A 66 4.31 1.48 1.41
N GLU A 67 4.98 2.18 0.49
CA GLU A 67 6.40 2.48 0.64
C GLU A 67 6.61 3.69 1.55
N GLU A 68 5.78 4.71 1.35
CA GLU A 68 5.87 5.93 2.15
C GLU A 68 5.66 5.63 3.63
N LEU A 69 4.71 4.74 3.93
CA LEU A 69 4.41 4.38 5.30
C LEU A 69 4.11 5.60 6.15
N PRO A 70 3.16 6.43 5.68
CA PRO A 70 2.76 7.66 6.37
C PRO A 70 2.00 7.37 7.66
N LYS A 71 2.69 7.51 8.80
CA LYS A 71 2.08 7.26 10.10
C LYS A 71 0.79 8.06 10.25
N GLU A 72 0.74 9.21 9.61
CA GLU A 72 -0.45 10.07 9.68
C GLU A 72 -1.35 9.85 8.47
N PRO A 73 -2.63 10.19 8.62
CA PRO A 73 -3.62 10.04 7.55
C PRO A 73 -3.39 11.03 6.40
N GLN A 74 -2.70 12.12 6.69
CA GLN A 74 -2.41 13.14 5.69
C GLN A 74 -1.50 12.57 4.61
N GLY A 75 -0.53 11.76 5.02
CA GLY A 75 0.40 11.17 4.06
C GLY A 75 -0.30 10.31 3.04
N ILE A 76 -1.52 9.88 3.35
CA ILE A 76 -2.29 9.04 2.44
C ILE A 76 -3.10 9.88 1.47
N ILE A 77 -3.30 11.16 1.82
CA ILE A 77 -4.05 12.07 0.97
C ILE A 77 -3.15 12.81 0.00
N ALA A 78 -1.93 13.12 0.45
CA ALA A 78 -0.97 13.83 -0.38
C ALA A 78 -0.55 12.97 -1.57
N CYS A 79 -0.32 11.69 -1.32
CA CYS A 79 0.08 10.76 -2.38
C CYS A 79 -0.84 10.88 -3.59
N CYS A 80 -2.14 10.92 -3.33
CA CYS A 80 -3.13 11.03 -4.39
C CYS A 80 -3.35 12.48 -4.79
N ASN A 81 -3.46 12.72 -6.09
CA ASN A 81 -3.68 14.07 -6.59
C ASN A 81 -4.20 14.04 -8.03
N PRO A 82 -5.49 14.36 -8.20
CA PRO A 82 -6.36 14.72 -7.08
C PRO A 82 -6.68 13.53 -6.17
N VAL A 83 -7.42 13.79 -5.10
CA VAL A 83 -7.78 12.74 -4.15
C VAL A 83 -9.14 12.14 -4.50
N PRO A 84 -9.20 10.79 -4.53
CA PRO A 84 -10.43 10.07 -4.85
C PRO A 84 -11.47 10.19 -3.75
N PRO A 85 -12.74 9.92 -4.10
CA PRO A 85 -13.86 9.99 -3.16
C PRO A 85 -13.81 8.87 -2.12
N LEU A 86 -12.87 7.95 -2.29
CA LEU A 86 -12.71 6.83 -1.36
C LEU A 86 -11.62 7.14 -0.33
N VAL A 87 -10.37 7.15 -0.77
CA VAL A 87 -9.25 7.43 0.11
C VAL A 87 -9.63 8.45 1.18
N ARG A 88 -10.46 9.42 0.80
CA ARG A 88 -10.90 10.45 1.73
C ARG A 88 -11.99 9.93 2.65
N GLN A 89 -13.00 9.28 2.07
CA GLN A 89 -14.10 8.73 2.85
C GLN A 89 -13.60 7.70 3.85
N GLN A 90 -12.80 6.75 3.38
CA GLN A 90 -12.26 5.70 4.24
C GLN A 90 -10.83 6.04 4.67
N ILE A 91 -10.49 7.32 4.60
CA ILE A 91 -9.15 7.77 4.98
C ILE A 91 -8.75 7.22 6.34
N ASN A 92 -9.72 7.13 7.24
CA ASN A 92 -9.47 6.61 8.59
C ASN A 92 -8.93 5.18 8.52
N GLU A 93 -9.63 4.32 7.79
CA GLU A 93 -9.21 2.93 7.65
C GLU A 93 -7.80 2.83 7.09
N MET A 94 -7.55 3.52 5.98
CA MET A 94 -6.24 3.51 5.35
C MET A 94 -5.15 3.84 6.36
N HIS A 95 -5.31 4.96 7.07
CA HIS A 95 -4.34 5.37 8.07
C HIS A 95 -4.02 4.24 9.03
N LEU A 96 -5.07 3.58 9.53
CA LEU A 96 -4.89 2.47 10.46
C LEU A 96 -3.95 1.41 9.89
N LEU A 97 -4.20 1.02 8.64
CA LEU A 97 -3.37 0.03 7.98
C LEU A 97 -1.89 0.41 8.03
N ILE A 98 -1.59 1.64 7.59
CA ILE A 98 -0.23 2.13 7.59
C ILE A 98 0.41 1.99 8.97
N GLN A 99 -0.36 2.30 10.01
CA GLN A 99 0.13 2.20 11.38
C GLN A 99 0.36 0.74 11.78
N GLN A 100 -0.45 -0.15 11.22
CA GLN A 100 -0.33 -1.57 11.52
C GLN A 100 0.95 -2.14 10.92
N ALA A 101 1.38 -1.58 9.80
CA ALA A 101 2.60 -2.03 9.14
C ALA A 101 3.83 -1.32 9.69
N ARG A 102 3.60 -0.20 10.37
CA ARG A 102 4.69 0.58 10.94
C ARG A 102 4.89 0.23 12.41
N GLU A 103 3.83 -0.23 13.05
CA GLU A 103 3.88 -0.60 14.47
C GLU A 103 5.01 -1.61 14.71
N MET A 104 5.14 -2.57 13.81
CA MET A 104 6.18 -3.59 13.92
C MET A 104 7.52 -3.07 13.44
N PRO A 105 8.61 -3.47 14.12
CA PRO A 105 9.97 -3.05 13.78
C PRO A 105 10.44 -3.67 12.46
N LEU A 106 11.71 -3.43 12.13
CA LEU A 106 12.29 -3.97 10.90
C LEU A 106 13.27 -5.09 11.21
N LEU A 107 12.83 -6.33 10.99
CA LEU A 107 13.67 -7.49 11.24
C LEU A 107 15.06 -7.29 10.66
N LYS A 108 15.13 -6.85 9.41
CA LYS A 108 16.40 -6.61 8.74
C LYS A 108 17.28 -5.68 9.57
N SER A 109 16.77 -4.49 9.84
CA SER A 109 17.52 -3.50 10.62
C SER A 109 17.48 -3.85 12.11
N GLU A 110 18.32 -3.18 12.89
CA GLU A 110 18.38 -3.42 14.32
C GLU A 110 18.09 -2.13 15.10
N VAL A 111 16.80 -1.83 15.27
CA VAL A 111 16.39 -0.63 15.99
C VAL A 111 14.88 -0.60 16.18
N ALA A 112 14.43 0.08 17.23
CA ALA A 112 13.01 0.18 17.52
C ALA A 112 12.58 1.64 17.66
N ALA A 113 12.33 2.29 16.52
CA ALA A 113 11.92 3.69 16.51
C ALA A 113 10.45 3.83 16.93
N GLY A 114 10.21 4.63 17.96
CA GLY A 114 8.86 4.84 18.44
C GLY A 114 8.21 3.55 18.91
N VAL A 115 8.03 3.42 20.21
CA VAL A 115 7.41 2.23 20.79
C VAL A 115 6.15 2.58 21.55
N LYS A 116 5.06 2.82 20.82
CA LYS A 116 3.78 3.17 21.43
C LYS A 116 2.64 2.50 20.69
N LYS A 117 1.41 2.73 21.16
CA LYS A 117 0.23 2.15 20.54
C LYS A 117 -0.64 3.24 19.91
N SER A 118 -1.36 2.88 18.85
CA SER A 118 -2.21 3.82 18.15
C SER A 118 -3.69 3.55 18.47
N SER A 119 -4.17 2.36 18.08
CA SER A 119 -5.55 1.98 18.32
C SER A 119 -5.64 0.94 19.43
N GLY A 120 -6.42 1.24 20.46
CA GLY A 120 -6.59 0.31 21.56
C GLY A 120 -7.55 -0.81 21.25
N PRO A 121 -8.86 -0.54 21.39
CA PRO A 121 -9.90 -1.52 21.11
C PRO A 121 -10.03 -1.85 19.62
N SER A 122 -9.68 -3.08 19.26
CA SER A 122 -9.75 -3.51 17.87
C SER A 122 -10.49 -4.84 17.75
N SER A 123 -11.76 -4.77 17.35
CA SER A 123 -12.57 -5.95 17.19
C SER A 123 -12.56 -6.44 15.75
N GLY A 124 -12.99 -7.68 15.55
CA GLY A 124 -13.02 -8.25 14.21
C GLY A 124 -13.22 -9.75 14.22
#